data_7V2J
# 
_entry.id   7V2J 
# 
_audit_conform.dict_name       mmcif_pdbx.dic 
_audit_conform.dict_version    5.380 
_audit_conform.dict_location   http://mmcif.pdb.org/dictionaries/ascii/mmcif_pdbx.dic 
# 
loop_
_database_2.database_id 
_database_2.database_code 
_database_2.pdbx_database_accession 
_database_2.pdbx_DOI 
PDB   7V2J         pdb_00007v2j 10.2210/pdb7v2j/pdb 
WWPDB D_1300023838 ?            ?                   
# 
_pdbx_database_status.status_code                     REL 
_pdbx_database_status.status_code_sf                  REL 
_pdbx_database_status.status_code_mr                  ? 
_pdbx_database_status.entry_id                        7V2J 
_pdbx_database_status.recvd_initial_deposition_date   2021-08-09 
_pdbx_database_status.SG_entry                        N 
_pdbx_database_status.deposit_site                    PDBJ 
_pdbx_database_status.process_site                    PDBJ 
_pdbx_database_status.status_code_cs                  ? 
_pdbx_database_status.status_code_nmr_data            ? 
_pdbx_database_status.methods_development_category    ? 
_pdbx_database_status.pdb_format_compatible           Y 
# 
loop_
_audit_author.name 
_audit_author.pdbx_ordinal 
_audit_author.identifier_ORCID 
'Zhang, M.' 1 ? 
'Wang, C.'  2 ? 
'Zhang, C.' 3 ? 
'Zhang, Y.' 4 ? 
'Xu, Y.'    5 ? 
# 
_citation.abstract                  ? 
_citation.abstract_id_CAS           ? 
_citation.book_id_ISBN              ? 
_citation.book_publisher            ? 
_citation.book_publisher_city       ? 
_citation.book_title                ? 
_citation.coordinate_linkage        ? 
_citation.country                   CN 
_citation.database_id_Medline       ? 
_citation.details                   ? 
_citation.id                        primary 
_citation.journal_abbrev            'Acta Pharmacol.Sin.' 
_citation.journal_id_ASTM           ? 
_citation.journal_id_CSD            ? 
_citation.journal_id_ISSN           1745-7254 
_citation.journal_full              ? 
_citation.journal_issue             ? 
_citation.journal_volume            43 
_citation.language                  ? 
_citation.page_first                2735 
_citation.page_last                 2748 
_citation.title                     
;Design, synthesis and pharmacological characterization of N-(3-ethylbenzo[d]isoxazol-5-yl) sulfonamide derivatives as BRD4 inhibitors against acute myeloid leukemia.
;
_citation.year                      2022 
_citation.database_id_CSD           ? 
_citation.pdbx_database_id_DOI      10.1038/s41401-022-00881-y 
_citation.pdbx_database_id_PubMed   35264812 
_citation.pdbx_database_id_patent   ? 
_citation.unpublished_flag          ? 
# 
loop_
_citation_author.citation_id 
_citation_author.name 
_citation_author.ordinal 
_citation_author.identifier_ORCID 
primary 'Zhang, M.F.' 1 ? 
primary 'Luo, X.Y.'   2 ? 
primary 'Zhang, C.'   3 ? 
primary 'Wang, C.'    4 ? 
primary 'Wu, X.S.'    5 ? 
primary 'Xiang, Q.P.' 6 ? 
primary 'Xu, Y.'      7 ? 
primary 'Zhang, Y.'   8 ? 
# 
_cell.angle_alpha                  90.000 
_cell.angle_alpha_esd              ? 
_cell.angle_beta                   90.000 
_cell.angle_beta_esd               ? 
_cell.angle_gamma                  90.000 
_cell.angle_gamma_esd              ? 
_cell.entry_id                     7V2J 
_cell.details                      ? 
_cell.formula_units_Z              ? 
_cell.length_a                     34.215 
_cell.length_a_esd                 ? 
_cell.length_b                     47.347 
_cell.length_b_esd                 ? 
_cell.length_c                     77.977 
_cell.length_c_esd                 ? 
_cell.volume                       ? 
_cell.volume_esd                   ? 
_cell.Z_PDB                        4 
_cell.reciprocal_angle_alpha       ? 
_cell.reciprocal_angle_beta        ? 
_cell.reciprocal_angle_gamma       ? 
_cell.reciprocal_angle_alpha_esd   ? 
_cell.reciprocal_angle_beta_esd    ? 
_cell.reciprocal_angle_gamma_esd   ? 
_cell.reciprocal_length_a          ? 
_cell.reciprocal_length_b          ? 
_cell.reciprocal_length_c          ? 
_cell.reciprocal_length_a_esd      ? 
_cell.reciprocal_length_b_esd      ? 
_cell.reciprocal_length_c_esd      ? 
_cell.pdbx_unique_axis             ? 
# 
_symmetry.entry_id                         7V2J 
_symmetry.cell_setting                     ? 
_symmetry.Int_Tables_number                19 
_symmetry.space_group_name_Hall            ? 
_symmetry.space_group_name_H-M             'P 21 21 21' 
_symmetry.pdbx_full_space_group_name_H-M   ? 
# 
loop_
_entity.id 
_entity.type 
_entity.src_method 
_entity.pdbx_description 
_entity.formula_weight 
_entity.pdbx_number_of_molecules 
_entity.pdbx_ec 
_entity.pdbx_mutation 
_entity.pdbx_fragment 
_entity.details 
1 polymer     man 'Bromodomain-containing protein 4'                                          16767.326 1  ? ? ? 
'sequence from 28-43 are tags.' 
2 non-polymer syn '~{N}-(3-ethyl-6-methoxy-1,2-benzoxazol-5-yl)-4-methoxy-benzenesulfonamide' 362.400   1  ? ? ? ? 
3 water       nat water                                                                       18.015    31 ? ? ? ? 
# 
_entity_name_com.entity_id   1 
_entity_name_com.name        'Protein HUNK1' 
# 
_entity_poly.entity_id                      1 
_entity_poly.type                           'polypeptide(L)' 
_entity_poly.nstd_linkage                   no 
_entity_poly.nstd_monomer                   no 
_entity_poly.pdbx_seq_one_letter_code       
;MKKGHHHHHHLVPRGSNPPPPETSNPNKPKRQTNQLQYLLRVVLKTLWKHQFAWPFQQPVDAVKLNLPDYYKIIKTPMDM
GTIKKRLENNYYWNAQECIQDFNTMFTNCYIYNKPGDDIVLMAEALEKLFLQKINELPTEE
;
_entity_poly.pdbx_seq_one_letter_code_can   
;MKKGHHHHHHLVPRGSNPPPPETSNPNKPKRQTNQLQYLLRVVLKTLWKHQFAWPFQQPVDAVKLNLPDYYKIIKTPMDM
GTIKKRLENNYYWNAQECIQDFNTMFTNCYIYNKPGDDIVLMAEALEKLFLQKINELPTEE
;
_entity_poly.pdbx_strand_id                 A 
_entity_poly.pdbx_target_identifier         ? 
# 
loop_
_entity_poly_seq.entity_id 
_entity_poly_seq.num 
_entity_poly_seq.mon_id 
_entity_poly_seq.hetero 
1 1   MET n 
1 2   LYS n 
1 3   LYS n 
1 4   GLY n 
1 5   HIS n 
1 6   HIS n 
1 7   HIS n 
1 8   HIS n 
1 9   HIS n 
1 10  HIS n 
1 11  LEU n 
1 12  VAL n 
1 13  PRO n 
1 14  ARG n 
1 15  GLY n 
1 16  SER n 
1 17  ASN n 
1 18  PRO n 
1 19  PRO n 
1 20  PRO n 
1 21  PRO n 
1 22  GLU n 
1 23  THR n 
1 24  SER n 
1 25  ASN n 
1 26  PRO n 
1 27  ASN n 
1 28  LYS n 
1 29  PRO n 
1 30  LYS n 
1 31  ARG n 
1 32  GLN n 
1 33  THR n 
1 34  ASN n 
1 35  GLN n 
1 36  LEU n 
1 37  GLN n 
1 38  TYR n 
1 39  LEU n 
1 40  LEU n 
1 41  ARG n 
1 42  VAL n 
1 43  VAL n 
1 44  LEU n 
1 45  LYS n 
1 46  THR n 
1 47  LEU n 
1 48  TRP n 
1 49  LYS n 
1 50  HIS n 
1 51  GLN n 
1 52  PHE n 
1 53  ALA n 
1 54  TRP n 
1 55  PRO n 
1 56  PHE n 
1 57  GLN n 
1 58  GLN n 
1 59  PRO n 
1 60  VAL n 
1 61  ASP n 
1 62  ALA n 
1 63  VAL n 
1 64  LYS n 
1 65  LEU n 
1 66  ASN n 
1 67  LEU n 
1 68  PRO n 
1 69  ASP n 
1 70  TYR n 
1 71  TYR n 
1 72  LYS n 
1 73  ILE n 
1 74  ILE n 
1 75  LYS n 
1 76  THR n 
1 77  PRO n 
1 78  MET n 
1 79  ASP n 
1 80  MET n 
1 81  GLY n 
1 82  THR n 
1 83  ILE n 
1 84  LYS n 
1 85  LYS n 
1 86  ARG n 
1 87  LEU n 
1 88  GLU n 
1 89  ASN n 
1 90  ASN n 
1 91  TYR n 
1 92  TYR n 
1 93  TRP n 
1 94  ASN n 
1 95  ALA n 
1 96  GLN n 
1 97  GLU n 
1 98  CYS n 
1 99  ILE n 
1 100 GLN n 
1 101 ASP n 
1 102 PHE n 
1 103 ASN n 
1 104 THR n 
1 105 MET n 
1 106 PHE n 
1 107 THR n 
1 108 ASN n 
1 109 CYS n 
1 110 TYR n 
1 111 ILE n 
1 112 TYR n 
1 113 ASN n 
1 114 LYS n 
1 115 PRO n 
1 116 GLY n 
1 117 ASP n 
1 118 ASP n 
1 119 ILE n 
1 120 VAL n 
1 121 LEU n 
1 122 MET n 
1 123 ALA n 
1 124 GLU n 
1 125 ALA n 
1 126 LEU n 
1 127 GLU n 
1 128 LYS n 
1 129 LEU n 
1 130 PHE n 
1 131 LEU n 
1 132 GLN n 
1 133 LYS n 
1 134 ILE n 
1 135 ASN n 
1 136 GLU n 
1 137 LEU n 
1 138 PRO n 
1 139 THR n 
1 140 GLU n 
1 141 GLU n 
# 
_entity_src_gen.entity_id                          1 
_entity_src_gen.pdbx_src_id                        1 
_entity_src_gen.pdbx_alt_source_flag               sample 
_entity_src_gen.pdbx_seq_type                      'Biological sequence' 
_entity_src_gen.pdbx_beg_seq_num                   1 
_entity_src_gen.pdbx_end_seq_num                   141 
_entity_src_gen.gene_src_common_name               Human 
_entity_src_gen.gene_src_genus                     ? 
_entity_src_gen.pdbx_gene_src_gene                 'BRD4, HUNK1' 
_entity_src_gen.gene_src_species                   ? 
_entity_src_gen.gene_src_strain                    ? 
_entity_src_gen.gene_src_tissue                    ? 
_entity_src_gen.gene_src_tissue_fraction           ? 
_entity_src_gen.gene_src_details                   ? 
_entity_src_gen.pdbx_gene_src_fragment             ? 
_entity_src_gen.pdbx_gene_src_scientific_name      'Homo sapiens' 
_entity_src_gen.pdbx_gene_src_ncbi_taxonomy_id     9606 
_entity_src_gen.pdbx_gene_src_variant              ? 
_entity_src_gen.pdbx_gene_src_cell_line            ? 
_entity_src_gen.pdbx_gene_src_atcc                 ? 
_entity_src_gen.pdbx_gene_src_organ                ? 
_entity_src_gen.pdbx_gene_src_organelle            ? 
_entity_src_gen.pdbx_gene_src_cell                 ? 
_entity_src_gen.pdbx_gene_src_cellular_location    ? 
_entity_src_gen.host_org_common_name               ? 
_entity_src_gen.pdbx_host_org_scientific_name      'Escherichia coli' 
_entity_src_gen.pdbx_host_org_ncbi_taxonomy_id     562 
_entity_src_gen.host_org_genus                     ? 
_entity_src_gen.pdbx_host_org_gene                 ? 
_entity_src_gen.pdbx_host_org_organ                ? 
_entity_src_gen.host_org_species                   ? 
_entity_src_gen.pdbx_host_org_tissue               ? 
_entity_src_gen.pdbx_host_org_tissue_fraction      ? 
_entity_src_gen.pdbx_host_org_strain               ? 
_entity_src_gen.pdbx_host_org_variant              ? 
_entity_src_gen.pdbx_host_org_cell_line            ? 
_entity_src_gen.pdbx_host_org_atcc                 ? 
_entity_src_gen.pdbx_host_org_culture_collection   ? 
_entity_src_gen.pdbx_host_org_cell                 ? 
_entity_src_gen.pdbx_host_org_organelle            ? 
_entity_src_gen.pdbx_host_org_cellular_location    ? 
_entity_src_gen.pdbx_host_org_vector_type          ? 
_entity_src_gen.pdbx_host_org_vector               ? 
_entity_src_gen.host_org_details                   ? 
_entity_src_gen.expression_system_id               ? 
_entity_src_gen.plasmid_name                       ? 
_entity_src_gen.plasmid_details                    ? 
_entity_src_gen.pdbx_description                   ? 
# 
_struct_ref.id                         1 
_struct_ref.db_name                    UNP 
_struct_ref.db_code                    BRD4_HUMAN 
_struct_ref.pdbx_db_accession          O60885 
_struct_ref.pdbx_db_isoform            ? 
_struct_ref.entity_id                  1 
_struct_ref.pdbx_seq_one_letter_code   
;NPPPPETSNPNKPKRQTNQLQYLLRVVLKTLWKHQFAWPFQQPVDAVKLNLPDYYKIIKTPMDMGTIKKRLENNYYWNAQ
ECIQDFNTMFTNCYIYNKPGDDIVLMAEALEKLFLQKINELPTEE
;
_struct_ref.pdbx_align_begin           44 
# 
_struct_ref_seq.align_id                      1 
_struct_ref_seq.ref_id                        1 
_struct_ref_seq.pdbx_PDB_id_code              7V2J 
_struct_ref_seq.pdbx_strand_id                A 
_struct_ref_seq.seq_align_beg                 17 
_struct_ref_seq.pdbx_seq_align_beg_ins_code   ? 
_struct_ref_seq.seq_align_end                 141 
_struct_ref_seq.pdbx_seq_align_end_ins_code   ? 
_struct_ref_seq.pdbx_db_accession             O60885 
_struct_ref_seq.db_align_beg                  44 
_struct_ref_seq.pdbx_db_align_beg_ins_code    ? 
_struct_ref_seq.db_align_end                  168 
_struct_ref_seq.pdbx_db_align_end_ins_code    ? 
_struct_ref_seq.pdbx_auth_seq_align_beg       44 
_struct_ref_seq.pdbx_auth_seq_align_end       168 
# 
loop_
_struct_ref_seq_dif.align_id 
_struct_ref_seq_dif.pdbx_pdb_id_code 
_struct_ref_seq_dif.mon_id 
_struct_ref_seq_dif.pdbx_pdb_strand_id 
_struct_ref_seq_dif.seq_num 
_struct_ref_seq_dif.pdbx_pdb_ins_code 
_struct_ref_seq_dif.pdbx_seq_db_name 
_struct_ref_seq_dif.pdbx_seq_db_accession_code 
_struct_ref_seq_dif.db_mon_id 
_struct_ref_seq_dif.pdbx_seq_db_seq_num 
_struct_ref_seq_dif.details 
_struct_ref_seq_dif.pdbx_auth_seq_num 
_struct_ref_seq_dif.pdbx_ordinal 
1 7V2J MET A 1  ? UNP O60885 ? ? 'expression tag' 28 1  
1 7V2J LYS A 2  ? UNP O60885 ? ? 'expression tag' 29 2  
1 7V2J LYS A 3  ? UNP O60885 ? ? 'expression tag' 30 3  
1 7V2J GLY A 4  ? UNP O60885 ? ? 'expression tag' 31 4  
1 7V2J HIS A 5  ? UNP O60885 ? ? 'expression tag' 32 5  
1 7V2J HIS A 6  ? UNP O60885 ? ? 'expression tag' 33 6  
1 7V2J HIS A 7  ? UNP O60885 ? ? 'expression tag' 34 7  
1 7V2J HIS A 8  ? UNP O60885 ? ? 'expression tag' 35 8  
1 7V2J HIS A 9  ? UNP O60885 ? ? 'expression tag' 36 9  
1 7V2J HIS A 10 ? UNP O60885 ? ? 'expression tag' 37 10 
1 7V2J LEU A 11 ? UNP O60885 ? ? 'expression tag' 38 11 
1 7V2J VAL A 12 ? UNP O60885 ? ? 'expression tag' 39 12 
1 7V2J PRO A 13 ? UNP O60885 ? ? 'expression tag' 40 13 
1 7V2J ARG A 14 ? UNP O60885 ? ? 'expression tag' 41 14 
1 7V2J GLY A 15 ? UNP O60885 ? ? 'expression tag' 42 15 
1 7V2J SER A 16 ? UNP O60885 ? ? 'expression tag' 43 16 
# 
loop_
_chem_comp.id 
_chem_comp.type 
_chem_comp.mon_nstd_flag 
_chem_comp.name 
_chem_comp.pdbx_synonyms 
_chem_comp.formula 
_chem_comp.formula_weight 
5FZ non-polymer         . '~{N}-(3-ethyl-6-methoxy-1,2-benzoxazol-5-yl)-4-methoxy-benzenesulfonamide' ? 'C17 H18 N2 O5 S' 362.400 
ALA 'L-peptide linking' y ALANINE                                                                     ? 'C3 H7 N O2'      89.093  
ARG 'L-peptide linking' y ARGININE                                                                    ? 'C6 H15 N4 O2 1'  175.209 
ASN 'L-peptide linking' y ASPARAGINE                                                                  ? 'C4 H8 N2 O3'     132.118 
ASP 'L-peptide linking' y 'ASPARTIC ACID'                                                             ? 'C4 H7 N O4'      133.103 
CYS 'L-peptide linking' y CYSTEINE                                                                    ? 'C3 H7 N O2 S'    121.158 
GLN 'L-peptide linking' y GLUTAMINE                                                                   ? 'C5 H10 N2 O3'    146.144 
GLU 'L-peptide linking' y 'GLUTAMIC ACID'                                                             ? 'C5 H9 N O4'      147.129 
GLY 'peptide linking'   y GLYCINE                                                                     ? 'C2 H5 N O2'      75.067  
HIS 'L-peptide linking' y HISTIDINE                                                                   ? 'C6 H10 N3 O2 1'  156.162 
HOH non-polymer         . WATER                                                                       ? 'H2 O'            18.015  
ILE 'L-peptide linking' y ISOLEUCINE                                                                  ? 'C6 H13 N O2'     131.173 
LEU 'L-peptide linking' y LEUCINE                                                                     ? 'C6 H13 N O2'     131.173 
LYS 'L-peptide linking' y LYSINE                                                                      ? 'C6 H15 N2 O2 1'  147.195 
MET 'L-peptide linking' y METHIONINE                                                                  ? 'C5 H11 N O2 S'   149.211 
PHE 'L-peptide linking' y PHENYLALANINE                                                               ? 'C9 H11 N O2'     165.189 
PRO 'L-peptide linking' y PROLINE                                                                     ? 'C5 H9 N O2'      115.130 
SER 'L-peptide linking' y SERINE                                                                      ? 'C3 H7 N O3'      105.093 
THR 'L-peptide linking' y THREONINE                                                                   ? 'C4 H9 N O3'      119.119 
TRP 'L-peptide linking' y TRYPTOPHAN                                                                  ? 'C11 H12 N2 O2'   204.225 
TYR 'L-peptide linking' y TYROSINE                                                                    ? 'C9 H11 N O3'     181.189 
VAL 'L-peptide linking' y VALINE                                                                      ? 'C5 H11 N O2'     117.146 
# 
_exptl.absorpt_coefficient_mu     ? 
_exptl.absorpt_correction_T_max   ? 
_exptl.absorpt_correction_T_min   ? 
_exptl.absorpt_correction_type    ? 
_exptl.absorpt_process_details    ? 
_exptl.entry_id                   7V2J 
_exptl.crystals_number            1 
_exptl.details                    ? 
_exptl.method                     'X-RAY DIFFRACTION' 
_exptl.method_details             ? 
# 
_exptl_crystal.colour                      ? 
_exptl_crystal.density_diffrn              ? 
_exptl_crystal.density_Matthews            1.88 
_exptl_crystal.density_method              ? 
_exptl_crystal.density_percent_sol         34.69 
_exptl_crystal.description                 ? 
_exptl_crystal.F_000                       ? 
_exptl_crystal.id                          1 
_exptl_crystal.preparation                 ? 
_exptl_crystal.size_max                    ? 
_exptl_crystal.size_mid                    ? 
_exptl_crystal.size_min                    ? 
_exptl_crystal.size_rad                    ? 
_exptl_crystal.colour_lustre               ? 
_exptl_crystal.colour_modifier             ? 
_exptl_crystal.colour_primary              ? 
_exptl_crystal.density_meas                ? 
_exptl_crystal.density_meas_esd            ? 
_exptl_crystal.density_meas_gt             ? 
_exptl_crystal.density_meas_lt             ? 
_exptl_crystal.density_meas_temp           ? 
_exptl_crystal.density_meas_temp_esd       ? 
_exptl_crystal.density_meas_temp_gt        ? 
_exptl_crystal.density_meas_temp_lt        ? 
_exptl_crystal.pdbx_crystal_image_url      ? 
_exptl_crystal.pdbx_crystal_image_format   ? 
_exptl_crystal.pdbx_mosaicity              ? 
_exptl_crystal.pdbx_mosaicity_esd          ? 
# 
_exptl_crystal_grow.apparatus       ? 
_exptl_crystal_grow.atmosphere      ? 
_exptl_crystal_grow.crystal_id      1 
_exptl_crystal_grow.details         ? 
_exptl_crystal_grow.method          'VAPOR DIFFUSION, SITTING DROP' 
_exptl_crystal_grow.method_ref      ? 
_exptl_crystal_grow.pH              8.5 
_exptl_crystal_grow.pressure        ? 
_exptl_crystal_grow.pressure_esd    ? 
_exptl_crystal_grow.seeding         ? 
_exptl_crystal_grow.seeding_ref     ? 
_exptl_crystal_grow.temp            277 
_exptl_crystal_grow.temp_details    ? 
_exptl_crystal_grow.temp_esd        ? 
_exptl_crystal_grow.time            ? 
_exptl_crystal_grow.pdbx_details    '0.1 M TRIS HCl, pH 8.5, 8% PEG8000' 
_exptl_crystal_grow.pdbx_pH_range   ? 
# 
_diffrn.ambient_environment              ? 
_diffrn.ambient_temp                     193 
_diffrn.ambient_temp_details             ? 
_diffrn.ambient_temp_esd                 ? 
_diffrn.crystal_id                       1 
_diffrn.crystal_support                  ? 
_diffrn.crystal_treatment                ? 
_diffrn.details                          ? 
_diffrn.id                               1 
_diffrn.ambient_pressure                 ? 
_diffrn.ambient_pressure_esd             ? 
_diffrn.ambient_pressure_gt              ? 
_diffrn.ambient_pressure_lt              ? 
_diffrn.ambient_temp_gt                  ? 
_diffrn.ambient_temp_lt                  ? 
_diffrn.pdbx_serial_crystal_experiment   N 
# 
_diffrn_detector.details                      ? 
_diffrn_detector.detector                     PIXEL 
_diffrn_detector.diffrn_id                    1 
_diffrn_detector.type                         'DECTRIS PILATUS3 6M' 
_diffrn_detector.area_resol_mean              ? 
_diffrn_detector.dtime                        ? 
_diffrn_detector.pdbx_frames_total            ? 
_diffrn_detector.pdbx_collection_time_total   ? 
_diffrn_detector.pdbx_collection_date         2021-07-08 
_diffrn_detector.pdbx_frequency               ? 
# 
_diffrn_radiation.collimation                      ? 
_diffrn_radiation.diffrn_id                        1 
_diffrn_radiation.filter_edge                      ? 
_diffrn_radiation.inhomogeneity                    ? 
_diffrn_radiation.monochromator                    ? 
_diffrn_radiation.polarisn_norm                    ? 
_diffrn_radiation.polarisn_ratio                   ? 
_diffrn_radiation.probe                            ? 
_diffrn_radiation.type                             ? 
_diffrn_radiation.xray_symbol                      ? 
_diffrn_radiation.wavelength_id                    1 
_diffrn_radiation.pdbx_monochromatic_or_laue_m_l   M 
_diffrn_radiation.pdbx_wavelength_list             ? 
_diffrn_radiation.pdbx_wavelength                  ? 
_diffrn_radiation.pdbx_diffrn_protocol             'SINGLE WAVELENGTH' 
_diffrn_radiation.pdbx_analyzer                    ? 
_diffrn_radiation.pdbx_scattering_type             x-ray 
# 
_diffrn_radiation_wavelength.id           1 
_diffrn_radiation_wavelength.wavelength   0.97852 
_diffrn_radiation_wavelength.wt           1.0 
# 
_diffrn_source.current                     ? 
_diffrn_source.details                     ? 
_diffrn_source.diffrn_id                   1 
_diffrn_source.power                       ? 
_diffrn_source.size                        ? 
_diffrn_source.source                      SYNCHROTRON 
_diffrn_source.target                      ? 
_diffrn_source.type                        'SSRF BEAMLINE BL19U1' 
_diffrn_source.voltage                     ? 
_diffrn_source.take-off_angle              ? 
_diffrn_source.pdbx_wavelength_list        0.97852 
_diffrn_source.pdbx_wavelength             ? 
_diffrn_source.pdbx_synchrotron_beamline   BL19U1 
_diffrn_source.pdbx_synchrotron_site       SSRF 
# 
_reflns.B_iso_Wilson_estimate                          ? 
_reflns.entry_id                                       7V2J 
_reflns.data_reduction_details                         ? 
_reflns.data_reduction_method                          ? 
_reflns.d_resolution_high                              2.240 
_reflns.d_resolution_low                               40.47 
_reflns.details                                        ? 
_reflns.limit_h_max                                    ? 
_reflns.limit_h_min                                    ? 
_reflns.limit_k_max                                    ? 
_reflns.limit_k_min                                    ? 
_reflns.limit_l_max                                    ? 
_reflns.limit_l_min                                    ? 
_reflns.number_all                                     ? 
_reflns.number_obs                                     6504 
_reflns.observed_criterion                             ? 
_reflns.observed_criterion_F_max                       ? 
_reflns.observed_criterion_F_min                       ? 
_reflns.observed_criterion_I_max                       ? 
_reflns.observed_criterion_I_min                       ? 
_reflns.observed_criterion_sigma_F                     ? 
_reflns.observed_criterion_sigma_I                     ? 
_reflns.percent_possible_obs                           99.900 
_reflns.R_free_details                                 ? 
_reflns.Rmerge_F_all                                   ? 
_reflns.Rmerge_F_obs                                   ? 
_reflns.Friedel_coverage                               ? 
_reflns.number_gt                                      ? 
_reflns.threshold_expression                           ? 
_reflns.pdbx_redundancy                                12.400 
_reflns.pdbx_Rmerge_I_obs                              0.094 
_reflns.pdbx_Rmerge_I_all                              ? 
_reflns.pdbx_Rsym_value                                ? 
_reflns.pdbx_netI_over_av_sigmaI                       ? 
_reflns.pdbx_netI_over_sigmaI                          18.800 
_reflns.pdbx_res_netI_over_av_sigmaI_2                 ? 
_reflns.pdbx_res_netI_over_sigmaI_2                    ? 
_reflns.pdbx_chi_squared                               ? 
_reflns.pdbx_scaling_rejects                           ? 
_reflns.pdbx_d_res_high_opt                            ? 
_reflns.pdbx_d_res_low_opt                             ? 
_reflns.pdbx_d_res_opt_method                          ? 
_reflns.phase_calculation_details                      ? 
_reflns.pdbx_Rrim_I_all                                0.099 
_reflns.pdbx_Rpim_I_all                                0.028 
_reflns.pdbx_d_opt                                     ? 
_reflns.pdbx_number_measured_all                       ? 
_reflns.pdbx_diffrn_id                                 1 
_reflns.pdbx_ordinal                                   1 
_reflns.pdbx_CC_half                                   0.997 
_reflns.pdbx_CC_star                                   ? 
_reflns.pdbx_R_split                                   ? 
_reflns.pdbx_aniso_diffraction_limit_axis_1_ortho[1]   ? 
_reflns.pdbx_aniso_diffraction_limit_axis_1_ortho[2]   ? 
_reflns.pdbx_aniso_diffraction_limit_axis_1_ortho[3]   ? 
_reflns.pdbx_aniso_diffraction_limit_axis_2_ortho[1]   ? 
_reflns.pdbx_aniso_diffraction_limit_axis_2_ortho[2]   ? 
_reflns.pdbx_aniso_diffraction_limit_axis_2_ortho[3]   ? 
_reflns.pdbx_aniso_diffraction_limit_axis_3_ortho[1]   ? 
_reflns.pdbx_aniso_diffraction_limit_axis_3_ortho[2]   ? 
_reflns.pdbx_aniso_diffraction_limit_axis_3_ortho[3]   ? 
_reflns.pdbx_aniso_diffraction_limit_1                 ? 
_reflns.pdbx_aniso_diffraction_limit_2                 ? 
_reflns.pdbx_aniso_diffraction_limit_3                 ? 
_reflns.pdbx_aniso_B_tensor_eigenvector_1_ortho[1]     ? 
_reflns.pdbx_aniso_B_tensor_eigenvector_1_ortho[2]     ? 
_reflns.pdbx_aniso_B_tensor_eigenvector_1_ortho[3]     ? 
_reflns.pdbx_aniso_B_tensor_eigenvector_2_ortho[1]     ? 
_reflns.pdbx_aniso_B_tensor_eigenvector_2_ortho[2]     ? 
_reflns.pdbx_aniso_B_tensor_eigenvector_2_ortho[3]     ? 
_reflns.pdbx_aniso_B_tensor_eigenvector_3_ortho[1]     ? 
_reflns.pdbx_aniso_B_tensor_eigenvector_3_ortho[2]     ? 
_reflns.pdbx_aniso_B_tensor_eigenvector_3_ortho[3]     ? 
_reflns.pdbx_aniso_B_tensor_eigenvalue_1               ? 
_reflns.pdbx_aniso_B_tensor_eigenvalue_2               ? 
_reflns.pdbx_aniso_B_tensor_eigenvalue_3               ? 
_reflns.pdbx_orthogonalization_convention              ? 
_reflns.pdbx_percent_possible_ellipsoidal              ? 
_reflns.pdbx_percent_possible_spherical                ? 
_reflns.pdbx_percent_possible_ellipsoidal_anomalous    ? 
_reflns.pdbx_percent_possible_spherical_anomalous      ? 
_reflns.pdbx_redundancy_anomalous                      ? 
_reflns.pdbx_CC_half_anomalous                         ? 
_reflns.pdbx_absDiff_over_sigma_anomalous              ? 
_reflns.pdbx_percent_possible_anomalous                ? 
_reflns.pdbx_observed_signal_threshold                 ? 
_reflns.pdbx_signal_type                               ? 
_reflns.pdbx_signal_details                            ? 
_reflns.pdbx_signal_software_id                        ? 
# 
loop_
_reflns_shell.d_res_high 
_reflns_shell.d_res_low 
_reflns_shell.meanI_over_sigI_all 
_reflns_shell.meanI_over_sigI_obs 
_reflns_shell.number_measured_all 
_reflns_shell.number_measured_obs 
_reflns_shell.number_possible 
_reflns_shell.number_unique_all 
_reflns_shell.number_unique_obs 
_reflns_shell.percent_possible_all 
_reflns_shell.percent_possible_obs 
_reflns_shell.Rmerge_F_all 
_reflns_shell.Rmerge_F_obs 
_reflns_shell.Rmerge_I_all 
_reflns_shell.Rmerge_I_obs 
_reflns_shell.meanI_over_sigI_gt 
_reflns_shell.meanI_over_uI_all 
_reflns_shell.meanI_over_uI_gt 
_reflns_shell.number_measured_gt 
_reflns_shell.number_unique_gt 
_reflns_shell.percent_possible_gt 
_reflns_shell.Rmerge_F_gt 
_reflns_shell.Rmerge_I_gt 
_reflns_shell.pdbx_redundancy 
_reflns_shell.pdbx_Rsym_value 
_reflns_shell.pdbx_chi_squared 
_reflns_shell.pdbx_netI_over_sigmaI_all 
_reflns_shell.pdbx_netI_over_sigmaI_obs 
_reflns_shell.pdbx_Rrim_I_all 
_reflns_shell.pdbx_Rpim_I_all 
_reflns_shell.pdbx_rejects 
_reflns_shell.pdbx_ordinal 
_reflns_shell.pdbx_diffrn_id 
_reflns_shell.pdbx_CC_half 
_reflns_shell.pdbx_CC_star 
_reflns_shell.pdbx_R_split 
_reflns_shell.pdbx_percent_possible_ellipsoidal 
_reflns_shell.pdbx_percent_possible_spherical 
_reflns_shell.pdbx_percent_possible_ellipsoidal_anomalous 
_reflns_shell.pdbx_percent_possible_spherical_anomalous 
_reflns_shell.pdbx_redundancy_anomalous 
_reflns_shell.pdbx_CC_half_anomalous 
_reflns_shell.pdbx_absDiff_over_sigma_anomalous 
_reflns_shell.pdbx_percent_possible_anomalous 
2.240 2.310 ? ? ? ? ? ? 583 100.000 ? ? ? ? 0.169 ? ? ? ? ? ? ? ? 11.800 ? ? ? ? 0.177 0.051 ? 1 1 0.995 ? ? ? ? ? ? ? ? ? ? 
2.24  2.31  ? ? ? ? ? ? 119 91.800  ? ? ? ? 0.083 ? ? ? ? ? ? ? ? 9.600  ? ? ? ? 0.087 0.026 ? 2 1 0.998 ? ? ? ? ? ? ? ? ? ? 
# 
_refine.aniso_B[1][1]                            6.4400 
_refine.aniso_B[1][2]                            0.0000 
_refine.aniso_B[1][3]                            -0.0000 
_refine.aniso_B[2][2]                            -3.2800 
_refine.aniso_B[2][3]                            0.0000 
_refine.aniso_B[3][3]                            -3.1600 
_refine.B_iso_max                                108.330 
_refine.B_iso_mean                               33.5920 
_refine.B_iso_min                                18.940 
_refine.correlation_coeff_Fo_to_Fc               0.9580 
_refine.correlation_coeff_Fo_to_Fc_free          0.9230 
_refine.details                                  
'HYDROGENS HAVE BEEN ADDED IN THE RIDING POSITIONS U VALUES      : REFINED INDIVIDUALLY' 
_refine.diff_density_max                         ? 
_refine.diff_density_max_esd                     ? 
_refine.diff_density_min                         ? 
_refine.diff_density_min_esd                     ? 
_refine.diff_density_rms                         ? 
_refine.diff_density_rms_esd                     ? 
_refine.entry_id                                 7V2J 
_refine.pdbx_refine_id                           'X-RAY DIFFRACTION' 
_refine.ls_abs_structure_details                 ? 
_refine.ls_abs_structure_Flack                   ? 
_refine.ls_abs_structure_Flack_esd               ? 
_refine.ls_abs_structure_Rogers                  ? 
_refine.ls_abs_structure_Rogers_esd              ? 
_refine.ls_d_res_high                            2.2400 
_refine.ls_d_res_low                             19.47 
_refine.ls_extinction_coef                       ? 
_refine.ls_extinction_coef_esd                   ? 
_refine.ls_extinction_expression                 ? 
_refine.ls_extinction_method                     ? 
_refine.ls_goodness_of_fit_all                   ? 
_refine.ls_goodness_of_fit_all_esd               ? 
_refine.ls_goodness_of_fit_obs                   ? 
_refine.ls_goodness_of_fit_obs_esd               ? 
_refine.ls_hydrogen_treatment                    ? 
_refine.ls_matrix_type                           ? 
_refine.ls_number_constraints                    ? 
_refine.ls_number_parameters                     ? 
_refine.ls_number_reflns_all                     ? 
_refine.ls_number_reflns_obs                     6145 
_refine.ls_number_reflns_R_free                  326 
_refine.ls_number_reflns_R_work                  ? 
_refine.ls_number_restraints                     ? 
_refine.ls_percent_reflns_obs                    99.7800 
_refine.ls_percent_reflns_R_free                 5.0000 
_refine.ls_R_factor_all                          ? 
_refine.ls_R_factor_obs                          0.1844 
_refine.ls_R_factor_R_free                       0.2411 
_refine.ls_R_factor_R_free_error                 ? 
_refine.ls_R_factor_R_free_error_details         ? 
_refine.ls_R_factor_R_work                       0.1813 
_refine.ls_R_Fsqd_factor_obs                     ? 
_refine.ls_R_I_factor_obs                        ? 
_refine.ls_redundancy_reflns_all                 ? 
_refine.ls_redundancy_reflns_obs                 ? 
_refine.ls_restrained_S_all                      ? 
_refine.ls_restrained_S_obs                      ? 
_refine.ls_shift_over_esd_max                    ? 
_refine.ls_shift_over_esd_mean                   ? 
_refine.ls_structure_factor_coef                 ? 
_refine.ls_weighting_details                     ? 
_refine.ls_weighting_scheme                      ? 
_refine.ls_wR_factor_all                         ? 
_refine.ls_wR_factor_obs                         ? 
_refine.ls_wR_factor_R_free                      ? 
_refine.ls_wR_factor_R_work                      ? 
_refine.occupancy_max                            ? 
_refine.occupancy_min                            ? 
_refine.solvent_model_details                    MASK 
_refine.solvent_model_param_bsol                 ? 
_refine.solvent_model_param_ksol                 ? 
_refine.pdbx_R_complete                          ? 
_refine.ls_R_factor_gt                           ? 
_refine.ls_goodness_of_fit_gt                    ? 
_refine.ls_goodness_of_fit_ref                   ? 
_refine.ls_shift_over_su_max                     ? 
_refine.ls_shift_over_su_max_lt                  ? 
_refine.ls_shift_over_su_mean                    ? 
_refine.ls_shift_over_su_mean_lt                 ? 
_refine.pdbx_ls_sigma_I                          ? 
_refine.pdbx_ls_sigma_F                          0.000 
_refine.pdbx_ls_sigma_Fsqd                       ? 
_refine.pdbx_data_cutoff_high_absF               ? 
_refine.pdbx_data_cutoff_high_rms_absF           ? 
_refine.pdbx_data_cutoff_low_absF                ? 
_refine.pdbx_isotropic_thermal_model             ? 
_refine.pdbx_ls_cross_valid_method               THROUGHOUT 
_refine.pdbx_method_to_determine_struct          'MOLECULAR REPLACEMENT' 
_refine.pdbx_starting_model                      5Z1S 
_refine.pdbx_stereochemistry_target_values       'MAXIMUM LIKELIHOOD' 
_refine.pdbx_R_Free_selection_details            RANDOM 
_refine.pdbx_stereochem_target_val_spec_case     ? 
_refine.pdbx_overall_ESU_R                       0.3570 
_refine.pdbx_overall_ESU_R_Free                  0.2380 
_refine.pdbx_solvent_vdw_probe_radii             1.2000 
_refine.pdbx_solvent_ion_probe_radii             0.8000 
_refine.pdbx_solvent_shrinkage_radii             0.8000 
_refine.pdbx_real_space_R                        ? 
_refine.pdbx_density_correlation                 ? 
_refine.pdbx_pd_number_of_powder_patterns        ? 
_refine.pdbx_pd_number_of_points                 ? 
_refine.pdbx_pd_meas_number_of_points            ? 
_refine.pdbx_pd_proc_ls_prof_R_factor            ? 
_refine.pdbx_pd_proc_ls_prof_wR_factor           ? 
_refine.pdbx_pd_Marquardt_correlation_coeff      ? 
_refine.pdbx_pd_Fsqrd_R_factor                   ? 
_refine.pdbx_pd_ls_matrix_band_width             ? 
_refine.pdbx_overall_phase_error                 ? 
_refine.pdbx_overall_SU_R_free_Cruickshank_DPI   ? 
_refine.pdbx_overall_SU_R_free_Blow_DPI          ? 
_refine.pdbx_overall_SU_R_Blow_DPI               ? 
_refine.pdbx_TLS_residual_ADP_flag               ? 
_refine.pdbx_diffrn_id                           1 
_refine.overall_SU_B                             7.5620 
_refine.overall_SU_ML                            0.1830 
_refine.overall_SU_R_Cruickshank_DPI             ? 
_refine.overall_SU_R_free                        ? 
_refine.overall_FOM_free_R_set                   ? 
_refine.overall_FOM_work_R_set                   ? 
_refine.pdbx_average_fsc_overall                 ? 
_refine.pdbx_average_fsc_work                    ? 
_refine.pdbx_average_fsc_free                    ? 
# 
_refine_hist.pdbx_refine_id                   'X-RAY DIFFRACTION' 
_refine_hist.cycle_id                         final 
_refine_hist.details                          ? 
_refine_hist.d_res_high                       2.2400 
_refine_hist.d_res_low                        19.47 
_refine_hist.number_atoms_solvent             31 
_refine_hist.number_atoms_total               1151 
_refine_hist.number_reflns_all                ? 
_refine_hist.number_reflns_obs                ? 
_refine_hist.number_reflns_R_free             ? 
_refine_hist.number_reflns_R_work             ? 
_refine_hist.R_factor_all                     ? 
_refine_hist.R_factor_obs                     ? 
_refine_hist.R_factor_R_free                  ? 
_refine_hist.R_factor_R_work                  ? 
_refine_hist.pdbx_number_residues_total       131 
_refine_hist.pdbx_B_iso_mean_ligand           39.00 
_refine_hist.pdbx_B_iso_mean_solvent          30.52 
_refine_hist.pdbx_number_atoms_protein        1095 
_refine_hist.pdbx_number_atoms_nucleic_acid   0 
_refine_hist.pdbx_number_atoms_ligand         25 
_refine_hist.pdbx_number_atoms_lipid          ? 
_refine_hist.pdbx_number_atoms_carb           ? 
_refine_hist.pdbx_pseudo_atom_details         ? 
# 
loop_
_refine_ls_restr.pdbx_refine_id 
_refine_ls_restr.criterion 
_refine_ls_restr.dev_ideal 
_refine_ls_restr.dev_ideal_target 
_refine_ls_restr.number 
_refine_ls_restr.rejects 
_refine_ls_restr.type 
_refine_ls_restr.weight 
_refine_ls_restr.pdbx_restraint_function 
'X-RAY DIFFRACTION' ? 0.015  0.020  1156 ? r_bond_refined_d       ? ? 
'X-RAY DIFFRACTION' ? 0.002  0.020  1049 ? r_bond_other_d         ? ? 
'X-RAY DIFFRACTION' ? 1.733  1.984  1575 ? r_angle_refined_deg    ? ? 
'X-RAY DIFFRACTION' ? 1.015  3.005  2455 ? r_angle_other_deg      ? ? 
'X-RAY DIFFRACTION' ? 6.129  5.000  130  ? r_dihedral_angle_1_deg ? ? 
'X-RAY DIFFRACTION' ? 34.038 25.179 56   ? r_dihedral_angle_2_deg ? ? 
'X-RAY DIFFRACTION' ? 14.621 15.000 198  ? r_dihedral_angle_3_deg ? ? 
'X-RAY DIFFRACTION' ? 9.140  15.000 4    ? r_dihedral_angle_4_deg ? ? 
'X-RAY DIFFRACTION' ? 0.095  0.200  163  ? r_chiral_restr         ? ? 
'X-RAY DIFFRACTION' ? 0.008  0.021  1239 ? r_gen_planes_refined   ? ? 
'X-RAY DIFFRACTION' ? 0.001  0.020  219  ? r_gen_planes_other     ? ? 
# 
_refine_ls_shell.pdbx_refine_id                   'X-RAY DIFFRACTION' 
_refine_ls_shell.d_res_high                       2.2400 
_refine_ls_shell.d_res_low                        2.2980 
_refine_ls_shell.number_reflns_all                ? 
_refine_ls_shell.number_reflns_obs                ? 
_refine_ls_shell.number_reflns_R_free             22 
_refine_ls_shell.number_reflns_R_work             440 
_refine_ls_shell.percent_reflns_obs               100.0000 
_refine_ls_shell.percent_reflns_R_free            ? 
_refine_ls_shell.R_factor_all                     ? 
_refine_ls_shell.R_factor_obs                     ? 
_refine_ls_shell.R_factor_R_free                  0.2510 
_refine_ls_shell.R_factor_R_free_error            0.0000 
_refine_ls_shell.R_factor_R_work                  0.2510 
_refine_ls_shell.redundancy_reflns_all            ? 
_refine_ls_shell.redundancy_reflns_obs            ? 
_refine_ls_shell.wR_factor_all                    ? 
_refine_ls_shell.wR_factor_obs                    ? 
_refine_ls_shell.wR_factor_R_free                 ? 
_refine_ls_shell.wR_factor_R_work                 ? 
_refine_ls_shell.pdbx_R_complete                  ? 
_refine_ls_shell.pdbx_total_number_of_bins_used   ? 
_refine_ls_shell.pdbx_phase_error                 ? 
_refine_ls_shell.pdbx_fsc_work                    ? 
_refine_ls_shell.pdbx_fsc_free                    ? 
# 
_struct.entry_id                     7V2J 
_struct.title                        'Crystal Structure of the first bromodomain of human BRD4 in complex with the inhibitor 33' 
_struct.pdbx_model_details           ? 
_struct.pdbx_formula_weight          ? 
_struct.pdbx_formula_weight_method   ? 
_struct.pdbx_model_type_details      ? 
_struct.pdbx_CASP_flag               N 
# 
_struct_keywords.entry_id        7V2J 
_struct_keywords.text            'BRD4(1), Bromodomain, PROTEIN BINDING' 
_struct_keywords.pdbx_keywords   'PROTEIN BINDING' 
# 
loop_
_struct_asym.id 
_struct_asym.pdbx_blank_PDB_chainid_flag 
_struct_asym.pdbx_modified 
_struct_asym.entity_id 
_struct_asym.details 
A N N 1 ? 
B N N 2 ? 
C N N 3 ? 
# 
loop_
_struct_conf.conf_type_id 
_struct_conf.id 
_struct_conf.pdbx_PDB_helix_id 
_struct_conf.beg_label_comp_id 
_struct_conf.beg_label_asym_id 
_struct_conf.beg_label_seq_id 
_struct_conf.pdbx_beg_PDB_ins_code 
_struct_conf.end_label_comp_id 
_struct_conf.end_label_asym_id 
_struct_conf.end_label_seq_id 
_struct_conf.pdbx_end_PDB_ins_code 
_struct_conf.beg_auth_comp_id 
_struct_conf.beg_auth_asym_id 
_struct_conf.beg_auth_seq_id 
_struct_conf.end_auth_comp_id 
_struct_conf.end_auth_asym_id 
_struct_conf.end_auth_seq_id 
_struct_conf.pdbx_PDB_helix_class 
_struct_conf.details 
_struct_conf.pdbx_PDB_helix_length 
HELX_P HELX_P1 AA1 THR A 33  ? VAL A 42  ? THR A 60  VAL A 69  1 ? 10 
HELX_P HELX_P2 AA2 VAL A 42  ? LYS A 49  ? VAL A 69  LYS A 76  1 ? 8  
HELX_P HELX_P3 AA3 ALA A 53  ? GLN A 57  ? ALA A 80  GLN A 84  5 ? 5  
HELX_P HELX_P4 AA4 ASP A 69  ? ILE A 74  ? ASP A 96  ILE A 101 1 ? 6  
HELX_P HELX_P5 AA5 ASP A 79  ? ASN A 89  ? ASP A 106 ASN A 116 1 ? 11 
HELX_P HELX_P6 AA6 ASN A 94  ? ASN A 113 ? ASN A 121 ASN A 140 1 ? 20 
HELX_P HELX_P7 AA7 ASP A 117 ? GLU A 136 ? ASP A 144 GLU A 163 1 ? 20 
# 
_struct_conf_type.id          HELX_P 
_struct_conf_type.criteria    ? 
_struct_conf_type.reference   ? 
# 
_struct_mon_prot_cis.pdbx_id                1 
_struct_mon_prot_cis.label_comp_id          VAL 
_struct_mon_prot_cis.label_seq_id           12 
_struct_mon_prot_cis.label_asym_id          A 
_struct_mon_prot_cis.label_alt_id           . 
_struct_mon_prot_cis.pdbx_PDB_ins_code      ? 
_struct_mon_prot_cis.auth_comp_id           VAL 
_struct_mon_prot_cis.auth_seq_id            39 
_struct_mon_prot_cis.auth_asym_id           A 
_struct_mon_prot_cis.pdbx_label_comp_id_2   PRO 
_struct_mon_prot_cis.pdbx_label_seq_id_2    13 
_struct_mon_prot_cis.pdbx_label_asym_id_2   A 
_struct_mon_prot_cis.pdbx_PDB_ins_code_2    ? 
_struct_mon_prot_cis.pdbx_auth_comp_id_2    PRO 
_struct_mon_prot_cis.pdbx_auth_seq_id_2     40 
_struct_mon_prot_cis.pdbx_auth_asym_id_2    A 
_struct_mon_prot_cis.pdbx_PDB_model_num     1 
_struct_mon_prot_cis.pdbx_omega_angle       -6.96 
# 
_atom_sites.entry_id                    7V2J 
_atom_sites.Cartn_transf_matrix[1][1]   ? 
_atom_sites.Cartn_transf_matrix[1][2]   ? 
_atom_sites.Cartn_transf_matrix[1][3]   ? 
_atom_sites.Cartn_transf_matrix[2][1]   ? 
_atom_sites.Cartn_transf_matrix[2][2]   ? 
_atom_sites.Cartn_transf_matrix[2][3]   ? 
_atom_sites.Cartn_transf_matrix[3][1]   ? 
_atom_sites.Cartn_transf_matrix[3][2]   ? 
_atom_sites.Cartn_transf_matrix[3][3]   ? 
_atom_sites.Cartn_transf_vector[1]      ? 
_atom_sites.Cartn_transf_vector[2]      ? 
_atom_sites.Cartn_transf_vector[3]      ? 
_atom_sites.fract_transf_matrix[1][1]   0.00178031 
_atom_sites.fract_transf_matrix[1][2]   0.02869406 
_atom_sites.fract_transf_matrix[1][3]   -0.00526298 
_atom_sites.fract_transf_matrix[2][1]   0.00190049 
_atom_sites.fract_transf_matrix[2][2]   0.00368080 
_atom_sites.fract_transf_matrix[2][3]   0.02071078 
_atom_sites.fract_transf_matrix[3][1]   0.01274807 
_atom_sites.fract_transf_matrix[3][2]   -0.00097377 
_atom_sites.fract_transf_matrix[3][3]   -0.00099674 
_atom_sites.fract_transf_vector[1]      0.330725 
_atom_sites.fract_transf_vector[2]      -0.018888 
_atom_sites.fract_transf_vector[3]      -0.106108 
_atom_sites.solution_primary            ? 
_atom_sites.solution_secondary          ? 
_atom_sites.solution_hydrogens          ? 
_atom_sites.special_details             ? 
# 
loop_
_atom_type.symbol 
C 
N 
O 
S 
# 
loop_
_atom_site.group_PDB 
_atom_site.id 
_atom_site.type_symbol 
_atom_site.label_atom_id 
_atom_site.label_alt_id 
_atom_site.label_comp_id 
_atom_site.label_asym_id 
_atom_site.label_entity_id 
_atom_site.label_seq_id 
_atom_site.pdbx_PDB_ins_code 
_atom_site.Cartn_x 
_atom_site.Cartn_y 
_atom_site.Cartn_z 
_atom_site.occupancy 
_atom_site.B_iso_or_equiv 
_atom_site.pdbx_formal_charge 
_atom_site.auth_seq_id 
_atom_site.auth_comp_id 
_atom_site.auth_asym_id 
_atom_site.auth_atom_id 
_atom_site.pdbx_PDB_model_num 
ATOM   1    N N   . HIS A 1 8   ? 2.790   15.665  36.275  1.00 82.93  ? 35  HIS A N   1 
ATOM   2    C CA  . HIS A 1 8   ? 2.054   15.485  34.976  1.00 90.24  ? 35  HIS A CA  1 
ATOM   3    C C   . HIS A 1 8   ? 3.038   15.233  33.812  1.00 85.83  ? 35  HIS A C   1 
ATOM   4    O O   . HIS A 1 8   ? 3.122   14.097  33.300  1.00 78.57  ? 35  HIS A O   1 
ATOM   5    C CB  . HIS A 1 8   ? 1.132   16.702  34.721  1.00 99.83  ? 35  HIS A CB  1 
ATOM   6    C CG  . HIS A 1 8   ? 0.549   16.760  33.340  1.00 106.10 ? 35  HIS A CG  1 
ATOM   7    N ND1 . HIS A 1 8   ? 0.471   17.932  32.615  1.00 108.30 ? 35  HIS A ND1 1 
ATOM   8    C CD2 . HIS A 1 8   ? 0.023   15.792  32.550  1.00 105.16 ? 35  HIS A CD2 1 
ATOM   9    C CE1 . HIS A 1 8   ? -0.087  17.684  31.444  1.00 107.84 ? 35  HIS A CE1 1 
ATOM   10   N NE2 . HIS A 1 8   ? -0.364  16.394  31.378  1.00 108.33 ? 35  HIS A NE2 1 
ATOM   11   N N   . HIS A 1 9   ? 3.739   16.308  33.408  1.00 81.13  ? 36  HIS A N   1 
ATOM   12   C CA  . HIS A 1 9   ? 4.935   16.307  32.508  1.00 84.18  ? 36  HIS A CA  1 
ATOM   13   C C   . HIS A 1 9   ? 4.776   15.710  31.108  1.00 73.07  ? 36  HIS A C   1 
ATOM   14   O O   . HIS A 1 9   ? 5.770   15.324  30.483  1.00 62.00  ? 36  HIS A O   1 
ATOM   15   C CB  . HIS A 1 9   ? 6.166   15.691  33.225  1.00 90.31  ? 36  HIS A CB  1 
ATOM   16   C CG  . HIS A 1 9   ? 6.578   16.440  34.461  1.00 97.78  ? 36  HIS A CG  1 
ATOM   17   N ND1 . HIS A 1 9   ? 6.769   15.822  35.681  1.00 95.96  ? 36  HIS A ND1 1 
ATOM   18   C CD2 . HIS A 1 9   ? 6.803   17.761  34.667  1.00 95.28  ? 36  HIS A CD2 1 
ATOM   19   C CE1 . HIS A 1 9   ? 7.109   16.727  36.581  1.00 97.51  ? 36  HIS A CE1 1 
ATOM   20   N NE2 . HIS A 1 9   ? 7.130   17.911  35.992  1.00 101.58 ? 36  HIS A NE2 1 
ATOM   21   N N   . HIS A 1 10  ? 3.531   15.672  30.623  1.00 69.38  ? 37  HIS A N   1 
ATOM   22   C CA  . HIS A 1 10  ? 3.157   15.131  29.290  1.00 66.84  ? 37  HIS A CA  1 
ATOM   23   C C   . HIS A 1 10  ? 3.712   13.741  28.928  1.00 59.90  ? 37  HIS A C   1 
ATOM   24   O O   . HIS A 1 10  ? 4.101   13.483  27.787  1.00 58.31  ? 37  HIS A O   1 
ATOM   25   C CB  . HIS A 1 10  ? 3.475   16.149  28.203  1.00 65.21  ? 37  HIS A CB  1 
ATOM   26   C CG  . HIS A 1 10  ? 2.976   17.522  28.516  1.00 69.75  ? 37  HIS A CG  1 
ATOM   27   N ND1 . HIS A 1 10  ? 3.643   18.377  29.371  1.00 72.45  ? 37  HIS A ND1 1 
ATOM   28   C CD2 . HIS A 1 10  ? 1.871   18.181  28.097  1.00 65.13  ? 37  HIS A CD2 1 
ATOM   29   C CE1 . HIS A 1 10  ? 2.976   19.514  29.452  1.00 82.46  ? 37  HIS A CE1 1 
ATOM   30   N NE2 . HIS A 1 10  ? 1.896   19.418  28.692  1.00 81.03  ? 37  HIS A NE2 1 
ATOM   31   N N   . LEU A 1 11  ? 3.719   12.856  29.923  1.00 55.77  ? 38  LEU A N   1 
ATOM   32   C CA  . LEU A 1 11  ? 3.976   11.421  29.729  1.00 55.69  ? 38  LEU A CA  1 
ATOM   33   C C   . LEU A 1 11  ? 2.718   10.652  29.188  1.00 57.81  ? 38  LEU A C   1 
ATOM   34   O O   . LEU A 1 11  ? 2.791   9.460   28.819  1.00 54.48  ? 38  LEU A O   1 
ATOM   35   C CB  . LEU A 1 11  ? 4.486   10.829  31.052  1.00 49.87  ? 38  LEU A CB  1 
ATOM   36   C CG  . LEU A 1 11  ? 5.908   11.262  31.417  1.00 47.93  ? 38  LEU A CG  1 
ATOM   37   C CD1 . LEU A 1 11  ? 6.190   11.110  32.902  1.00 46.74  ? 38  LEU A CD1 1 
ATOM   38   C CD2 . LEU A 1 11  ? 6.934   10.491  30.578  1.00 50.74  ? 38  LEU A CD2 1 
ATOM   39   N N   . VAL A 1 12  ? 1.578   11.354  29.150  1.00 60.28  ? 39  VAL A N   1 
ATOM   40   C CA  . VAL A 1 12  ? 0.308   10.867  28.594  1.00 62.03  ? 39  VAL A CA  1 
ATOM   41   C C   . VAL A 1 12  ? -0.511  12.173  28.238  1.00 62.21  ? 39  VAL A C   1 
ATOM   42   O O   . VAL A 1 12  ? -0.217  13.232  28.837  1.00 67.05  ? 39  VAL A O   1 
ATOM   43   C CB  . VAL A 1 12  ? -0.337  9.919   29.661  1.00 57.38  ? 39  VAL A CB  1 
ATOM   44   C CG1 . VAL A 1 12  ? -0.931  10.726  30.811  1.00 59.84  ? 39  VAL A CG1 1 
ATOM   45   C CG2 . VAL A 1 12  ? -1.360  8.952   29.072  1.00 60.03  ? 39  VAL A CG2 1 
ATOM   46   N N   . PRO A 1 13  ? -1.450  12.177  27.264  1.00 61.52  ? 40  PRO A N   1 
ATOM   47   C CA  . PRO A 1 13  ? -1.746  11.069  26.322  1.00 61.84  ? 40  PRO A CA  1 
ATOM   48   C C   . PRO A 1 13  ? -0.588  10.673  25.395  1.00 59.76  ? 40  PRO A C   1 
ATOM   49   O O   . PRO A 1 13  ? 0.353   11.439  25.176  1.00 56.27  ? 40  PRO A O   1 
ATOM   50   C CB  . PRO A 1 13  ? -2.858  11.660  25.461  1.00 57.76  ? 40  PRO A CB  1 
ATOM   51   C CG  . PRO A 1 13  ? -2.459  13.114  25.400  1.00 60.47  ? 40  PRO A CG  1 
ATOM   52   C CD  . PRO A 1 13  ? -2.153  13.407  26.843  1.00 59.17  ? 40  PRO A CD  1 
ATOM   53   N N   . ARG A 1 14  ? -0.713  9.485   24.831  1.00 56.78  ? 41  ARG A N   1 
ATOM   54   C CA  . ARG A 1 14  ? 0.348   8.864   24.073  1.00 51.75  ? 41  ARG A CA  1 
ATOM   55   C C   . ARG A 1 14  ? 0.101   9.011   22.563  1.00 53.19  ? 41  ARG A C   1 
ATOM   56   O O   . ARG A 1 14  ? -0.967  9.447   22.115  1.00 50.02  ? 41  ARG A O   1 
ATOM   57   C CB  . ARG A 1 14  ? 0.415   7.386   24.446  1.00 50.54  ? 41  ARG A CB  1 
ATOM   58   C CG  . ARG A 1 14  ? 0.533   7.101   25.945  1.00 52.69  ? 41  ARG A CG  1 
ATOM   59   C CD  . ARG A 1 14  ? 1.869   7.561   26.534  1.00 53.32  ? 41  ARG A CD  1 
ATOM   60   N NE  . ARG A 1 14  ? 3.034   6.899   25.914  1.00 51.84  ? 41  ARG A NE  1 
ATOM   61   C CZ  . ARG A 1 14  ? 4.319   7.128   26.241  1.00 57.29  ? 41  ARG A CZ  1 
ATOM   62   N NH1 . ARG A 1 14  ? 5.297   6.467   25.611  1.00 53.73  ? 41  ARG A NH1 1 
ATOM   63   N NH2 . ARG A 1 14  ? 4.655   8.014   27.194  1.00 55.49  ? 41  ARG A NH2 1 
ATOM   64   N N   . GLY A 1 15  ? 1.116   8.644   21.794  1.00 51.41  ? 42  GLY A N   1 
ATOM   65   C CA  . GLY A 1 15  ? 0.991   8.512   20.349  1.00 49.48  ? 42  GLY A CA  1 
ATOM   66   C C   . GLY A 1 15  ? 0.148   7.311   19.967  1.00 46.11  ? 42  GLY A C   1 
ATOM   67   O O   . GLY A 1 15  ? -0.205  6.474   20.818  1.00 46.09  ? 42  GLY A O   1 
ATOM   68   N N   . SER A 1 16  ? -0.177  7.230   18.686  1.00 36.68  ? 43  SER A N   1 
ATOM   69   C CA  . SER A 1 16  ? -0.986  6.147   18.193  1.00 38.06  ? 43  SER A CA  1 
ATOM   70   C C   . SER A 1 16  ? -0.826  6.075   16.678  1.00 35.03  ? 43  SER A C   1 
ATOM   71   O O   . SER A 1 16  ? -0.130  6.878   16.085  1.00 33.87  ? 43  SER A O   1 
ATOM   72   C CB  . SER A 1 16  ? -2.450  6.399   18.577  1.00 41.09  ? 43  SER A CB  1 
ATOM   73   O OG  . SER A 1 16  ? -2.846  7.708   18.128  1.00 39.07  ? 43  SER A OG  1 
ATOM   74   N N   . ASN A 1 17  ? -1.483  5.093   16.077  1.00 33.51  ? 44  ASN A N   1 
ATOM   75   C CA  . ASN A 1 17  ? -1.557  4.935   14.619  1.00 30.14  ? 44  ASN A CA  1 
ATOM   76   C C   . ASN A 1 17  ? -2.874  5.526   14.142  1.00 27.25  ? 44  ASN A C   1 
ATOM   77   O O   . ASN A 1 17  ? -3.844  5.524   14.889  1.00 24.95  ? 44  ASN A O   1 
ATOM   78   C CB  . ASN A 1 17  ? -1.478  3.443   14.256  1.00 27.84  ? 44  ASN A CB  1 
ATOM   79   C CG  . ASN A 1 17  ? -0.091  2.877   14.445  1.00 28.46  ? 44  ASN A CG  1 
ATOM   80   O OD1 . ASN A 1 17  ? 0.890   3.540   14.119  1.00 28.25  ? 44  ASN A OD1 1 
ATOM   81   N ND2 . ASN A 1 17  ? 0.006   1.625   14.945  1.00 29.37  ? 44  ASN A ND2 1 
ATOM   82   N N   . PRO A 1 18  ? -2.910  6.072   12.912  1.00 26.46  ? 45  PRO A N   1 
ATOM   83   C CA  . PRO A 1 18  ? -4.201  6.554   12.469  1.00 27.41  ? 45  PRO A CA  1 
ATOM   84   C C   . PRO A 1 18  ? -5.143  5.398   12.193  1.00 25.97  ? 45  PRO A C   1 
ATOM   85   O O   . PRO A 1 18  ? -4.709  4.274   12.098  1.00 23.51  ? 45  PRO A O   1 
ATOM   86   C CB  . PRO A 1 18  ? -3.854  7.293   11.170  1.00 25.69  ? 45  PRO A CB  1 
ATOM   87   C CG  . PRO A 1 18  ? -2.762  6.480   10.613  1.00 23.63  ? 45  PRO A CG  1 
ATOM   88   C CD  . PRO A 1 18  ? -1.931  6.129   11.806  1.00 25.68  ? 45  PRO A CD  1 
ATOM   89   N N   . PRO A 1 19  ? -6.431  5.672   12.053  1.00 28.85  ? 46  PRO A N   1 
ATOM   90   C CA  . PRO A 1 19  ? -7.257  4.630   11.436  1.00 29.86  ? 46  PRO A CA  1 
ATOM   91   C C   . PRO A 1 19  ? -6.705  4.209   10.046  1.00 29.46  ? 46  PRO A C   1 
ATOM   92   O O   . PRO A 1 19  ? -6.288  5.094   9.296   1.00 28.03  ? 46  PRO A O   1 
ATOM   93   C CB  . PRO A 1 19  ? -8.626  5.310   11.261  1.00 30.00  ? 46  PRO A CB  1 
ATOM   94   C CG  . PRO A 1 19  ? -8.422  6.765   11.530  1.00 30.53  ? 46  PRO A CG  1 
ATOM   95   C CD  . PRO A 1 19  ? -7.215  6.861   12.439  1.00 30.44  ? 46  PRO A CD  1 
ATOM   96   N N   . PRO A 1 20  ? -6.697  2.887   9.725   1.00 26.02  ? 47  PRO A N   1 
ATOM   97   C CA  . PRO A 1 20  ? -6.246  2.438   8.418   1.00 26.22  ? 47  PRO A CA  1 
ATOM   98   C C   . PRO A 1 20  ? -7.191  2.913   7.289   1.00 28.84  ? 47  PRO A C   1 
ATOM   99   O O   . PRO A 1 20  ? -8.356  3.184   7.556   1.00 29.56  ? 47  PRO A O   1 
ATOM   100  C CB  . PRO A 1 20  ? -6.322  0.906   8.532   1.00 24.93  ? 47  PRO A CB  1 
ATOM   101  C CG  . PRO A 1 20  ? -7.465  0.664   9.465   1.00 25.88  ? 47  PRO A CG  1 
ATOM   102  C CD  . PRO A 1 20  ? -7.242  1.755   10.511  1.00 27.60  ? 47  PRO A CD  1 
ATOM   103  N N   . PRO A 1 21  ? -6.707  2.949   6.027   1.00 25.72  ? 48  PRO A N   1 
ATOM   104  C CA  . PRO A 1 21  ? -7.593  3.301   4.921   1.00 24.74  ? 48  PRO A CA  1 
ATOM   105  C C   . PRO A 1 21  ? -8.802  2.369   4.805   1.00 24.90  ? 48  PRO A C   1 
ATOM   106  O O   . PRO A 1 21  ? -8.710  1.207   5.109   1.00 23.20  ? 48  PRO A O   1 
ATOM   107  C CB  . PRO A 1 21  ? -6.709  3.167   3.700   1.00 24.90  ? 48  PRO A CB  1 
ATOM   108  C CG  . PRO A 1 21  ? -5.300  3.090   4.193   1.00 25.32  ? 48  PRO A CG  1 
ATOM   109  C CD  . PRO A 1 21  ? -5.326  2.694   5.608   1.00 24.37  ? 48  PRO A CD  1 
ATOM   110  N N   . GLU A 1 22  ? -9.938  2.876   4.371   1.00 25.70  ? 49  GLU A N   1 
ATOM   111  C CA  . GLU A 1 22  ? -11.109 2.023   4.272   1.00 30.64  ? 49  GLU A CA  1 
ATOM   112  C C   . GLU A 1 22  ? -10.924 0.897   3.252   1.00 27.61  ? 49  GLU A C   1 
ATOM   113  O O   . GLU A 1 22  ? -10.275 1.079   2.232   1.00 27.33  ? 49  GLU A O   1 
ATOM   114  C CB  . GLU A 1 22  ? -12.325 2.837   3.905   1.00 35.85  ? 49  GLU A CB  1 
ATOM   115  C CG  . GLU A 1 22  ? -12.349 3.340   2.469   1.00 42.17  ? 49  GLU A CG  1 
ATOM   116  C CD  . GLU A 1 22  ? -13.540 4.258   2.227   1.00 48.10  ? 49  GLU A CD  1 
ATOM   117  O OE1 . GLU A 1 22  ? -13.963 4.489   1.055   1.00 44.61  ? 49  GLU A OE1 1 
ATOM   118  O OE2 . GLU A 1 22  ? -14.057 4.739   3.247   1.00 53.25  ? 49  GLU A OE2 1 
ATOM   119  N N   . THR A 1 23  ? -11.460 -0.262  3.559   1.00 26.70  ? 50  THR A N   1 
ATOM   120  C CA  . THR A 1 23  ? -11.452 -1.413  2.664   1.00 28.28  ? 50  THR A CA  1 
ATOM   121  C C   . THR A 1 23  ? -12.863 -1.732  2.119   1.00 29.29  ? 50  THR A C   1 
ATOM   122  O O   . THR A 1 23  ? -13.023 -2.590  1.262   1.00 33.23  ? 50  THR A O   1 
ATOM   123  C CB  . THR A 1 23  ? -10.845 -2.578  3.420   1.00 29.55  ? 50  THR A CB  1 
ATOM   124  O OG1 . THR A 1 23  ? -11.522 -2.734  4.665   1.00 31.75  ? 50  THR A OG1 1 
ATOM   125  C CG2 . THR A 1 23  ? -9.350  -2.266  3.785   1.00 30.59  ? 50  THR A CG2 1 
ATOM   126  N N   . SER A 1 24  ? -13.864 -0.998  2.588   1.00 31.39  ? 51  SER A N   1 
ATOM   127  C CA  . SER A 1 24  ? -15.276 -1.207  2.249   1.00 35.43  ? 51  SER A CA  1 
ATOM   128  C C   . SER A 1 24  ? -16.019 0.083   2.326   1.00 30.82  ? 51  SER A C   1 
ATOM   129  O O   . SER A 1 24  ? -15.934 0.804   3.310   1.00 32.03  ? 51  SER A O   1 
ATOM   130  C CB  . SER A 1 24  ? -15.948 -2.209  3.198   1.00 38.48  ? 51  SER A CB  1 
ATOM   131  O OG  . SER A 1 24  ? -16.158 -3.433  2.497   1.00 44.42  ? 51  SER A OG  1 
ATOM   132  N N   . ASN A 1 25  ? -16.754 0.367   1.276   1.00 29.45  ? 52  ASN A N   1 
ATOM   133  C CA  . ASN A 1 25  ? -17.543 1.590   1.181   1.00 28.74  ? 52  ASN A CA  1 
ATOM   134  C C   . ASN A 1 25  ? -18.762 1.282   0.349   1.00 29.22  ? 52  ASN A C   1 
ATOM   135  O O   . ASN A 1 25  ? -18.699 1.384   -0.886  1.00 28.47  ? 52  ASN A O   1 
ATOM   136  C CB  . ASN A 1 25  ? -16.780 2.736   0.568   1.00 26.72  ? 52  ASN A CB  1 
ATOM   137  C CG  . ASN A 1 25  ? -17.545 4.041   0.652   1.00 28.84  ? 52  ASN A CG  1 
ATOM   138  O OD1 . ASN A 1 25  ? -18.783 4.051   0.792   1.00 27.63  ? 52  ASN A OD1 1 
ATOM   139  N ND2 . ASN A 1 25  ? -16.809 5.166   0.574   1.00 26.60  ? 52  ASN A ND2 1 
ATOM   140  N N   . PRO A 1 26  ? -19.873 0.937   1.034   1.00 30.11  ? 53  PRO A N   1 
ATOM   141  C CA  . PRO A 1 26  ? -21.137 0.654   0.385   1.00 31.91  ? 53  PRO A CA  1 
ATOM   142  C C   . PRO A 1 26  ? -21.667 1.715   -0.597  1.00 32.18  ? 53  PRO A C   1 
ATOM   143  O O   . PRO A 1 26  ? -22.250 1.332   -1.607  1.00 32.20  ? 53  PRO A O   1 
ATOM   144  C CB  . PRO A 1 26  ? -22.099 0.433   1.562   1.00 33.28  ? 53  PRO A CB  1 
ATOM   145  C CG  . PRO A 1 26  ? -21.228 -0.015  2.707   1.00 30.62  ? 53  PRO A CG  1 
ATOM   146  C CD  . PRO A 1 26  ? -19.994 0.806   2.514   1.00 30.07  ? 53  PRO A CD  1 
ATOM   147  N N   . ASN A 1 27  ? -21.450 3.005   -0.369  1.00 30.10  ? 54  ASN A N   1 
ATOM   148  C CA  . ASN A 1 27  ? -21.937 3.950   -1.359  1.00 30.88  ? 54  ASN A CA  1 
ATOM   149  C C   . ASN A 1 27  ? -20.975 4.230   -2.492  1.00 31.18  ? 54  ASN A C   1 
ATOM   150  O O   . ASN A 1 27  ? -21.293 5.053   -3.359  1.00 33.88  ? 54  ASN A O   1 
ATOM   151  C CB  . ASN A 1 27  ? -22.401 5.250   -0.701  1.00 31.77  ? 54  ASN A CB  1 
ATOM   152  C CG  . ASN A 1 27  ? -23.727 5.097   -0.021  1.00 33.75  ? 54  ASN A CG  1 
ATOM   153  O OD1 . ASN A 1 27  ? -24.634 4.418   -0.550  1.00 35.96  ? 54  ASN A OD1 1 
ATOM   154  N ND2 . ASN A 1 27  ? -23.848 5.674   1.173   1.00 30.89  ? 54  ASN A ND2 1 
ATOM   155  N N   . LYS A 1 28  ? -19.810 3.584   -2.507  1.00 29.62  ? 55  LYS A N   1 
ATOM   156  C CA  . LYS A 1 28  ? -18.817 3.863   -3.558  1.00 30.30  ? 55  LYS A CA  1 
ATOM   157  C C   . LYS A 1 28  ? -19.144 2.992   -4.786  1.00 27.47  ? 55  LYS A C   1 
ATOM   158  O O   . LYS A 1 28  ? -19.467 1.827   -4.631  1.00 28.07  ? 55  LYS A O   1 
ATOM   159  C CB  . LYS A 1 28  ? -17.393 3.587   -3.062  1.00 30.34  ? 55  LYS A CB  1 
ATOM   160  C CG  . LYS A 1 28  ? -16.296 3.892   -4.096  1.00 30.76  ? 55  LYS A CG  1 
ATOM   161  C CD  . LYS A 1 28  ? -14.903 3.497   -3.590  1.00 29.68  ? 55  LYS A CD  1 
ATOM   162  C CE  . LYS A 1 28  ? -13.846 3.589   -4.688  1.00 29.28  ? 55  LYS A CE  1 
ATOM   163  N NZ  . LYS A 1 28  ? -14.124 2.620   -5.786  1.00 29.55  ? 55  LYS A NZ  1 
ATOM   164  N N   . PRO A 1 29  ? -19.068 3.552   -5.996  1.00 27.46  ? 56  PRO A N   1 
ATOM   165  C CA  . PRO A 1 29  ? -19.301 2.674   -7.161  1.00 27.42  ? 56  PRO A CA  1 
ATOM   166  C C   . PRO A 1 29  ? -18.193 1.648   -7.331  1.00 27.98  ? 56  PRO A C   1 
ATOM   167  O O   . PRO A 1 29  ? -17.022 1.984   -7.164  1.00 29.95  ? 56  PRO A O   1 
ATOM   168  C CB  . PRO A 1 29  ? -19.334 3.642   -8.342  1.00 26.89  ? 56  PRO A CB  1 
ATOM   169  C CG  . PRO A 1 29  ? -19.676 4.969   -7.741  1.00 28.34  ? 56  PRO A CG  1 
ATOM   170  C CD  . PRO A 1 29  ? -19.004 4.975   -6.392  1.00 29.05  ? 56  PRO A CD  1 
ATOM   171  N N   . LYS A 1 30  ? -18.575 0.437   -7.664  1.00 29.03  ? 57  LYS A N   1 
ATOM   172  C CA  . LYS A 1 30  ? -17.648 -0.657  -7.868  1.00 35.57  ? 57  LYS A CA  1 
ATOM   173  C C   . LYS A 1 30  ? -18.135 -1.606  -8.941  1.00 34.73  ? 57  LYS A C   1 
ATOM   174  O O   . LYS A 1 30  ? -19.345 -1.694  -9.207  1.00 29.61  ? 57  LYS A O   1 
ATOM   175  C CB  . LYS A 1 30  ? -17.481 -1.434  -6.581  1.00 42.95  ? 57  LYS A CB  1 
ATOM   176  C CG  . LYS A 1 30  ? -18.773 -1.875  -5.892  1.00 45.89  ? 57  LYS A CG  1 
ATOM   177  C CD  . LYS A 1 30  ? -18.497 -2.427  -4.494  1.00 51.37  ? 57  LYS A CD  1 
ATOM   178  C CE  . LYS A 1 30  ? -18.453 -1.329  -3.417  1.00 57.28  ? 57  LYS A CE  1 
ATOM   179  N NZ  . LYS A 1 30  ? -17.490 -0.200  -3.589  1.00 59.52  ? 57  LYS A NZ  1 
ATOM   180  N N   . ARG A 1 31  ? -17.186 -2.295  -9.569  1.00 33.03  ? 58  ARG A N   1 
ATOM   181  C CA  . ARG A 1 31  ? -17.506 -3.368  -10.493 1.00 35.54  ? 58  ARG A CA  1 
ATOM   182  C C   . ARG A 1 31  ? -16.358 -4.358  -10.607 1.00 39.34  ? 58  ARG A C   1 
ATOM   183  O O   . ARG A 1 31  ? -15.301 -4.192  -9.967  1.00 42.43  ? 58  ARG A O   1 
ATOM   184  C CB  . ARG A 1 31  ? -17.899 -2.818  -11.866 1.00 35.94  ? 58  ARG A CB  1 
ATOM   185  C CG  . ARG A 1 31  ? -16.979 -1.769  -12.394 1.00 36.86  ? 58  ARG A CG  1 
ATOM   186  C CD  . ARG A 1 31  ? -17.386 -1.207  -13.757 1.00 36.52  ? 58  ARG A CD  1 
ATOM   187  N NE  . ARG A 1 31  ? -16.199 -0.604  -14.343 1.00 34.97  ? 58  ARG A NE  1 
ATOM   188  C CZ  . ARG A 1 31  ? -16.139 0.047   -15.497 1.00 36.65  ? 58  ARG A CZ  1 
ATOM   189  N NH1 . ARG A 1 31  ? -17.215 0.243   -16.272 1.00 36.29  ? 58  ARG A NH1 1 
ATOM   190  N NH2 . ARG A 1 31  ? -14.979 0.569   -15.842 1.00 34.86  ? 58  ARG A NH2 1 
ATOM   191  N N   . GLN A 1 32  ? -16.621 -5.434  -11.344 1.00 41.66  ? 59  GLN A N   1 
ATOM   192  C CA  . GLN A 1 32  ? -15.591 -6.382  -11.714 1.00 45.70  ? 59  GLN A CA  1 
ATOM   193  C C   . GLN A 1 32  ? -15.199 -6.155  -13.146 1.00 40.70  ? 59  GLN A C   1 
ATOM   194  O O   . GLN A 1 32  ? -16.023 -5.799  -13.972 1.00 48.55  ? 59  GLN A O   1 
ATOM   195  C CB  . GLN A 1 32  ? -16.012 -7.827  -11.422 1.00 49.87  ? 59  GLN A CB  1 
ATOM   196  C CG  . GLN A 1 32  ? -15.427 -8.335  -10.091 1.00 56.93  ? 59  GLN A CG  1 
ATOM   197  C CD  . GLN A 1 32  ? -13.895 -8.591  -10.142 1.00 61.41  ? 59  GLN A CD  1 
ATOM   198  O OE1 . GLN A 1 32  ? -13.111 -7.780  -10.681 1.00 58.53  ? 59  GLN A OE1 1 
ATOM   199  N NE2 . GLN A 1 32  ? -13.469 -9.735  -9.586  1.00 55.66  ? 59  GLN A NE2 1 
ATOM   200  N N   . THR A 1 33  ? -13.910 -6.229  -13.409 1.00 38.62  ? 60  THR A N   1 
ATOM   201  C CA  . THR A 1 33  ? -13.370 -6.070  -14.760 1.00 37.19  ? 60  THR A CA  1 
ATOM   202  C C   . THR A 1 33  ? -12.275 -7.098  -14.843 1.00 36.81  ? 60  THR A C   1 
ATOM   203  O O   . THR A 1 33  ? -11.748 -7.510  -13.816 1.00 34.99  ? 60  THR A O   1 
ATOM   204  C CB  . THR A 1 33  ? -12.821 -4.632  -15.068 1.00 36.42  ? 60  THR A CB  1 
ATOM   205  O OG1 . THR A 1 33  ? -11.619 -4.345  -14.327 1.00 35.01  ? 60  THR A OG1 1 
ATOM   206  C CG2 . THR A 1 33  ? -13.855 -3.572  -14.749 1.00 37.89  ? 60  THR A CG2 1 
ATOM   207  N N   . ASN A 1 34  ? -11.929 -7.514  -16.055 1.00 40.61  ? 61  ASN A N   1 
ATOM   208  C CA  . ASN A 1 34  ? -10.908 -8.539  -16.218 1.00 40.92  ? 61  ASN A CA  1 
ATOM   209  C C   . ASN A 1 34  ? -9.584  -8.020  -15.702 1.00 36.66  ? 61  ASN A C   1 
ATOM   210  O O   . ASN A 1 34  ? -8.783  -8.803  -15.183 1.00 35.30  ? 61  ASN A O   1 
ATOM   211  C CB  . ASN A 1 34  ? -10.790 -9.005  -17.675 1.00 47.44  ? 61  ASN A CB  1 
ATOM   212  C CG  . ASN A 1 34  ? -11.985 -9.848  -18.117 1.00 53.92  ? 61  ASN A CG  1 
ATOM   213  O OD1 . ASN A 1 34  ? -12.515 -10.658 -17.338 1.00 55.05  ? 61  ASN A OD1 1 
ATOM   214  N ND2 . ASN A 1 34  ? -12.430 -9.649  -19.370 1.00 47.99  ? 61  ASN A ND2 1 
ATOM   215  N N   . GLN A 1 35  ? -9.367  -6.707  -15.841 1.00 33.19  ? 62  GLN A N   1 
ATOM   216  C CA  . GLN A 1 35  ? -8.147  -6.070  -15.377 1.00 32.14  ? 62  GLN A CA  1 
ATOM   217  C C   . GLN A 1 35  ? -8.032  -6.144  -13.869 1.00 31.65  ? 62  GLN A C   1 
ATOM   218  O O   . GLN A 1 35  ? -6.971  -6.487  -13.334 1.00 28.44  ? 62  GLN A O   1 
ATOM   219  C CB  . GLN A 1 35  ? -8.047  -4.617  -15.875 1.00 34.24  ? 62  GLN A CB  1 
ATOM   220  C CG  . GLN A 1 35  ? -7.704  -4.522  -17.364 1.00 34.14  ? 62  GLN A CG  1 
ATOM   221  C CD  . GLN A 1 35  ? -7.682  -3.118  -17.918 1.00 33.38  ? 62  GLN A CD  1 
ATOM   222  O OE1 . GLN A 1 35  ? -8.169  -2.186  -17.303 1.00 39.65  ? 62  GLN A OE1 1 
ATOM   223  N NE2 . GLN A 1 35  ? -7.124  -2.963  -19.099 1.00 34.52  ? 62  GLN A NE2 1 
ATOM   224  N N   . LEU A 1 36  ? -9.123  -5.861  -13.176 1.00 30.84  ? 63  LEU A N   1 
ATOM   225  C CA  . LEU A 1 36  ? -9.111  -5.946  -11.721 1.00 31.02  ? 63  LEU A CA  1 
ATOM   226  C C   . LEU A 1 36  ? -8.829  -7.381  -11.237 1.00 33.18  ? 63  LEU A C   1 
ATOM   227  O O   . LEU A 1 36  ? -8.098  -7.570  -10.259 1.00 29.43  ? 63  LEU A O   1 
ATOM   228  C CB  . LEU A 1 36  ? -10.409 -5.395  -11.118 1.00 28.42  ? 63  LEU A CB  1 
ATOM   229  C CG  . LEU A 1 36  ? -10.499 -3.850  -11.093 1.00 29.50  ? 63  LEU A CG  1 
ATOM   230  C CD1 . LEU A 1 36  ? -11.919 -3.344  -10.797 1.00 28.20  ? 63  LEU A CD1 1 
ATOM   231  C CD2 . LEU A 1 36  ? -9.498  -3.247  -10.089 1.00 28.23  ? 63  LEU A CD2 1 
ATOM   232  N N   . GLN A 1 37  ? -9.393  -8.373  -11.926 1.00 33.40  ? 64  GLN A N   1 
ATOM   233  C CA  . GLN A 1 37  ? -9.246  -9.781  -11.521 1.00 35.82  ? 64  GLN A CA  1 
ATOM   234  C C   . GLN A 1 37  ? -7.785  -10.215 -11.630 1.00 33.20  ? 64  GLN A C   1 
ATOM   235  O O   . GLN A 1 37  ? -7.292  -10.922 -10.767 1.00 34.89  ? 64  GLN A O   1 
ATOM   236  C CB  . GLN A 1 37  ? -10.110 -10.712 -12.392 1.00 38.08  ? 64  GLN A CB  1 
ATOM   237  C CG  . GLN A 1 37  ? -11.601 -10.657 -12.096 1.00 42.17  ? 64  GLN A CG  1 
ATOM   238  C CD  . GLN A 1 37  ? -12.469 -11.285 -13.206 1.00 47.89  ? 64  GLN A CD  1 
ATOM   239  O OE1 . GLN A 1 37  ? -11.988 -11.621 -14.306 1.00 49.96  ? 64  GLN A OE1 1 
ATOM   240  N NE2 . GLN A 1 37  ? -13.758 -11.429 -12.921 1.00 46.58  ? 64  GLN A NE2 1 
ATOM   241  N N   . TYR A 1 38  ? -7.131  -9.783  -12.701 1.00 31.41  ? 65  TYR A N   1 
ATOM   242  C CA  . TYR A 1 38  ? -5.722  -10.057 -12.950 1.00 35.15  ? 65  TYR A CA  1 
ATOM   243  C C   . TYR A 1 38  ? -4.803  -9.301  -11.969 1.00 32.57  ? 65  TYR A C   1 
ATOM   244  O O   . TYR A 1 38  ? -3.797  -9.852  -11.554 1.00 29.60  ? 65  TYR A O   1 
ATOM   245  C CB  . TYR A 1 38  ? -5.387  -9.732  -14.419 1.00 34.21  ? 65  TYR A CB  1 
ATOM   246  C CG  . TYR A 1 38  ? -3.922  -9.730  -14.846 1.00 36.75  ? 65  TYR A CG  1 
ATOM   247  C CD1 . TYR A 1 38  ? -3.113  -8.633  -14.580 1.00 36.78  ? 65  TYR A CD1 1 
ATOM   248  C CD2 . TYR A 1 38  ? -3.379  -10.768 -15.622 1.00 39.24  ? 65  TYR A CD2 1 
ATOM   249  C CE1 . TYR A 1 38  ? -1.797  -8.585  -14.990 1.00 40.31  ? 65  TYR A CE1 1 
ATOM   250  C CE2 . TYR A 1 38  ? -2.040  -10.729 -16.065 1.00 39.64  ? 65  TYR A CE2 1 
ATOM   251  C CZ  . TYR A 1 38  ? -1.246  -9.637  -15.742 1.00 43.78  ? 65  TYR A CZ  1 
ATOM   252  O OH  . TYR A 1 38  ? 0.087   -9.508  -16.157 1.00 42.28  ? 65  TYR A OH  1 
ATOM   253  N N   . LEU A 1 39  ? -5.146  -8.056  -11.622 1.00 30.54  ? 66  LEU A N   1 
ATOM   254  C CA  . LEU A 1 39  ? -4.422  -7.320  -10.565 1.00 29.97  ? 66  LEU A CA  1 
ATOM   255  C C   . LEU A 1 39  ? -4.453  -8.058  -9.227  1.00 28.91  ? 66  LEU A C   1 
ATOM   256  O O   . LEU A 1 39  ? -3.476  -8.045  -8.486  1.00 28.16  ? 66  LEU A O   1 
ATOM   257  C CB  . LEU A 1 39  ? -4.961  -5.910  -10.378 1.00 28.98  ? 66  LEU A CB  1 
ATOM   258  C CG  . LEU A 1 39  ? -4.507  -4.909  -11.419 1.00 30.46  ? 66  LEU A CG  1 
ATOM   259  C CD1 . LEU A 1 39  ? -5.431  -3.712  -11.384 1.00 30.42  ? 66  LEU A CD1 1 
ATOM   260  C CD2 . LEU A 1 39  ? -3.059  -4.459  -11.165 1.00 31.90  ? 66  LEU A CD2 1 
ATOM   261  N N   . LEU A 1 40  ? -5.566  -8.699  -8.912  1.00 29.55  ? 67  LEU A N   1 
ATOM   262  C CA  . LEU A 1 40  ? -5.574  -9.582  -7.761  1.00 31.58  ? 67  LEU A CA  1 
ATOM   263  C C   . LEU A 1 40  ? -4.819  -10.885 -8.063  1.00 32.75  ? 67  LEU A C   1 
ATOM   264  O O   . LEU A 1 40  ? -3.780  -11.143 -7.465  1.00 30.86  ? 67  LEU A O   1 
ATOM   265  C CB  . LEU A 1 40  ? -6.973  -9.863  -7.279  1.00 29.50  ? 67  LEU A CB  1 
ATOM   266  C CG  . LEU A 1 40  ? -7.133  -10.891 -6.150  1.00 30.38  ? 67  LEU A CG  1 
ATOM   267  C CD1 . LEU A 1 40  ? -6.382  -10.500 -4.908  1.00 29.85  ? 67  LEU A CD1 1 
ATOM   268  C CD2 . LEU A 1 40  ? -8.618  -11.083 -5.819  1.00 30.45  ? 67  LEU A CD2 1 
ATOM   269  N N   . ARG A 1 41  ? -5.340  -11.666 -8.995  1.00 35.02  ? 68  ARG A N   1 
ATOM   270  C CA  . ARG A 1 41  ? -4.858  -13.035 -9.269  1.00 36.47  ? 68  ARG A CA  1 
ATOM   271  C C   . ARG A 1 41  ? -3.368  -13.089 -9.586  1.00 35.96  ? 68  ARG A C   1 
ATOM   272  O O   . ARG A 1 41  ? -2.669  -13.904 -9.057  1.00 36.70  ? 68  ARG A O   1 
ATOM   273  C CB  . ARG A 1 41  ? -5.636  -13.672 -10.423 1.00 38.56  ? 68  ARG A CB  1 
ATOM   274  C CG  . ARG A 1 41  ? -5.367  -15.168 -10.589 1.00 41.73  ? 68  ARG A CG  1 
ATOM   275  C CD  . ARG A 1 41  ? -6.071  -15.720 -11.831 1.00 43.55  ? 68  ARG A CD  1 
ATOM   276  N NE  . ARG A 1 41  ? -5.334  -15.374 -13.066 1.00 43.94  ? 68  ARG A NE  1 
ATOM   277  C CZ  . ARG A 1 41  ? -5.686  -14.462 -13.974 1.00 47.44  ? 68  ARG A CZ  1 
ATOM   278  N NH1 . ARG A 1 41  ? -6.813  -13.718 -13.871 1.00 48.98  ? 68  ARG A NH1 1 
ATOM   279  N NH2 . ARG A 1 41  ? -4.882  -14.282 -15.015 1.00 49.58  ? 68  ARG A NH2 1 
ATOM   280  N N   . VAL A 1 42  ? -2.896  -12.191 -10.430 1.00 35.24  ? 69  VAL A N   1 
ATOM   281  C CA  . VAL A 1 42  ? -1.550  -12.222 -10.864 1.00 34.44  ? 69  VAL A CA  1 
ATOM   282  C C   . VAL A 1 42  ? -0.705  -11.179 -10.185 1.00 35.44  ? 69  VAL A C   1 
ATOM   283  O O   . VAL A 1 42  ? 0.324   -11.524 -9.648  1.00 39.45  ? 69  VAL A O   1 
ATOM   284  C CB  . VAL A 1 42  ? -1.432  -12.070 -12.401 1.00 35.30  ? 69  VAL A CB  1 
ATOM   285  C CG1 . VAL A 1 42  ? 0.041   -12.105 -12.830 1.00 36.86  ? 69  VAL A CG1 1 
ATOM   286  C CG2 . VAL A 1 42  ? -2.188  -13.190 -13.102 1.00 36.81  ? 69  VAL A CG2 1 
ATOM   287  N N   . VAL A 1 43  ? -1.081  -9.905  -10.247 1.00 32.05  ? 70  VAL A N   1 
ATOM   288  C CA  . VAL A 1 43  ? -0.159  -8.875  -9.857  1.00 29.61  ? 70  VAL A CA  1 
ATOM   289  C C   . VAL A 1 43  ? 0.058   -8.840  -8.334  1.00 32.75  ? 70  VAL A C   1 
ATOM   290  O O   . VAL A 1 43  ? 1.181   -8.915  -7.856  1.00 36.38  ? 70  VAL A O   1 
ATOM   291  C CB  . VAL A 1 43  ? -0.649  -7.508  -10.329 1.00 29.92  ? 70  VAL A CB  1 
ATOM   292  C CG1 . VAL A 1 43  ? 0.233   -6.408  -9.774  1.00 29.36  ? 70  VAL A CG1 1 
ATOM   293  C CG2 . VAL A 1 43  ? -0.721  -7.459  -11.842 1.00 29.81  ? 70  VAL A CG2 1 
ATOM   294  N N   . LEU A 1 44  ? -1.008  -8.673  -7.571  1.00 32.52  ? 71  LEU A N   1 
ATOM   295  C CA  . LEU A 1 44  ? -0.887  -8.586  -6.130  1.00 32.07  ? 71  LEU A CA  1 
ATOM   296  C C   . LEU A 1 44  ? -0.318  -9.901  -5.609  1.00 36.39  ? 71  LEU A C   1 
ATOM   297  O O   . LEU A 1 44  ? 0.593   -9.880  -4.772  1.00 31.49  ? 71  LEU A O   1 
ATOM   298  C CB  . LEU A 1 44  ? -2.248  -8.313  -5.496  1.00 30.54  ? 71  LEU A CB  1 
ATOM   299  C CG  . LEU A 1 44  ? -2.412  -8.098  -3.981  1.00 31.68  ? 71  LEU A CG  1 
ATOM   300  C CD1 . LEU A 1 44  ? -2.221  -9.372  -3.156  1.00 34.15  ? 71  LEU A CD1 1 
ATOM   301  C CD2 . LEU A 1 44  ? -1.554  -6.999  -3.422  1.00 32.80  ? 71  LEU A CD2 1 
ATOM   302  N N   . LYS A 1 45  ? -0.853  -11.040 -6.070  1.00 34.95  ? 72  LYS A N   1 
ATOM   303  C CA  . LYS A 1 45  ? -0.453  -12.309 -5.454  1.00 41.03  ? 72  LYS A CA  1 
ATOM   304  C C   . LYS A 1 45  ? 1.044   -12.638 -5.685  1.00 42.46  ? 72  LYS A C   1 
ATOM   305  O O   . LYS A 1 45  ? 1.663   -13.244 -4.811  1.00 42.58  ? 72  LYS A O   1 
ATOM   306  C CB  . LYS A 1 45  ? -1.359  -13.461 -5.869  1.00 46.49  ? 72  LYS A CB  1 
ATOM   307  C CG  . LYS A 1 45  ? -2.713  -13.492 -5.155  1.00 52.11  ? 72  LYS A CG  1 
ATOM   308  C CD  . LYS A 1 45  ? -3.534  -14.676 -5.678  1.00 64.39  ? 72  LYS A CD  1 
ATOM   309  C CE  . LYS A 1 45  ? -5.040  -14.430 -5.848  1.00 69.16  ? 72  LYS A CE  1 
ATOM   310  N NZ  . LYS A 1 45  ? -5.859  -14.865 -4.685  1.00 72.30  ? 72  LYS A NZ  1 
ATOM   311  N N   . THR A 1 46  ? 1.634   -12.185 -6.799  1.00 38.60  ? 73  THR A N   1 
ATOM   312  C CA  . THR A 1 46  ? 3.042   -12.418 -7.036  1.00 37.64  ? 73  THR A CA  1 
ATOM   313  C C   . THR A 1 46  ? 3.919   -11.422 -6.249  1.00 37.63  ? 73  THR A C   1 
ATOM   314  O O   . THR A 1 46  ? 4.979   -11.781 -5.742  1.00 42.55  ? 73  THR A O   1 
ATOM   315  C CB  . THR A 1 46  ? 3.425   -12.473 -8.539  1.00 38.83  ? 73  THR A CB  1 
ATOM   316  O OG1 . THR A 1 46  ? 3.523   -11.174 -9.091  1.00 43.82  ? 73  THR A OG1 1 
ATOM   317  C CG2 . THR A 1 46  ? 2.471   -13.333 -9.359  1.00 37.45  ? 73  THR A CG2 1 
ATOM   318  N N   . LEU A 1 47  ? 3.451   -10.200 -6.078  1.00 34.36  ? 74  LEU A N   1 
ATOM   319  C CA  . LEU A 1 47  ? 4.125   -9.259  -5.196  1.00 34.84  ? 74  LEU A CA  1 
ATOM   320  C C   . LEU A 1 47  ? 4.094   -9.668  -3.713  1.00 31.14  ? 74  LEU A C   1 
ATOM   321  O O   . LEU A 1 47  ? 5.062   -9.457  -2.959  1.00 32.07  ? 74  LEU A O   1 
ATOM   322  C CB  . LEU A 1 47  ? 3.493   -7.857  -5.342  1.00 36.88  ? 74  LEU A CB  1 
ATOM   323  C CG  . LEU A 1 47  ? 3.691   -7.090  -6.653  1.00 39.22  ? 74  LEU A CG  1 
ATOM   324  C CD1 . LEU A 1 47  ? 3.390   -5.608  -6.406  1.00 42.41  ? 74  LEU A CD1 1 
ATOM   325  C CD2 . LEU A 1 47  ? 5.095   -7.216  -7.177  1.00 37.35  ? 74  LEU A CD2 1 
ATOM   326  N N   . TRP A 1 48  ? 2.972   -10.232 -3.303  1.00 28.42  ? 75  TRP A N   1 
ATOM   327  C CA  . TRP A 1 48  ? 2.694   -10.526 -1.917  1.00 29.60  ? 75  TRP A CA  1 
ATOM   328  C C   . TRP A 1 48  ? 3.675   -11.529 -1.332  1.00 32.21  ? 75  TRP A C   1 
ATOM   329  O O   . TRP A 1 48  ? 3.930   -11.533 -0.131  1.00 33.74  ? 75  TRP A O   1 
ATOM   330  C CB  . TRP A 1 48  ? 1.251   -11.046 -1.779  1.00 29.32  ? 75  TRP A CB  1 
ATOM   331  C CG  . TRP A 1 48  ? 0.800   -11.245 -0.370  1.00 30.69  ? 75  TRP A CG  1 
ATOM   332  C CD1 . TRP A 1 48  ? 0.881   -12.410 0.370   1.00 31.11  ? 75  TRP A CD1 1 
ATOM   333  C CD2 . TRP A 1 48  ? 0.215   -10.257 0.499   1.00 30.78  ? 75  TRP A CD2 1 
ATOM   334  N NE1 . TRP A 1 48  ? 0.390   -12.196 1.632   1.00 30.88  ? 75  TRP A NE1 1 
ATOM   335  C CE2 . TRP A 1 48  ? -0.026  -10.895 1.750   1.00 31.27  ? 75  TRP A CE2 1 
ATOM   336  C CE3 . TRP A 1 48  ? -0.118  -8.901  0.350   1.00 29.01  ? 75  TRP A CE3 1 
ATOM   337  C CZ2 . TRP A 1 48  ? -0.619  -10.219 2.848   1.00 30.66  ? 75  TRP A CZ2 1 
ATOM   338  C CZ3 . TRP A 1 48  ? -0.673  -8.231  1.432   1.00 29.74  ? 75  TRP A CZ3 1 
ATOM   339  C CH2 . TRP A 1 48  ? -0.945  -8.901  2.663   1.00 30.88  ? 75  TRP A CH2 1 
ATOM   340  N N   . LYS A 1 49  ? 4.206   -12.380 -2.187  1.00 37.41  ? 76  LYS A N   1 
ATOM   341  C CA  . LYS A 1 49  ? 5.083   -13.461 -1.760  1.00 41.59  ? 76  LYS A CA  1 
ATOM   342  C C   . LYS A 1 49  ? 6.557   -13.162 -2.040  1.00 38.76  ? 76  LYS A C   1 
ATOM   343  O O   . LYS A 1 49  ? 7.424   -13.931 -1.636  1.00 39.68  ? 76  LYS A O   1 
ATOM   344  C CB  . LYS A 1 49  ? 4.638   -14.776 -2.415  1.00 46.54  ? 76  LYS A CB  1 
ATOM   345  C CG  . LYS A 1 49  ? 4.592   -14.745 -3.929  1.00 51.94  ? 76  LYS A CG  1 
ATOM   346  C CD  . LYS A 1 49  ? 4.188   -16.088 -4.506  1.00 62.64  ? 76  LYS A CD  1 
ATOM   347  C CE  . LYS A 1 49  ? 2.709   -16.399 -4.352  1.00 67.14  ? 76  LYS A CE  1 
ATOM   348  N NZ  . LYS A 1 49  ? 2.492   -17.841 -4.657  1.00 66.92  ? 76  LYS A NZ  1 
ATOM   349  N N   . HIS A 1 50  ? 6.857   -12.066 -2.732  1.00 32.97  ? 77  HIS A N   1 
ATOM   350  C CA  . HIS A 1 50  ? 8.242   -11.624 -2.832  1.00 30.21  ? 77  HIS A CA  1 
ATOM   351  C C   . HIS A 1 50  ? 8.882   -11.448 -1.408  1.00 28.70  ? 77  HIS A C   1 
ATOM   352  O O   . HIS A 1 50  ? 8.207   -11.029 -0.451  1.00 28.63  ? 77  HIS A O   1 
ATOM   353  C CB  . HIS A 1 50  ? 8.272   -10.300 -3.602  1.00 27.63  ? 77  HIS A CB  1 
ATOM   354  C CG  . HIS A 1 50  ? 9.631   -9.918  -4.055  1.00 26.34  ? 77  HIS A CG  1 
ATOM   355  N ND1 . HIS A 1 50  ? 10.580  -9.411  -3.196  1.00 25.59  ? 77  HIS A ND1 1 
ATOM   356  C CD2 . HIS A 1 50  ? 10.231  -10.022 -5.263  1.00 26.00  ? 77  HIS A CD2 1 
ATOM   357  C CE1 . HIS A 1 50  ? 11.698  -9.188  -3.864  1.00 25.39  ? 77  HIS A CE1 1 
ATOM   358  N NE2 . HIS A 1 50  ? 11.514  -9.554  -5.119  1.00 25.00  ? 77  HIS A NE2 1 
ATOM   359  N N   . GLN A 1 51  ? 10.164  -11.748 -1.272  1.00 27.37  ? 78  GLN A N   1 
ATOM   360  C CA  . GLN A 1 51  ? 10.856  -11.584 0.042   1.00 29.81  ? 78  GLN A CA  1 
ATOM   361  C C   . GLN A 1 51  ? 10.996  -10.089 0.530   1.00 30.37  ? 78  GLN A C   1 
ATOM   362  O O   . GLN A 1 51  ? 11.262  -9.845  1.699   1.00 33.62  ? 78  GLN A O   1 
ATOM   363  C CB  . GLN A 1 51  ? 12.240  -12.251 0.012   1.00 30.50  ? 78  GLN A CB  1 
ATOM   364  C CG  . GLN A 1 51  ? 13.155  -11.756 -1.142  1.00 32.52  ? 78  GLN A CG  1 
ATOM   365  C CD  . GLN A 1 51  ? 14.660  -11.832 -0.850  1.00 34.50  ? 78  GLN A CD  1 
ATOM   366  O OE1 . GLN A 1 51  ? 15.106  -12.237 0.243   1.00 37.08  ? 78  GLN A OE1 1 
ATOM   367  N NE2 . GLN A 1 51  ? 15.456  -11.442 -1.839  1.00 31.41  ? 78  GLN A NE2 1 
ATOM   368  N N   . PHE A 1 52  ? 10.822  -9.106  -0.359  1.00 28.83  ? 79  PHE A N   1 
ATOM   369  C CA  . PHE A 1 52  ? 10.756  -7.693  0.027   1.00 28.39  ? 79  PHE A CA  1 
ATOM   370  C C   . PHE A 1 52  ? 9.329   -7.174  0.338   1.00 28.71  ? 79  PHE A C   1 
ATOM   371  O O   . PHE A 1 52  ? 9.150   -5.971  0.640   1.00 25.38  ? 79  PHE A O   1 
ATOM   372  C CB  . PHE A 1 52  ? 11.401  -6.817  -1.021  1.00 28.43  ? 79  PHE A CB  1 
ATOM   373  C CG  . PHE A 1 52  ? 12.871  -7.087  -1.276  1.00 28.33  ? 79  PHE A CG  1 
ATOM   374  C CD1 . PHE A 1 52  ? 13.671  -7.849  -0.422  1.00 31.02  ? 79  PHE A CD1 1 
ATOM   375  C CD2 . PHE A 1 52  ? 13.481  -6.471  -2.354  1.00 30.37  ? 79  PHE A CD2 1 
ATOM   376  C CE1 . PHE A 1 52  ? 15.025  -8.061  -0.686  1.00 30.49  ? 79  PHE A CE1 1 
ATOM   377  C CE2 . PHE A 1 52  ? 14.837  -6.670  -2.625  1.00 33.18  ? 79  PHE A CE2 1 
ATOM   378  C CZ  . PHE A 1 52  ? 15.605  -7.496  -1.801  1.00 31.49  ? 79  PHE A CZ  1 
ATOM   379  N N   . ALA A 1 53  ? 8.336   -8.071  0.300   1.00 26.98  ? 80  ALA A N   1 
ATOM   380  C CA  . ALA A 1 53  ? 6.923   -7.697  0.508   1.00 28.68  ? 80  ALA A CA  1 
ATOM   381  C C   . ALA A 1 53  ? 6.592   -7.254  1.932   1.00 28.04  ? 80  ALA A C   1 
ATOM   382  O O   . ALA A 1 53  ? 5.791   -6.331  2.111   1.00 29.39  ? 80  ALA A O   1 
ATOM   383  C CB  . ALA A 1 53  ? 6.027   -8.864  0.155   1.00 30.75  ? 80  ALA A CB  1 
ATOM   384  N N   . TRP A 1 54  ? 7.226   -7.878  2.925   1.00 25.85  ? 81  TRP A N   1 
ATOM   385  C CA  . TRP A 1 54  ? 6.786   -7.806  4.331   1.00 26.29  ? 81  TRP A CA  1 
ATOM   386  C C   . TRP A 1 54  ? 6.599   -6.416  4.934   1.00 24.82  ? 81  TRP A C   1 
ATOM   387  O O   . TRP A 1 54  ? 5.715   -6.233  5.755   1.00 23.08  ? 81  TRP A O   1 
ATOM   388  C CB  . TRP A 1 54  ? 7.664   -8.692  5.268   1.00 27.44  ? 81  TRP A CB  1 
ATOM   389  C CG  . TRP A 1 54  ? 9.136   -8.313  5.261   1.00 27.91  ? 81  TRP A CG  1 
ATOM   390  C CD1 . TRP A 1 54  ? 10.106  -8.846  4.475   1.00 27.90  ? 81  TRP A CD1 1 
ATOM   391  C CD2 . TRP A 1 54  ? 9.776   -7.296  6.051   1.00 27.80  ? 81  TRP A CD2 1 
ATOM   392  N NE1 . TRP A 1 54  ? 11.296  -8.236  4.717   1.00 28.19  ? 81  TRP A NE1 1 
ATOM   393  C CE2 . TRP A 1 54  ? 11.128  -7.265  5.663   1.00 26.47  ? 81  TRP A CE2 1 
ATOM   394  C CE3 . TRP A 1 54  ? 9.333   -6.409  7.057   1.00 26.74  ? 81  TRP A CE3 1 
ATOM   395  C CZ2 . TRP A 1 54  ? 12.057  -6.396  6.237   1.00 26.11  ? 81  TRP A CZ2 1 
ATOM   396  C CZ3 . TRP A 1 54  ? 10.251  -5.535  7.619   1.00 26.31  ? 81  TRP A CZ3 1 
ATOM   397  C CH2 . TRP A 1 54  ? 11.612  -5.536  7.203   1.00 25.80  ? 81  TRP A CH2 1 
ATOM   398  N N   . PRO A 1 55  ? 7.424   -5.425  4.565   1.00 26.29  ? 82  PRO A N   1 
ATOM   399  C CA  . PRO A 1 55  ? 7.081   -4.080  5.092   1.00 26.28  ? 82  PRO A CA  1 
ATOM   400  C C   . PRO A 1 55  ? 5.789   -3.443  4.543   1.00 25.60  ? 82  PRO A C   1 
ATOM   401  O O   . PRO A 1 55  ? 5.271   -2.477  5.137   1.00 25.31  ? 82  PRO A O   1 
ATOM   402  C CB  . PRO A 1 55  ? 8.295   -3.222  4.675   1.00 26.47  ? 82  PRO A CB  1 
ATOM   403  C CG  . PRO A 1 55  ? 9.393   -4.215  4.373   1.00 26.73  ? 82  PRO A CG  1 
ATOM   404  C CD  . PRO A 1 55  ? 8.664   -5.375  3.773   1.00 26.15  ? 82  PRO A CD  1 
ATOM   405  N N   . PHE A 1 56  ? 5.302   -3.969  3.421   1.00 24.07  ? 83  PHE A N   1 
ATOM   406  C CA  . PHE A 1 56  ? 4.210   -3.359  2.639   1.00 23.53  ? 83  PHE A CA  1 
ATOM   407  C C   . PHE A 1 56  ? 2.912   -4.129  2.747   1.00 24.20  ? 83  PHE A C   1 
ATOM   408  O O   . PHE A 1 56  ? 1.945   -3.758  2.112   1.00 24.29  ? 83  PHE A O   1 
ATOM   409  C CB  . PHE A 1 56  ? 4.628   -3.318  1.171   1.00 24.02  ? 83  PHE A CB  1 
ATOM   410  C CG  . PHE A 1 56  ? 5.956   -2.627  0.947   1.00 26.63  ? 83  PHE A CG  1 
ATOM   411  C CD1 . PHE A 1 56  ? 6.036   -1.232  0.916   1.00 27.02  ? 83  PHE A CD1 1 
ATOM   412  C CD2 . PHE A 1 56  ? 7.129   -3.361  0.809   1.00 25.78  ? 83  PHE A CD2 1 
ATOM   413  C CE1 . PHE A 1 56  ? 7.255   -0.596  0.749   1.00 27.14  ? 83  PHE A CE1 1 
ATOM   414  C CE2 . PHE A 1 56  ? 8.334   -2.721  0.634   1.00 26.70  ? 83  PHE A CE2 1 
ATOM   415  C CZ  . PHE A 1 56  ? 8.401   -1.339  0.593   1.00 26.17  ? 83  PHE A CZ  1 
ATOM   416  N N   . GLN A 1 57  ? 2.900   -5.187  3.563   1.00 24.21  ? 84  GLN A N   1 
ATOM   417  C CA  . GLN A 1 57  ? 1.767   -6.120  3.652   1.00 26.19  ? 84  GLN A CA  1 
ATOM   418  C C   . GLN A 1 57  ? 0.700   -5.661  4.633   1.00 26.20  ? 84  GLN A C   1 
ATOM   419  O O   . GLN A 1 57  ? -0.337  -6.295  4.737   1.00 26.59  ? 84  GLN A O   1 
ATOM   420  C CB  . GLN A 1 57  ? 2.271   -7.528  4.060   1.00 26.19  ? 84  GLN A CB  1 
ATOM   421  C CG  . GLN A 1 57  ? 2.961   -8.276  2.917   1.00 25.48  ? 84  GLN A CG  1 
ATOM   422  C CD  . GLN A 1 57  ? 3.527   -9.644  3.332   1.00 26.55  ? 84  GLN A CD  1 
ATOM   423  O OE1 . GLN A 1 57  ? 3.805   -9.895  4.507   1.00 26.13  ? 84  GLN A OE1 1 
ATOM   424  N NE2 . GLN A 1 57  ? 3.690   -10.537 2.353   1.00 25.19  ? 84  GLN A NE2 1 
ATOM   425  N N   . GLN A 1 58  ? 0.962   -4.577  5.364   1.00 25.69  ? 85  GLN A N   1 
ATOM   426  C CA  . GLN A 1 58  ? 0.019   -4.056  6.330   1.00 27.36  ? 85  GLN A CA  1 
ATOM   427  C C   . GLN A 1 58  ? 0.274   -2.585  6.427   1.00 27.65  ? 85  GLN A C   1 
ATOM   428  O O   . GLN A 1 58  ? 1.345   -2.148  6.075   1.00 26.56  ? 85  GLN A O   1 
ATOM   429  C CB  . GLN A 1 58  ? 0.196   -4.676  7.739   1.00 27.69  ? 85  GLN A CB  1 
ATOM   430  C CG  . GLN A 1 58  ? 1.593   -4.519  8.384   1.00 26.56  ? 85  GLN A CG  1 
ATOM   431  C CD  . GLN A 1 58  ? 2.623   -5.389  7.679   1.00 26.01  ? 85  GLN A CD  1 
ATOM   432  O OE1 . GLN A 1 58  ? 2.347   -6.530  7.335   1.00 25.92  ? 85  GLN A OE1 1 
ATOM   433  N NE2 . GLN A 1 58  ? 3.778   -4.825  7.396   1.00 24.86  ? 85  GLN A NE2 1 
ATOM   434  N N   . PRO A 1 59  ? -0.695  -1.827  6.967   1.00 28.88  ? 86  PRO A N   1 
ATOM   435  C CA  . PRO A 1 59  ? -0.401  -0.395  7.187   1.00 27.56  ? 86  PRO A CA  1 
ATOM   436  C C   . PRO A 1 59  ? 0.814   -0.209  8.075   1.00 27.42  ? 86  PRO A C   1 
ATOM   437  O O   . PRO A 1 59  ? 1.076   -1.020  8.954   1.00 27.09  ? 86  PRO A O   1 
ATOM   438  C CB  . PRO A 1 59  ? -1.673  0.145   7.855   1.00 26.23  ? 86  PRO A CB  1 
ATOM   439  C CG  . PRO A 1 59  ? -2.764  -0.828  7.437   1.00 26.89  ? 86  PRO A CG  1 
ATOM   440  C CD  . PRO A 1 59  ? -2.111  -2.176  7.244   1.00 26.77  ? 86  PRO A CD  1 
ATOM   441  N N   . VAL A 1 60  ? 1.559   0.850   7.824   1.00 27.40  ? 87  VAL A N   1 
ATOM   442  C CA  . VAL A 1 60  ? 2.696   1.207   8.676   1.00 27.83  ? 87  VAL A CA  1 
ATOM   443  C C   . VAL A 1 60  ? 2.244   1.399   10.126  1.00 26.49  ? 87  VAL A C   1 
ATOM   444  O O   . VAL A 1 60  ? 1.421   2.272   10.447  1.00 22.72  ? 87  VAL A O   1 
ATOM   445  C CB  . VAL A 1 60  ? 3.397   2.498   8.170   1.00 27.78  ? 87  VAL A CB  1 
ATOM   446  C CG1 . VAL A 1 60  ? 4.425   3.011   9.171   1.00 26.91  ? 87  VAL A CG1 1 
ATOM   447  C CG2 . VAL A 1 60  ? 4.022   2.235   6.810   1.00 30.02  ? 87  VAL A CG2 1 
ATOM   448  N N   . ASP A 1 61  ? 2.806   0.561   10.988  1.00 29.70  ? 88  ASP A N   1 
ATOM   449  C CA  . ASP A 1 61  ? 2.617   0.674   12.411  1.00 29.16  ? 88  ASP A CA  1 
ATOM   450  C C   . ASP A 1 61  ? 3.711   1.576   12.984  1.00 28.37  ? 88  ASP A C   1 
ATOM   451  O O   . ASP A 1 61  ? 4.777   1.113   13.303  1.00 29.24  ? 88  ASP A O   1 
ATOM   452  C CB  . ASP A 1 61  ? 2.641   -0.715  13.006  1.00 31.89  ? 88  ASP A CB  1 
ATOM   453  C CG  . ASP A 1 61  ? 2.173   -0.743  14.457  1.00 33.32  ? 88  ASP A CG  1 
ATOM   454  O OD1 . ASP A 1 61  ? 2.439   0.236   15.185  1.00 30.83  ? 88  ASP A OD1 1 
ATOM   455  O OD2 . ASP A 1 61  ? 1.570   -1.763  14.854  1.00 33.13  ? 88  ASP A OD2 1 
ATOM   456  N N   . ALA A 1 62  ? 3.444   2.877   13.076  1.00 25.25  ? 89  ALA A N   1 
ATOM   457  C CA  . ALA A 1 62  ? 4.434   3.826   13.589  1.00 27.93  ? 89  ALA A CA  1 
ATOM   458  C C   . ALA A 1 62  ? 4.845   3.585   15.045  1.00 26.81  ? 89  ALA A C   1 
ATOM   459  O O   . ALA A 1 62  ? 5.977   3.872   15.420  1.00 27.82  ? 89  ALA A O   1 
ATOM   460  C CB  . ALA A 1 62  ? 3.973   5.282   13.431  1.00 26.21  ? 89  ALA A CB  1 
ATOM   461  N N   . VAL A 1 63  ? 3.924   3.084   15.848  1.00 29.01  ? 90  VAL A N   1 
ATOM   462  C CA  . VAL A 1 63  ? 4.223   2.739   17.222  1.00 30.71  ? 90  VAL A CA  1 
ATOM   463  C C   . VAL A 1 63  ? 5.199   1.546   17.258  1.00 28.63  ? 90  VAL A C   1 
ATOM   464  O O   . VAL A 1 63  ? 6.307   1.677   17.729  1.00 30.14  ? 90  VAL A O   1 
ATOM   465  C CB  . VAL A 1 63  ? 2.938   2.433   17.996  1.00 33.54  ? 90  VAL A CB  1 
ATOM   466  C CG1 . VAL A 1 63  ? 3.244   2.155   19.474  1.00 33.24  ? 90  VAL A CG1 1 
ATOM   467  C CG2 . VAL A 1 63  ? 1.967   3.598   17.831  1.00 36.25  ? 90  VAL A CG2 1 
ATOM   468  N N   . LYS A 1 64  ? 4.810   0.417   16.691  1.00 31.98  ? 91  LYS A N   1 
ATOM   469  C CA  . LYS A 1 64  ? 5.641   -0.806  16.732  1.00 35.28  ? 91  LYS A CA  1 
ATOM   470  C C   . LYS A 1 64  ? 7.027   -0.560  16.170  1.00 33.92  ? 91  LYS A C   1 
ATOM   471  O O   . LYS A 1 64  ? 8.015   -1.010  16.729  1.00 34.95  ? 91  LYS A O   1 
ATOM   472  C CB  . LYS A 1 64  ? 4.976   -1.977  15.990  1.00 38.46  ? 91  LYS A CB  1 
ATOM   473  C CG  . LYS A 1 64  ? 5.892   -3.191  15.807  1.00 38.98  ? 91  LYS A CG  1 
ATOM   474  C CD  . LYS A 1 64  ? 5.122   -4.370  15.277  1.00 42.08  ? 91  LYS A CD  1 
ATOM   475  C CE  . LYS A 1 64  ? 6.040   -5.383  14.628  1.00 41.58  ? 91  LYS A CE  1 
ATOM   476  N NZ  . LYS A 1 64  ? 5.622   -6.768  14.953  1.00 44.78  ? 91  LYS A NZ  1 
ATOM   477  N N   . LEU A 1 65  ? 7.099   0.214   15.091  1.00 34.79  ? 92  LEU A N   1 
ATOM   478  C CA  . LEU A 1 65  ? 8.344   0.383   14.351  1.00 31.49  ? 92  LEU A CA  1 
ATOM   479  C C   . LEU A 1 65  ? 9.164   1.609   14.745  1.00 32.11  ? 92  LEU A C   1 
ATOM   480  O O   . LEU A 1 65  ? 10.192  1.879   14.109  1.00 35.66  ? 92  LEU A O   1 
ATOM   481  C CB  . LEU A 1 65  ? 8.021   0.426   12.857  1.00 33.35  ? 92  LEU A CB  1 
ATOM   482  C CG  . LEU A 1 65  ? 7.275   -0.752  12.205  1.00 35.52  ? 92  LEU A CG  1 
ATOM   483  C CD1 . LEU A 1 65  ? 6.922   -0.427  10.749  1.00 35.44  ? 92  LEU A CD1 1 
ATOM   484  C CD2 . LEU A 1 65  ? 8.096   -2.041  12.278  1.00 37.55  ? 92  LEU A CD2 1 
ATOM   485  N N   . ASN A 1 66  ? 8.745   2.337   15.783  1.00 34.79  ? 93  ASN A N   1 
ATOM   486  C CA  . ASN A 1 66  ? 9.464   3.532   16.298  1.00 36.16  ? 93  ASN A CA  1 
ATOM   487  C C   . ASN A 1 66  ? 9.744   4.517   15.179  1.00 33.31  ? 93  ASN A C   1 
ATOM   488  O O   . ASN A 1 66  ? 10.877  4.912   14.945  1.00 31.59  ? 93  ASN A O   1 
ATOM   489  C CB  . ASN A 1 66  ? 10.741  3.103   17.067  1.00 38.80  ? 93  ASN A CB  1 
ATOM   490  C CG  . ASN A 1 66  ? 10.409  2.167   18.229  1.00 42.34  ? 93  ASN A CG  1 
ATOM   491  O OD1 . ASN A 1 66  ? 9.469   2.441   18.969  1.00 43.85  ? 93  ASN A OD1 1 
ATOM   492  N ND2 . ASN A 1 66  ? 11.148  1.044   18.376  1.00 40.14  ? 93  ASN A ND2 1 
ATOM   493  N N   . LEU A 1 67  ? 8.674   4.864   14.465  1.00 33.77  ? 94  LEU A N   1 
ATOM   494  C CA  . LEU A 1 67  ? 8.683   5.888   13.419  1.00 30.45  ? 94  LEU A CA  1 
ATOM   495  C C   . LEU A 1 67  ? 7.638   6.940   13.773  1.00 27.91  ? 94  LEU A C   1 
ATOM   496  O O   . LEU A 1 67  ? 6.623   7.127   13.060  1.00 26.17  ? 94  LEU A O   1 
ATOM   497  C CB  . LEU A 1 67  ? 8.380   5.255   12.059  1.00 32.39  ? 94  LEU A CB  1 
ATOM   498  C CG  . LEU A 1 67  ? 9.252   4.089   11.583  1.00 34.10  ? 94  LEU A CG  1 
ATOM   499  C CD1 . LEU A 1 67  ? 8.678   3.579   10.268  1.00 35.99  ? 94  LEU A CD1 1 
ATOM   500  C CD2 . LEU A 1 67  ? 10.740  4.446   11.406  1.00 33.04  ? 94  LEU A CD2 1 
ATOM   501  N N   . PRO A 1 68  ? 7.855   7.630   14.905  1.00 29.38  ? 95  PRO A N   1 
ATOM   502  C CA  . PRO A 1 68  ? 6.821   8.562   15.390  1.00 27.29  ? 95  PRO A CA  1 
ATOM   503  C C   . PRO A 1 68  ? 6.625   9.730   14.436  1.00 27.09  ? 95  PRO A C   1 
ATOM   504  O O   . PRO A 1 68  ? 5.551   10.363  14.455  1.00 28.18  ? 95  PRO A O   1 
ATOM   505  C CB  . PRO A 1 68  ? 7.368   9.030   16.740  1.00 28.36  ? 95  PRO A CB  1 
ATOM   506  C CG  . PRO A 1 68  ? 8.861   8.853   16.615  1.00 29.89  ? 95  PRO A CG  1 
ATOM   507  C CD  . PRO A 1 68  ? 9.024   7.587   15.813  1.00 28.16  ? 95  PRO A CD  1 
ATOM   508  N N   . ASP A 1 69  ? 7.617   9.983   13.581  1.00 25.95  ? 96  ASP A N   1 
ATOM   509  C CA  . ASP A 1 69  ? 7.481   11.019  12.507  1.00 27.90  ? 96  ASP A CA  1 
ATOM   510  C C   . ASP A 1 69  ? 6.687   10.607  11.236  1.00 25.14  ? 96  ASP A C   1 
ATOM   511  O O   . ASP A 1 69  ? 6.375   11.501  10.424  1.00 24.01  ? 96  ASP A O   1 
ATOM   512  C CB  . ASP A 1 69  ? 8.863   11.615  12.071  1.00 27.00  ? 96  ASP A CB  1 
ATOM   513  C CG  . ASP A 1 69  ? 9.860   10.561  11.604  1.00 29.17  ? 96  ASP A CG  1 
ATOM   514  O OD1 . ASP A 1 69  ? 9.524   9.349   11.522  1.00 29.21  ? 96  ASP A OD1 1 
ATOM   515  O OD2 . ASP A 1 69  ? 11.008  10.943  11.324  1.00 29.55  ? 96  ASP A OD2 1 
ATOM   516  N N   . TYR A 1 70  ? 6.348   9.315   11.086  1.00 22.84  ? 97  TYR A N   1 
ATOM   517  C CA  . TYR A 1 70  ? 5.877   8.776   9.799   1.00 22.10  ? 97  TYR A CA  1 
ATOM   518  C C   . TYR A 1 70  ? 4.616   9.499   9.338   1.00 21.42  ? 97  TYR A C   1 
ATOM   519  O O   . TYR A 1 70  ? 4.558   9.968   8.223   1.00 22.70  ? 97  TYR A O   1 
ATOM   520  C CB  . TYR A 1 70  ? 5.621   7.233   9.841   1.00 21.29  ? 97  TYR A CB  1 
ATOM   521  C CG  . TYR A 1 70  ? 5.271   6.681   8.458   1.00 21.78  ? 97  TYR A CG  1 
ATOM   522  C CD1 . TYR A 1 70  ? 6.274   6.481   7.483   1.00 22.53  ? 97  TYR A CD1 1 
ATOM   523  C CD2 . TYR A 1 70  ? 3.967   6.446   8.080   1.00 21.31  ? 97  TYR A CD2 1 
ATOM   524  C CE1 . TYR A 1 70  ? 5.983   6.029   6.218   1.00 20.75  ? 97  TYR A CE1 1 
ATOM   525  C CE2 . TYR A 1 70  ? 3.665   5.960   6.824   1.00 20.58  ? 97  TYR A CE2 1 
ATOM   526  C CZ  . TYR A 1 70  ? 4.676   5.755   5.883   1.00 21.24  ? 97  TYR A CZ  1 
ATOM   527  O OH  . TYR A 1 70  ? 4.400   5.316   4.586   1.00 19.61  ? 97  TYR A OH  1 
ATOM   528  N N   . TYR A 1 71  ? 3.643   9.615   10.221  1.00 22.19  ? 98  TYR A N   1 
ATOM   529  C CA  . TYR A 1 71  ? 2.357   10.218  9.876   1.00 25.23  ? 98  TYR A CA  1 
ATOM   530  C C   . TYR A 1 71  ? 2.308   11.728  10.044  1.00 24.07  ? 98  TYR A C   1 
ATOM   531  O O   . TYR A 1 71  ? 1.246   12.302  9.859   1.00 24.34  ? 98  TYR A O   1 
ATOM   532  C CB  . TYR A 1 71  ? 1.205   9.521   10.632  1.00 26.27  ? 98  TYR A CB  1 
ATOM   533  C CG  . TYR A 1 71  ? 0.975   8.081   10.188  1.00 25.94  ? 98  TYR A CG  1 
ATOM   534  C CD1 . TYR A 1 71  ? 0.395   7.807   8.960   1.00 24.16  ? 98  TYR A CD1 1 
ATOM   535  C CD2 . TYR A 1 71  ? 1.330   6.985   11.012  1.00 26.19  ? 98  TYR A CD2 1 
ATOM   536  C CE1 . TYR A 1 71  ? 0.180   6.496   8.539   1.00 24.65  ? 98  TYR A CE1 1 
ATOM   537  C CE2 . TYR A 1 71  ? 1.129   5.670   10.584  1.00 24.26  ? 98  TYR A CE2 1 
ATOM   538  C CZ  . TYR A 1 71  ? 0.563   5.436   9.331   1.00 23.94  ? 98  TYR A CZ  1 
ATOM   539  O OH  . TYR A 1 71  ? 0.305   4.155   8.852   1.00 23.55  ? 98  TYR A OH  1 
ATOM   540  N N   . LYS A 1 72  ? 3.433   12.358  10.403  1.00 25.31  ? 99  LYS A N   1 
ATOM   541  C CA  . LYS A 1 72  ? 3.680   13.808  10.146  1.00 27.44  ? 99  LYS A CA  1 
ATOM   542  C C   . LYS A 1 72  ? 4.031   14.098  8.678   1.00 26.96  ? 99  LYS A C   1 
ATOM   543  O O   . LYS A 1 72  ? 3.695   15.163  8.170   1.00 28.13  ? 99  LYS A O   1 
ATOM   544  C CB  . LYS A 1 72  ? 4.863   14.371  10.964  1.00 30.63  ? 99  LYS A CB  1 
ATOM   545  C CG  . LYS A 1 72  ? 4.867   14.180  12.474  1.00 31.13  ? 99  LYS A CG  1 
ATOM   546  C CD  . LYS A 1 72  ? 3.595   14.592  13.156  1.00 31.58  ? 99  LYS A CD  1 
ATOM   547  C CE  . LYS A 1 72  ? 3.405   13.854  14.477  1.00 36.47  ? 99  LYS A CE  1 
ATOM   548  N NZ  . LYS A 1 72  ? 2.109   14.211  15.159  1.00 41.00  ? 99  LYS A NZ  1 
ATOM   549  N N   . ILE A 1 73  ? 4.722   13.168  8.027   1.00 26.55  ? 100 ILE A N   1 
ATOM   550  C CA  . ILE A 1 73  ? 5.221   13.343  6.651   1.00 28.49  ? 100 ILE A CA  1 
ATOM   551  C C   . ILE A 1 73  ? 4.241   12.719  5.627   1.00 27.51  ? 100 ILE A C   1 
ATOM   552  O O   . ILE A 1 73  ? 3.924   13.334  4.632   1.00 26.60  ? 100 ILE A O   1 
ATOM   553  C CB  . ILE A 1 73  ? 6.653   12.730  6.521   1.00 31.15  ? 100 ILE A CB  1 
ATOM   554  C CG1 . ILE A 1 73  ? 7.620   13.387  7.519   1.00 33.15  ? 100 ILE A CG1 1 
ATOM   555  C CG2 . ILE A 1 73  ? 7.259   12.891  5.127   1.00 29.92  ? 100 ILE A CG2 1 
ATOM   556  C CD1 . ILE A 1 73  ? 8.945   12.656  7.638   1.00 33.92  ? 100 ILE A CD1 1 
ATOM   557  N N   . ILE A 1 74  ? 3.759   11.505  5.900   1.00 26.04  ? 101 ILE A N   1 
ATOM   558  C CA  . ILE A 1 74  ? 2.866   10.791  5.007   1.00 24.99  ? 101 ILE A CA  1 
ATOM   559  C C   . ILE A 1 74  ? 1.425   11.003  5.431   1.00 25.59  ? 101 ILE A C   1 
ATOM   560  O O   . ILE A 1 74  ? 1.053   10.526  6.498   1.00 25.74  ? 101 ILE A O   1 
ATOM   561  C CB  . ILE A 1 74  ? 3.174   9.277   5.056   1.00 24.71  ? 101 ILE A CB  1 
ATOM   562  C CG1 . ILE A 1 74  ? 4.675   9.059   4.766   1.00 24.90  ? 101 ILE A CG1 1 
ATOM   563  C CG2 . ILE A 1 74  ? 2.234   8.503   4.111   1.00 23.06  ? 101 ILE A CG2 1 
ATOM   564  C CD1 . ILE A 1 74  ? 5.182   9.676   3.465   1.00 25.51  ? 101 ILE A CD1 1 
ATOM   565  N N   . LYS A 1 75  ? 0.649   11.693  4.582   1.00 25.44  ? 102 LYS A N   1 
ATOM   566  C CA  . LYS A 1 75  ? -0.767  12.009  4.763   1.00 27.53  ? 102 LYS A CA  1 
ATOM   567  C C   . LYS A 1 75  ? -1.754  11.183  3.955   1.00 27.03  ? 102 LYS A C   1 
ATOM   568  O O   . LYS A 1 75  ? -2.936  11.259  4.224   1.00 29.54  ? 102 LYS A O   1 
ATOM   569  C CB  . LYS A 1 75  ? -1.026  13.462  4.392   1.00 31.26  ? 102 LYS A CB  1 
ATOM   570  C CG  . LYS A 1 75  ? -0.186  14.491  5.132   1.00 32.46  ? 102 LYS A CG  1 
ATOM   571  C CD  . LYS A 1 75  ? -0.143  14.169  6.625   1.00 35.71  ? 102 LYS A CD  1 
ATOM   572  C CE  . LYS A 1 75  ? 0.281   15.366  7.477   1.00 35.29  ? 102 LYS A CE  1 
ATOM   573  N NZ  . LYS A 1 75  ? -0.033  15.016  8.890   1.00 34.70  ? 102 LYS A NZ  1 
ATOM   574  N N   . THR A 1 76  ? -1.282  10.410  2.985   1.00 27.09  ? 103 THR A N   1 
ATOM   575  C CA  . THR A 1 76  ? -2.103  9.506   2.188   1.00 26.88  ? 103 THR A CA  1 
ATOM   576  C C   . THR A 1 76  ? -1.470  8.114   2.259   1.00 26.13  ? 103 THR A C   1 
ATOM   577  O O   . THR A 1 76  ? -0.832  7.645   1.320   1.00 26.34  ? 103 THR A O   1 
ATOM   578  C CB  . THR A 1 76  ? -2.207  10.035  0.735   1.00 28.56  ? 103 THR A CB  1 
ATOM   579  O OG1 . THR A 1 76  ? -2.710  11.366  0.770   1.00 27.52  ? 103 THR A OG1 1 
ATOM   580  C CG2 . THR A 1 76  ? -3.203  9.214   -0.091  1.00 29.58  ? 103 THR A CG2 1 
ATOM   581  N N   . PRO A 1 77  ? -1.566  7.463   3.419   1.00 26.80  ? 104 PRO A N   1 
ATOM   582  C CA  . PRO A 1 77  ? -0.926  6.152   3.528   1.00 26.08  ? 104 PRO A CA  1 
ATOM   583  C C   . PRO A 1 77  ? -1.598  5.056   2.717   1.00 24.26  ? 104 PRO A C   1 
ATOM   584  O O   . PRO A 1 77  ? -2.790  5.110   2.439   1.00 21.58  ? 104 PRO A O   1 
ATOM   585  C CB  . PRO A 1 77  ? -1.048  5.841   5.004   1.00 27.96  ? 104 PRO A CB  1 
ATOM   586  C CG  . PRO A 1 77  ? -2.273  6.528   5.417   1.00 28.10  ? 104 PRO A CG  1 
ATOM   587  C CD  . PRO A 1 77  ? -2.299  7.811   4.646   1.00 27.19  ? 104 PRO A CD  1 
ATOM   588  N N   . MET A 1 78  ? -0.814  4.058   2.337   1.00 24.77  ? 105 MET A N   1 
ATOM   589  C CA  . MET A 1 78  ? -1.356  2.951   1.557   1.00 24.12  ? 105 MET A CA  1 
ATOM   590  C C   . MET A 1 78  ? -0.418  1.776   1.632   1.00 23.39  ? 105 MET A C   1 
ATOM   591  O O   . MET A 1 78  ? 0.782   1.950   1.715   1.00 22.30  ? 105 MET A O   1 
ATOM   592  C CB  . MET A 1 78  ? -1.571  3.369   0.087   1.00 23.31  ? 105 MET A CB  1 
ATOM   593  C CG  . MET A 1 78  ? -2.273  2.309   -0.746  1.00 24.64  ? 105 MET A CG  1 
ATOM   594  S SD  . MET A 1 78  ? -3.814  1.733   -0.030  1.00 25.23  ? 105 MET A SD  1 
ATOM   595  C CE  . MET A 1 78  ? -4.720  3.276   -0.177  1.00 26.54  ? 105 MET A CE  1 
ATOM   596  N N   . ASP A 1 79  ? -0.976  0.579   1.559   1.00 23.55  ? 106 ASP A N   1 
ATOM   597  C CA  . ASP A 1 79  ? -0.208  -0.652  1.736   1.00 23.66  ? 106 ASP A CA  1 
ATOM   598  C C   . ASP A 1 79  ? -0.847  -1.779  0.934   1.00 23.39  ? 106 ASP A C   1 
ATOM   599  O O   . ASP A 1 79  ? -2.010  -1.692  0.582   1.00 25.75  ? 106 ASP A O   1 
ATOM   600  C CB  . ASP A 1 79  ? -0.144  -0.985  3.246   1.00 23.48  ? 106 ASP A CB  1 
ATOM   601  C CG  . ASP A 1 79  ? -1.493  -1.369  3.821   1.00 24.48  ? 106 ASP A CG  1 
ATOM   602  O OD1 . ASP A 1 79  ? -2.342  -0.468  4.155   1.00 23.59  ? 106 ASP A OD1 1 
ATOM   603  O OD2 . ASP A 1 79  ? -1.720  -2.589  3.935   1.00 25.88  ? 106 ASP A OD2 1 
ATOM   604  N N   . MET A 1 80  ? -0.114  -2.840  0.651   1.00 23.81  ? 107 MET A N   1 
ATOM   605  C CA  . MET A 1 80  ? -0.703  -3.958  -0.082  1.00 24.68  ? 107 MET A CA  1 
ATOM   606  C C   . MET A 1 80  ? -1.723  -4.743  0.722   1.00 24.50  ? 107 MET A C   1 
ATOM   607  O O   . MET A 1 80  ? -2.523  -5.451  0.123   1.00 24.44  ? 107 MET A O   1 
ATOM   608  C CB  . MET A 1 80  ? 0.334   -4.950  -0.588  1.00 24.84  ? 107 MET A CB  1 
ATOM   609  C CG  . MET A 1 80  ? 1.322   -4.385  -1.551  1.00 27.19  ? 107 MET A CG  1 
ATOM   610  S SD  . MET A 1 80  ? 2.122   -5.666  -2.534  1.00 30.42  ? 107 MET A SD  1 
ATOM   611  C CE  . MET A 1 80  ? 2.986   -6.528  -1.224  1.00 29.14  ? 107 MET A CE  1 
ATOM   612  N N   . GLY A 1 81  ? -1.665  -4.690  2.051   1.00 24.27  ? 108 GLY A N   1 
ATOM   613  C CA  . GLY A 1 81  ? -2.714  -5.333  2.864   1.00 23.57  ? 108 GLY A CA  1 
ATOM   614  C C   . GLY A 1 81  ? -4.063  -4.693  2.582   1.00 22.72  ? 108 GLY A C   1 
ATOM   615  O O   . GLY A 1 81  ? -5.033  -5.366  2.313   1.00 22.53  ? 108 GLY A O   1 
ATOM   616  N N   . THR A 1 82  ? -4.103  -3.366  2.625   1.00 22.32  ? 109 THR A N   1 
ATOM   617  C CA  . THR A 1 82  ? -5.259  -2.599  2.182   1.00 21.63  ? 109 THR A CA  1 
ATOM   618  C C   . THR A 1 82  ? -5.620  -2.853  0.727   1.00 21.56  ? 109 THR A C   1 
ATOM   619  O O   . THR A 1 82  ? -6.766  -3.130  0.419   1.00 21.40  ? 109 THR A O   1 
ATOM   620  C CB  . THR A 1 82  ? -4.997  -1.084  2.346   1.00 21.95  ? 109 THR A CB  1 
ATOM   621  O OG1 . THR A 1 82  ? -4.717  -0.809  3.706   1.00 18.94  ? 109 THR A OG1 1 
ATOM   622  C CG2 . THR A 1 82  ? -6.176  -0.237  1.894   1.00 21.69  ? 109 THR A CG2 1 
ATOM   623  N N   . ILE A 1 83  ? -4.669  -2.747  -0.185  1.00 22.57  ? 110 ILE A N   1 
ATOM   624  C CA  . ILE A 1 83  ? -4.989  -3.023  -1.587  1.00 22.87  ? 110 ILE A CA  1 
ATOM   625  C C   . ILE A 1 83  ? -5.592  -4.430  -1.762  1.00 23.38  ? 110 ILE A C   1 
ATOM   626  O O   . ILE A 1 83  ? -6.614  -4.589  -2.424  1.00 23.66  ? 110 ILE A O   1 
ATOM   627  C CB  . ILE A 1 83  ? -3.776  -2.823  -2.521  1.00 22.52  ? 110 ILE A CB  1 
ATOM   628  C CG1 . ILE A 1 83  ? -3.352  -1.341  -2.519  1.00 23.00  ? 110 ILE A CG1 1 
ATOM   629  C CG2 . ILE A 1 83  ? -4.119  -3.239  -3.949  1.00 22.28  ? 110 ILE A CG2 1 
ATOM   630  C CD1 . ILE A 1 83  ? -1.953  -1.088  -3.051  1.00 21.93  ? 110 ILE A CD1 1 
ATOM   631  N N   . LYS A 1 84  ? -4.952  -5.434  -1.189  1.00 24.12  ? 111 LYS A N   1 
ATOM   632  C CA  . LYS A 1 84  ? -5.467  -6.807  -1.210  1.00 28.25  ? 111 LYS A CA  1 
ATOM   633  C C   . LYS A 1 84  ? -6.918  -6.928  -0.750  1.00 27.91  ? 111 LYS A C   1 
ATOM   634  O O   . LYS A 1 84  ? -7.705  -7.599  -1.396  1.00 29.25  ? 111 LYS A O   1 
ATOM   635  C CB  . LYS A 1 84  ? -4.584  -7.715  -0.336  1.00 32.68  ? 111 LYS A CB  1 
ATOM   636  C CG  . LYS A 1 84  ? -4.908  -9.206  -0.316  1.00 35.91  ? 111 LYS A CG  1 
ATOM   637  C CD  . LYS A 1 84  ? -3.954  -9.926  0.650   1.00 41.59  ? 111 LYS A CD  1 
ATOM   638  C CE  . LYS A 1 84  ? -3.755  -11.392 0.303   1.00 45.28  ? 111 LYS A CE  1 
ATOM   639  N NZ  . LYS A 1 84  ? -5.061  -12.093 0.332   1.00 49.75  ? 111 LYS A NZ  1 
ATOM   640  N N   . LYS A 1 85  ? -7.267  -6.328  0.385   1.00 28.35  ? 112 LYS A N   1 
ATOM   641  C CA  . LYS A 1 85  ? -8.666  -6.387  0.862   1.00 30.46  ? 112 LYS A CA  1 
ATOM   642  C C   . LYS A 1 85  ? -9.635  -5.666  -0.065  1.00 31.36  ? 112 LYS A C   1 
ATOM   643  O O   . LYS A 1 85  ? -10.715 -6.180  -0.335  1.00 30.84  ? 112 LYS A O   1 
ATOM   644  C CB  . LYS A 1 85  ? -8.801  -5.809  2.270   1.00 35.31  ? 112 LYS A CB  1 
ATOM   645  C CG  . LYS A 1 85  ? -8.112  -6.647  3.330   1.00 39.35  ? 112 LYS A CG  1 
ATOM   646  C CD  . LYS A 1 85  ? -8.228  -5.958  4.678   1.00 44.49  ? 112 LYS A CD  1 
ATOM   647  C CE  . LYS A 1 85  ? -7.642  -6.784  5.815   1.00 48.24  ? 112 LYS A CE  1 
ATOM   648  N NZ  . LYS A 1 85  ? -7.168  -5.850  6.874   1.00 48.85  ? 112 LYS A NZ  1 
ATOM   649  N N   . ARG A 1 86  ? -9.234  -4.497  -0.572  1.00 27.27  ? 113 ARG A N   1 
ATOM   650  C CA  . ARG A 1 86  ? -10.042 -3.775  -1.512  1.00 25.83  ? 113 ARG A CA  1 
ATOM   651  C C   . ARG A 1 86  ? -10.340 -4.653  -2.761  1.00 27.89  ? 113 ARG A C   1 
ATOM   652  O O   . ARG A 1 86  ? -11.463 -4.651  -3.310  1.00 25.09  ? 113 ARG A O   1 
ATOM   653  C CB  . ARG A 1 86  ? -9.356  -2.454  -1.907  1.00 24.48  ? 113 ARG A CB  1 
ATOM   654  C CG  . ARG A 1 86  ? -9.267  -1.427  -0.799  1.00 24.63  ? 113 ARG A CG  1 
ATOM   655  C CD  . ARG A 1 86  ? -8.611  -0.121  -1.236  1.00 23.74  ? 113 ARG A CD  1 
ATOM   656  N NE  . ARG A 1 86  ? -8.848  0.931   -0.247  1.00 22.75  ? 113 ARG A NE  1 
ATOM   657  C CZ  . ARG A 1 86  ? -8.536  2.232   -0.385  1.00 22.60  ? 113 ARG A CZ  1 
ATOM   658  N NH1 . ARG A 1 86  ? -7.996  2.685   -1.499  1.00 20.37  ? 113 ARG A NH1 1 
ATOM   659  N NH2 . ARG A 1 86  ? -8.800  3.108   0.603   1.00 23.47  ? 113 ARG A NH2 1 
ATOM   660  N N   . LEU A 1 87  ? -9.324  -5.365  -3.227  1.00 27.89  ? 114 LEU A N   1 
ATOM   661  C CA  . LEU A 1 87  ? -9.517  -6.252  -4.372  1.00 30.78  ? 114 LEU A CA  1 
ATOM   662  C C   . LEU A 1 87  ? -10.434 -7.423  -4.049  1.00 31.20  ? 114 LEU A C   1 
ATOM   663  O O   . LEU A 1 87  ? -11.329 -7.720  -4.833  1.00 32.04  ? 114 LEU A O   1 
ATOM   664  C CB  . LEU A 1 87  ? -8.188  -6.780  -4.893  1.00 30.58  ? 114 LEU A CB  1 
ATOM   665  C CG  . LEU A 1 87  ? -7.400  -5.724  -5.651  1.00 30.39  ? 114 LEU A CG  1 
ATOM   666  C CD1 . LEU A 1 87  ? -5.993  -6.232  -5.828  1.00 29.31  ? 114 LEU A CD1 1 
ATOM   667  C CD2 . LEU A 1 87  ? -8.056  -5.350  -6.983  1.00 30.19  ? 114 LEU A CD2 1 
ATOM   668  N N   . GLU A 1 88  ? -10.222 -8.061  -2.906  1.00 30.37  ? 115 GLU A N   1 
ATOM   669  C CA  . GLU A 1 88  ? -11.095 -9.176  -2.476  1.00 33.04  ? 115 GLU A CA  1 
ATOM   670  C C   . GLU A 1 88  ? -12.520 -8.718  -2.190  1.00 35.04  ? 115 GLU A C   1 
ATOM   671  O O   . GLU A 1 88  ? -13.441 -9.474  -2.425  1.00 39.10  ? 115 GLU A O   1 
ATOM   672  C CB  . GLU A 1 88  ? -10.533 -9.858  -1.239  1.00 32.48  ? 115 GLU A CB  1 
ATOM   673  C CG  . GLU A 1 88  ? -9.260  -10.648 -1.530  1.00 32.66  ? 115 GLU A CG  1 
ATOM   674  C CD  . GLU A 1 88  ? -8.502  -11.038 -0.263  1.00 36.38  ? 115 GLU A CD  1 
ATOM   675  O OE1 . GLU A 1 88  ? -8.793  -10.485 0.828   1.00 35.63  ? 115 GLU A OE1 1 
ATOM   676  O OE2 . GLU A 1 88  ? -7.577  -11.886 -0.360  1.00 38.71  ? 115 GLU A OE2 1 
ATOM   677  N N   . ASN A 1 89  ? -12.696 -7.493  -1.685  1.00 35.04  ? 116 ASN A N   1 
ATOM   678  C CA  . ASN A 1 89  ? -14.023 -6.881  -1.533  1.00 34.39  ? 116 ASN A CA  1 
ATOM   679  C C   . ASN A 1 89  ? -14.614 -6.268  -2.823  1.00 33.00  ? 116 ASN A C   1 
ATOM   680  O O   . ASN A 1 89  ? -15.734 -5.826  -2.775  1.00 32.67  ? 116 ASN A O   1 
ATOM   681  C CB  . ASN A 1 89  ? -14.038 -5.791  -0.432  1.00 36.39  ? 116 ASN A CB  1 
ATOM   682  C CG  . ASN A 1 89  ? -13.674 -6.311  0.947   1.00 39.43  ? 116 ASN A CG  1 
ATOM   683  O OD1 . ASN A 1 89  ? -13.570 -7.522  1.163   1.00 47.25  ? 116 ASN A OD1 1 
ATOM   684  N ND2 . ASN A 1 89  ? -13.460 -5.383  1.901   1.00 41.19  ? 116 ASN A ND2 1 
ATOM   685  N N   . ASN A 1 90  ? -13.895 -6.237  -3.955  1.00 32.66  ? 117 ASN A N   1 
ATOM   686  C CA  . ASN A 1 90  ? -14.404 -5.641  -5.199  1.00 32.72  ? 117 ASN A CA  1 
ATOM   687  C C   . ASN A 1 90  ? -14.732 -4.148  -5.027  1.00 32.93  ? 117 ASN A C   1 
ATOM   688  O O   . ASN A 1 90  ? -15.622 -3.617  -5.668  1.00 37.12  ? 117 ASN A O   1 
ATOM   689  C CB  . ASN A 1 90  ? -15.608 -6.432  -5.743  1.00 35.90  ? 117 ASN A CB  1 
ATOM   690  C CG  . ASN A 1 90  ? -15.212 -7.825  -6.220  1.00 41.76  ? 117 ASN A CG  1 
ATOM   691  O OD1 . ASN A 1 90  ? -14.349 -7.970  -7.089  1.00 47.45  ? 117 ASN A OD1 1 
ATOM   692  N ND2 . ASN A 1 90  ? -15.836 -8.850  -5.661  1.00 42.00  ? 117 ASN A ND2 1 
ATOM   693  N N   . TYR A 1 91  ? -13.957 -3.491  -4.173  1.00 31.30  ? 118 TYR A N   1 
ATOM   694  C CA  . TYR A 1 91  ? -14.045 -2.069  -3.827  1.00 27.25  ? 118 TYR A CA  1 
ATOM   695  C C   . TYR A 1 91  ? -13.808 -1.080  -5.000  1.00 25.85  ? 118 TYR A C   1 
ATOM   696  O O   . TYR A 1 91  ? -14.197 0.086   -4.919  1.00 24.51  ? 118 TYR A O   1 
ATOM   697  C CB  . TYR A 1 91  ? -12.994 -1.819  -2.734  1.00 26.82  ? 118 TYR A CB  1 
ATOM   698  C CG  . TYR A 1 91  ? -12.777 -0.408  -2.282  1.00 26.10  ? 118 TYR A CG  1 
ATOM   699  C CD1 . TYR A 1 91  ? -11.846 0.425   -2.930  1.00 27.11  ? 118 TYR A CD1 1 
ATOM   700  C CD2 . TYR A 1 91  ? -13.455 0.097   -1.175  1.00 27.25  ? 118 TYR A CD2 1 
ATOM   701  C CE1 . TYR A 1 91  ? -11.618 1.731   -2.492  1.00 27.38  ? 118 TYR A CE1 1 
ATOM   702  C CE2 . TYR A 1 91  ? -13.238 1.387   -0.731  1.00 26.73  ? 118 TYR A CE2 1 
ATOM   703  C CZ  . TYR A 1 91  ? -12.325 2.195   -1.389  1.00 28.64  ? 118 TYR A CZ  1 
ATOM   704  O OH  . TYR A 1 91  ? -12.147 3.471   -0.950  1.00 33.84  ? 118 TYR A OH  1 
ATOM   705  N N   . TYR A 1 92  ? -13.128 -1.500  -6.057  1.00 24.56  ? 119 TYR A N   1 
ATOM   706  C CA  . TYR A 1 92  ? -12.693 -0.568  -7.083  1.00 23.58  ? 119 TYR A CA  1 
ATOM   707  C C   . TYR A 1 92  ? -13.685 -0.524  -8.278  1.00 23.91  ? 119 TYR A C   1 
ATOM   708  O O   . TYR A 1 92  ? -14.328 -1.507  -8.582  1.00 24.43  ? 119 TYR A O   1 
ATOM   709  C CB  . TYR A 1 92  ? -11.321 -0.982  -7.603  1.00 23.59  ? 119 TYR A CB  1 
ATOM   710  C CG  . TYR A 1 92  ? -10.158 -0.924  -6.612  1.00 23.95  ? 119 TYR A CG  1 
ATOM   711  C CD1 . TYR A 1 92  ? -9.596  0.307   -6.255  1.00 23.57  ? 119 TYR A CD1 1 
ATOM   712  C CD2 . TYR A 1 92  ? -9.558  -2.088  -6.120  1.00 21.60  ? 119 TYR A CD2 1 
ATOM   713  C CE1 . TYR A 1 92  ? -8.530  0.391   -5.383  1.00 22.93  ? 119 TYR A CE1 1 
ATOM   714  C CE2 . TYR A 1 92  ? -8.473  -2.010  -5.265  1.00 22.94  ? 119 TYR A CE2 1 
ATOM   715  C CZ  . TYR A 1 92  ? -7.962  -0.745  -4.909  1.00 23.18  ? 119 TYR A CZ  1 
ATOM   716  O OH  . TYR A 1 92  ? -6.889  -0.602  -4.076  1.00 22.28  ? 119 TYR A OH  1 
ATOM   717  N N   . TRP A 1 93  ? -13.761 0.621   -8.956  1.00 23.77  ? 120 TRP A N   1 
ATOM   718  C CA  . TRP A 1 93  ? -14.485 0.778   -10.206 1.00 24.95  ? 120 TRP A CA  1 
ATOM   719  C C   . TRP A 1 93  ? -13.689 0.390   -11.451 1.00 25.60  ? 120 TRP A C   1 
ATOM   720  O O   . TRP A 1 93  ? -14.268 -0.095  -12.437 1.00 23.55  ? 120 TRP A O   1 
ATOM   721  C CB  . TRP A 1 93  ? -14.896 2.237   -10.375 1.00 25.98  ? 120 TRP A CB  1 
ATOM   722  C CG  . TRP A 1 93  ? -15.645 2.496   -11.654 1.00 25.73  ? 120 TRP A CG  1 
ATOM   723  C CD1 . TRP A 1 93  ? -15.141 3.036   -12.792 1.00 25.93  ? 120 TRP A CD1 1 
ATOM   724  C CD2 . TRP A 1 93  ? -17.025 2.215   -11.915 1.00 25.03  ? 120 TRP A CD2 1 
ATOM   725  N NE1 . TRP A 1 93  ? -16.114 3.147   -13.728 1.00 27.02  ? 120 TRP A NE1 1 
ATOM   726  C CE2 . TRP A 1 93  ? -17.288 2.651   -13.221 1.00 26.24  ? 120 TRP A CE2 1 
ATOM   727  C CE3 . TRP A 1 93  ? -18.073 1.693   -11.147 1.00 25.44  ? 120 TRP A CE3 1 
ATOM   728  C CZ2 . TRP A 1 93  ? -18.561 2.545   -13.808 1.00 28.11  ? 120 TRP A CZ2 1 
ATOM   729  C CZ3 . TRP A 1 93  ? -19.330 1.575   -11.722 1.00 26.56  ? 120 TRP A CZ3 1 
ATOM   730  C CH2 . TRP A 1 93  ? -19.570 2.004   -13.040 1.00 26.50  ? 120 TRP A CH2 1 
ATOM   731  N N   . ASN A 1 94  ? -12.388 0.671   -11.430 1.00 26.05  ? 121 ASN A N   1 
ATOM   732  C CA  . ASN A 1 94  ? -11.496 0.299   -12.542 1.00 26.75  ? 121 ASN A CA  1 
ATOM   733  C C   . ASN A 1 94  ? -10.058 0.031   -12.066 1.00 25.47  ? 121 ASN A C   1 
ATOM   734  O O   . ASN A 1 94  ? -9.759  0.110   -10.900 1.00 24.12  ? 121 ASN A O   1 
ATOM   735  C CB  . ASN A 1 94  ? -11.572 1.325   -13.719 1.00 24.88  ? 121 ASN A CB  1 
ATOM   736  C CG  . ASN A 1 94  ? -11.102 2.723   -13.338 1.00 25.97  ? 121 ASN A CG  1 
ATOM   737  O OD1 . ASN A 1 94  ? -10.482 2.940   -12.321 1.00 25.86  ? 121 ASN A OD1 1 
ATOM   738  N ND2 . ASN A 1 94  ? -11.373 3.666   -14.187 1.00 26.35  ? 121 ASN A ND2 1 
ATOM   739  N N   . ALA A 1 95  ? -9.210  -0.367  -13.004 1.00 28.47  ? 122 ALA A N   1 
ATOM   740  C CA  . ALA A 1 95  ? -7.853  -0.819  -12.722 1.00 29.19  ? 122 ALA A CA  1 
ATOM   741  C C   . ALA A 1 95  ? -6.992  0.379   -12.272 1.00 29.78  ? 122 ALA A C   1 
ATOM   742  O O   . ALA A 1 95  ? -6.106  0.242   -11.426 1.00 28.12  ? 122 ALA A O   1 
ATOM   743  C CB  . ALA A 1 95  ? -7.278  -1.470  -13.976 1.00 29.63  ? 122 ALA A CB  1 
ATOM   744  N N   . GLN A 1 96  ? -7.285  1.527   -12.869 1.00 28.96  ? 123 GLN A N   1 
ATOM   745  C CA  . GLN A 1 96  ? -6.663  2.798   -12.599 1.00 31.67  ? 123 GLN A CA  1 
ATOM   746  C C   . GLN A 1 96  ? -6.721  3.192   -11.149 1.00 29.20  ? 123 GLN A C   1 
ATOM   747  O O   . GLN A 1 96  ? -5.733  3.702   -10.630 1.00 29.68  ? 123 GLN A O   1 
ATOM   748  C CB  . GLN A 1 96  ? -7.343  3.887   -13.479 1.00 37.95  ? 123 GLN A CB  1 
ATOM   749  C CG  . GLN A 1 96  ? -6.784  5.308   -13.369 1.00 48.12  ? 123 GLN A CG  1 
ATOM   750  C CD  . GLN A 1 96  ? -7.527  6.176   -12.332 1.00 58.27  ? 123 GLN A CD  1 
ATOM   751  O OE1 . GLN A 1 96  ? -8.665  6.641   -12.583 1.00 69.67  ? 123 GLN A OE1 1 
ATOM   752  N NE2 . GLN A 1 96  ? -6.890  6.392   -11.156 1.00 57.32  ? 123 GLN A NE2 1 
ATOM   753  N N   . GLU A 1 97  ? -7.885  3.050   -10.503 1.00 25.40  ? 124 GLU A N   1 
ATOM   754  C CA  . GLU A 1 97  ? -7.967  3.312   -9.060  1.00 25.19  ? 124 GLU A CA  1 
ATOM   755  C C   . GLU A 1 97  ? -7.007  2.378   -8.261  1.00 22.92  ? 124 GLU A C   1 
ATOM   756  O O   . GLU A 1 97  ? -6.390  2.821   -7.327  1.00 22.58  ? 124 GLU A O   1 
ATOM   757  C CB  . GLU A 1 97  ? -9.409  3.127   -8.516  1.00 27.61  ? 124 GLU A CB  1 
ATOM   758  C CG  . GLU A 1 97  ? -10.534 3.971   -9.134  1.00 26.88  ? 124 GLU A CG  1 
ATOM   759  C CD  . GLU A 1 97  ? -11.913 3.795   -8.465  1.00 26.06  ? 124 GLU A CD  1 
ATOM   760  O OE1 . GLU A 1 97  ? -12.219 2.737   -7.902  1.00 24.31  ? 124 GLU A OE1 1 
ATOM   761  O OE2 . GLU A 1 97  ? -12.731 4.739   -8.505  1.00 29.24  ? 124 GLU A OE2 1 
ATOM   762  N N   . CYS A 1 98  ? -6.918  1.087   -8.617  1.00 21.80  ? 125 CYS A N   1 
ATOM   763  C CA  . CYS A 1 98  ? -6.081  0.143   -7.894  1.00 23.63  ? 125 CYS A CA  1 
ATOM   764  C C   . CYS A 1 98  ? -4.619  0.466   -8.087  1.00 23.74  ? 125 CYS A C   1 
ATOM   765  O O   . CYS A 1 98  ? -3.844  0.575   -7.119  1.00 23.91  ? 125 CYS A O   1 
ATOM   766  C CB  . CYS A 1 98  ? -6.341  -1.284  -8.337  1.00 25.68  ? 125 CYS A CB  1 
ATOM   767  S SG  . CYS A 1 98  ? -5.247  -2.482  -7.537  1.00 26.64  ? 125 CYS A SG  1 
ATOM   768  N N   . ILE A 1 99  ? -4.275  0.727   -9.336  1.00 24.98  ? 126 ILE A N   1 
ATOM   769  C CA  . ILE A 1 99  ? -2.911  1.086   -9.706  1.00 25.17  ? 126 ILE A CA  1 
ATOM   770  C C   . ILE A 1 99  ? -2.439  2.324   -8.982  1.00 23.40  ? 126 ILE A C   1 
ATOM   771  O O   . ILE A 1 99  ? -1.279  2.405   -8.598  1.00 22.46  ? 126 ILE A O   1 
ATOM   772  C CB  . ILE A 1 99  ? -2.791  1.237   -11.252 1.00 25.62  ? 126 ILE A CB  1 
ATOM   773  C CG1 . ILE A 1 99  ? -2.840  -0.187  -11.855 1.00 26.49  ? 126 ILE A CG1 1 
ATOM   774  C CG2 . ILE A 1 99  ? -1.490  1.991   -11.657 1.00 25.41  ? 126 ILE A CG2 1 
ATOM   775  C CD1 . ILE A 1 99  ? -3.070  -0.229  -13.345 1.00 27.22  ? 126 ILE A CD1 1 
ATOM   776  N N   . GLN A 1 100 ? -3.331  3.292   -8.813  1.00 23.40  ? 127 GLN A N   1 
ATOM   777  C CA  . GLN A 1 100 ? -2.968  4.526   -8.150  1.00 26.97  ? 127 GLN A CA  1 
ATOM   778  C C   . GLN A 1 100 ? -2.684  4.286   -6.668  1.00 25.58  ? 127 GLN A C   1 
ATOM   779  O O   . GLN A 1 100 ? -1.860  4.956   -6.108  1.00 23.62  ? 127 GLN A O   1 
ATOM   780  C CB  . GLN A 1 100 ? -4.043  5.580   -8.340  1.00 32.63  ? 127 GLN A CB  1 
ATOM   781  C CG  . GLN A 1 100 ? -3.707  6.885   -7.624  1.00 41.48  ? 127 GLN A CG  1 
ATOM   782  C CD  . GLN A 1 100 ? -4.537  8.106   -8.054  1.00 52.30  ? 127 GLN A CD  1 
ATOM   783  O OE1 . GLN A 1 100 ? -4.241  9.222   -7.608  1.00 61.74  ? 127 GLN A OE1 1 
ATOM   784  N NE2 . GLN A 1 100 ? -5.577  7.907   -8.911  1.00 55.08  ? 127 GLN A NE2 1 
ATOM   785  N N   . ASP A 1 101 ? -3.363  3.328   -6.044  1.00 25.23  ? 128 ASP A N   1 
ATOM   786  C CA  . ASP A 1 101 ? -3.029  2.956   -4.675  1.00 26.61  ? 128 ASP A CA  1 
ATOM   787  C C   . ASP A 1 101 ? -1.636  2.384   -4.606  1.00 25.98  ? 128 ASP A C   1 
ATOM   788  O O   . ASP A 1 101 ? -0.883  2.730   -3.684  1.00 23.20  ? 128 ASP A O   1 
ATOM   789  C CB  . ASP A 1 101 ? -4.030  1.948   -4.084  1.00 25.91  ? 128 ASP A CB  1 
ATOM   790  C CG  . ASP A 1 101 ? -5.345  2.586   -3.714  1.00 26.73  ? 128 ASP A CG  1 
ATOM   791  O OD1 . ASP A 1 101 ? -5.371  3.830   -3.574  1.00 26.37  ? 128 ASP A OD1 1 
ATOM   792  O OD2 . ASP A 1 101 ? -6.358  1.845   -3.570  1.00 26.90  ? 128 ASP A OD2 1 
ATOM   793  N N   . PHE A 1 102 ? -1.321  1.480   -5.544  1.00 24.93  ? 129 PHE A N   1 
ATOM   794  C CA  . PHE A 1 102 ? 0.044   0.903   -5.628  1.00 23.93  ? 129 PHE A CA  1 
ATOM   795  C C   . PHE A 1 102 ? 1.074   2.031   -5.774  1.00 22.89  ? 129 PHE A C   1 
ATOM   796  O O   . PHE A 1 102 ? 2.064   2.060   -5.057  1.00 23.89  ? 129 PHE A O   1 
ATOM   797  C CB  . PHE A 1 102 ? 0.177   -0.043  -6.829  1.00 23.94  ? 129 PHE A CB  1 
ATOM   798  C CG  . PHE A 1 102 ? -0.236  -1.484  -6.552  1.00 23.46  ? 129 PHE A CG  1 
ATOM   799  C CD1 . PHE A 1 102 ? 0.611   -2.333  -5.880  1.00 22.14  ? 129 PHE A CD1 1 
ATOM   800  C CD2 . PHE A 1 102 ? -1.413  -1.986  -7.048  1.00 22.74  ? 129 PHE A CD2 1 
ATOM   801  C CE1 . PHE A 1 102 ? 0.292   -3.648  -5.662  1.00 23.75  ? 129 PHE A CE1 1 
ATOM   802  C CE2 . PHE A 1 102 ? -1.754  -3.307  -6.848  1.00 24.55  ? 129 PHE A CE2 1 
ATOM   803  C CZ  . PHE A 1 102 ? -0.920  -4.139  -6.115  1.00 25.54  ? 129 PHE A CZ  1 
ATOM   804  N N   . ASN A 1 103 ? 0.827   2.958   -6.690  1.00 21.60  ? 130 ASN A N   1 
ATOM   805  C CA  . ASN A 1 103 ? 1.701   4.130   -6.860  1.00 22.50  ? 130 ASN A CA  1 
ATOM   806  C C   . ASN A 1 103 ? 1.873   4.942   -5.594  1.00 21.13  ? 130 ASN A C   1 
ATOM   807  O O   . ASN A 1 103 ? 2.975   5.330   -5.260  1.00 21.71  ? 130 ASN A O   1 
ATOM   808  C CB  . ASN A 1 103 ? 1.182   5.063   -7.956  1.00 24.39  ? 130 ASN A CB  1 
ATOM   809  C CG  . ASN A 1 103 ? 1.311   4.461   -9.364  1.00 31.71  ? 130 ASN A CG  1 
ATOM   810  O OD1 . ASN A 1 103 ? 2.127   3.554   -9.608  1.00 30.82  ? 130 ASN A OD1 1 
ATOM   811  N ND2 . ASN A 1 103 ? 0.478   4.968   -10.304 1.00 34.29  ? 130 ASN A ND2 1 
ATOM   812  N N   . THR A 1 104 ? 0.782   5.206   -4.899  1.00 20.59  ? 131 THR A N   1 
ATOM   813  C CA  . THR A 1 104 ? 0.810   5.981   -3.659  1.00 21.47  ? 131 THR A CA  1 
ATOM   814  C C   . THR A 1 104 ? 1.701   5.267   -2.602  1.00 21.19  ? 131 THR A C   1 
ATOM   815  O O   . THR A 1 104 ? 2.453   5.921   -1.900  1.00 20.61  ? 131 THR A O   1 
ATOM   816  C CB  . THR A 1 104 ? -0.640  6.193   -3.161  1.00 22.47  ? 131 THR A CB  1 
ATOM   817  O OG1 . THR A 1 104 ? -1.340  6.972   -4.138  1.00 23.27  ? 131 THR A OG1 1 
ATOM   818  C CG2 . THR A 1 104 ? -0.704  6.873   -1.812  1.00 22.65  ? 131 THR A CG2 1 
ATOM   819  N N   . MET A 1 105 ? 1.599   3.942   -2.521  1.00 20.25  ? 132 MET A N   1 
ATOM   820  C CA  . MET A 1 105 ? 2.390   3.143   -1.584  1.00 21.42  ? 132 MET A CA  1 
ATOM   821  C C   . MET A 1 105 ? 3.867   3.251   -1.866  1.00 21.98  ? 132 MET A C   1 
ATOM   822  O O   . MET A 1 105 ? 4.640   3.448   -0.955  1.00 22.73  ? 132 MET A O   1 
ATOM   823  C CB  . MET A 1 105 ? 1.980   1.655   -1.693  1.00 22.52  ? 132 MET A CB  1 
ATOM   824  C CG  . MET A 1 105 ? 2.838   0.704   -0.893  1.00 23.01  ? 132 MET A CG  1 
ATOM   825  S SD  . MET A 1 105 ? 2.359   -1.020  -1.049  1.00 25.08  ? 132 MET A SD  1 
ATOM   826  C CE  . MET A 1 105 ? 2.902   -1.353  -2.703  1.00 26.82  ? 132 MET A CE  1 
ATOM   827  N N   . PHE A 1 106 ? 4.264   3.104   -3.133  1.00 22.25  ? 133 PHE A N   1 
ATOM   828  C CA  . PHE A 1 106 ? 5.669   3.225   -3.496  1.00 23.21  ? 133 PHE A CA  1 
ATOM   829  C C   . PHE A 1 106 ? 6.185   4.670   -3.284  1.00 22.95  ? 133 PHE A C   1 
ATOM   830  O O   . PHE A 1 106 ? 7.226   4.882   -2.693  1.00 23.26  ? 133 PHE A O   1 
ATOM   831  C CB  . PHE A 1 106 ? 5.905   2.825   -4.966  1.00 24.65  ? 133 PHE A CB  1 
ATOM   832  C CG  . PHE A 1 106 ? 5.629   1.364   -5.258  1.00 26.60  ? 133 PHE A CG  1 
ATOM   833  C CD1 . PHE A 1 106 ? 6.295   0.369   -4.584  1.00 27.85  ? 133 PHE A CD1 1 
ATOM   834  C CD2 . PHE A 1 106 ? 4.718   0.984   -6.241  1.00 28.81  ? 133 PHE A CD2 1 
ATOM   835  C CE1 . PHE A 1 106 ? 6.069   -0.988  -4.870  1.00 27.60  ? 133 PHE A CE1 1 
ATOM   836  C CE2 . PHE A 1 106 ? 4.471   -0.381  -6.510  1.00 28.89  ? 133 PHE A CE2 1 
ATOM   837  C CZ  . PHE A 1 106 ? 5.149   -1.361  -5.820  1.00 27.33  ? 133 PHE A CZ  1 
ATOM   838  N N   . THR A 1 107 ? 5.470   5.630   -3.831  1.00 21.97  ? 134 THR A N   1 
ATOM   839  C CA  . THR A 1 107 ? 5.741   7.030   -3.654  1.00 23.48  ? 134 THR A CA  1 
ATOM   840  C C   . THR A 1 107 ? 5.909   7.412   -2.154  1.00 25.44  ? 134 THR A C   1 
ATOM   841  O O   . THR A 1 107 ? 6.863   8.123   -1.830  1.00 23.86  ? 134 THR A O   1 
ATOM   842  C CB  . THR A 1 107 ? 4.639   7.849   -4.392  1.00 26.73  ? 134 THR A CB  1 
ATOM   843  O OG1 . THR A 1 107 ? 4.772   7.652   -5.829  1.00 26.19  ? 134 THR A OG1 1 
ATOM   844  C CG2 . THR A 1 107 ? 4.729   9.317   -4.094  1.00 29.40  ? 134 THR A CG2 1 
ATOM   845  N N   . ASN A 1 108 ? 5.067   6.895   -1.238  1.00 24.03  ? 135 ASN A N   1 
ATOM   846  C CA  . ASN A 1 108 ? 5.193   7.245   0.206   1.00 24.36  ? 135 ASN A CA  1 
ATOM   847  C C   . ASN A 1 108 ? 6.556   6.835   0.738   1.00 25.94  ? 135 ASN A C   1 
ATOM   848  O O   . ASN A 1 108 ? 7.171   7.582   1.507   1.00 27.74  ? 135 ASN A O   1 
ATOM   849  C CB  . ASN A 1 108 ? 4.148   6.579   1.100   1.00 24.51  ? 135 ASN A CB  1 
ATOM   850  C CG  . ASN A 1 108 ? 2.756   7.090   0.858   1.00 25.44  ? 135 ASN A CG  1 
ATOM   851  O OD1 . ASN A 1 108 ? 2.580   8.191   0.341   1.00 25.29  ? 135 ASN A OD1 1 
ATOM   852  N ND2 . ASN A 1 108 ? 1.761   6.298   1.234   1.00 22.74  ? 135 ASN A ND2 1 
ATOM   853  N N   . CYS A 1 109 ? 7.005   5.652   0.321   1.00 25.05  ? 136 CYS A N   1 
ATOM   854  C CA  . CYS A 1 109 ? 8.265   5.072   0.748   1.00 26.12  ? 136 CYS A CA  1 
ATOM   855  C C   . CYS A 1 109 ? 9.456   5.897   0.268   1.00 28.47  ? 136 CYS A C   1 
ATOM   856  O O   . CYS A 1 109 ? 10.329  6.263   1.060   1.00 27.87  ? 136 CYS A O   1 
ATOM   857  C CB  . CYS A 1 109 ? 8.355   3.645   0.265   1.00 25.82  ? 136 CYS A CB  1 
ATOM   858  S SG  . CYS A 1 109 ? 9.763   2.738   0.895   1.00 26.86  ? 136 CYS A SG  1 
ATOM   859  N N   . TYR A 1 110 ? 9.434   6.257   -1.019  1.00 29.22  ? 137 TYR A N   1 
ATOM   860  C CA  . TYR A 1 110 ? 10.406  7.207   -1.567  1.00 27.31  ? 137 TYR A CA  1 
ATOM   861  C C   . TYR A 1 110 ? 10.347  8.568   -0.865  1.00 26.92  ? 137 TYR A C   1 
ATOM   862  O O   . TYR A 1 110 ? 11.404  9.130   -0.586  1.00 26.04  ? 137 TYR A O   1 
ATOM   863  C CB  . TYR A 1 110 ? 10.245  7.379   -3.088  1.00 27.90  ? 137 TYR A CB  1 
ATOM   864  C CG  . TYR A 1 110 ? 10.146  6.077   -3.857  1.00 25.75  ? 137 TYR A CG  1 
ATOM   865  C CD1 . TYR A 1 110 ? 10.956  4.985   -3.518  1.00 27.15  ? 137 TYR A CD1 1 
ATOM   866  C CD2 . TYR A 1 110 ? 9.281   5.932   -4.927  1.00 24.19  ? 137 TYR A CD2 1 
ATOM   867  C CE1 . TYR A 1 110 ? 10.922  3.794   -4.226  1.00 25.05  ? 137 TYR A CE1 1 
ATOM   868  C CE2 . TYR A 1 110 ? 9.227   4.729   -5.629  1.00 26.43  ? 137 TYR A CE2 1 
ATOM   869  C CZ  . TYR A 1 110 ? 10.069  3.670   -5.260  1.00 26.77  ? 137 TYR A CZ  1 
ATOM   870  O OH  . TYR A 1 110 ? 10.052  2.456   -5.880  1.00 29.60  ? 137 TYR A OH  1 
ATOM   871  N N   . ILE A 1 111 ? 9.150   9.095   -0.561  1.00 27.73  ? 138 ILE A N   1 
ATOM   872  C CA  . ILE A 1 111 ? 9.031   10.389  0.138   1.00 29.11  ? 138 ILE A CA  1 
ATOM   873  C C   . ILE A 1 111 ? 9.714   10.351  1.538   1.00 29.51  ? 138 ILE A C   1 
ATOM   874  O O   . ILE A 1 111 ? 10.544  11.195  1.843   1.00 28.90  ? 138 ILE A O   1 
ATOM   875  C CB  . ILE A 1 111 ? 7.558   10.895  0.220   1.00 31.03  ? 138 ILE A CB  1 
ATOM   876  C CG1 . ILE A 1 111 ? 7.097   11.366  -1.178  1.00 33.23  ? 138 ILE A CG1 1 
ATOM   877  C CG2 . ILE A 1 111 ? 7.438   12.044  1.244   1.00 29.91  ? 138 ILE A CG2 1 
ATOM   878  C CD1 . ILE A 1 111 ? 5.652   11.823  -1.304  1.00 32.73  ? 138 ILE A CD1 1 
ATOM   879  N N   . TYR A 1 112 ? 9.419   9.316   2.321   1.00 29.97  ? 139 TYR A N   1 
ATOM   880  C CA  . TYR A 1 112 ? 9.786   9.252   3.710   1.00 30.34  ? 139 TYR A CA  1 
ATOM   881  C C   . TYR A 1 112 ? 11.287  8.961   3.899   1.00 31.95  ? 139 TYR A C   1 
ATOM   882  O O   . TYR A 1 112 ? 11.900  9.483   4.802   1.00 38.95  ? 139 TYR A O   1 
ATOM   883  C CB  . TYR A 1 112 ? 8.914   8.198   4.453   1.00 29.21  ? 139 TYR A CB  1 
ATOM   884  C CG  . TYR A 1 112 ? 9.272   8.052   5.921   1.00 29.69  ? 139 TYR A CG  1 
ATOM   885  C CD1 . TYR A 1 112 ? 8.912   9.017   6.837   1.00 29.60  ? 139 TYR A CD1 1 
ATOM   886  C CD2 . TYR A 1 112 ? 10.017  6.976   6.371   1.00 32.69  ? 139 TYR A CD2 1 
ATOM   887  C CE1 . TYR A 1 112 ? 9.261   8.900   8.179   1.00 32.35  ? 139 TYR A CE1 1 
ATOM   888  C CE2 . TYR A 1 112 ? 10.386  6.844   7.711   1.00 32.42  ? 139 TYR A CE2 1 
ATOM   889  C CZ  . TYR A 1 112 ? 10.003  7.811   8.608   1.00 32.03  ? 139 TYR A CZ  1 
ATOM   890  O OH  . TYR A 1 112 ? 10.378  7.692   9.915   1.00 30.96  ? 139 TYR A OH  1 
ATOM   891  N N   . ASN A 1 113 ? 11.858  8.115   3.062   1.00 32.72  ? 140 ASN A N   1 
ATOM   892  C CA  . ASN A 1 113 ? 13.234  7.641   3.227   1.00 33.94  ? 140 ASN A CA  1 
ATOM   893  C C   . ASN A 1 113 ? 14.189  8.323   2.252   1.00 36.25  ? 140 ASN A C   1 
ATOM   894  O O   . ASN A 1 113 ? 13.783  9.205   1.493   1.00 35.51  ? 140 ASN A O   1 
ATOM   895  C CB  . ASN A 1 113 ? 13.242  6.123   3.029   1.00 33.61  ? 140 ASN A CB  1 
ATOM   896  C CG  . ASN A 1 113 ? 12.268  5.429   3.951   1.00 32.30  ? 140 ASN A CG  1 
ATOM   897  O OD1 . ASN A 1 113 ? 12.519  5.368   5.151   1.00 32.71  ? 140 ASN A OD1 1 
ATOM   898  N ND2 . ASN A 1 113 ? 11.128  4.955   3.412   1.00 27.83  ? 140 ASN A ND2 1 
ATOM   899  N N   . LYS A 1 114 ? 15.467  7.962   2.347   1.00 42.23  ? 141 LYS A N   1 
ATOM   900  C CA  . LYS A 1 114 ? 16.537  8.483   1.491   1.00 46.66  ? 141 LYS A CA  1 
ATOM   901  C C   . LYS A 1 114 ? 16.810  7.512   0.374   1.00 41.93  ? 141 LYS A C   1 
ATOM   902  O O   . LYS A 1 114 ? 16.772  6.289   0.576   1.00 36.73  ? 141 LYS A O   1 
ATOM   903  C CB  . LYS A 1 114 ? 17.882  8.609   2.223   1.00 53.69  ? 141 LYS A CB  1 
ATOM   904  C CG  . LYS A 1 114 ? 17.853  9.314   3.557   1.00 60.38  ? 141 LYS A CG  1 
ATOM   905  C CD  . LYS A 1 114 ? 17.580  10.799  3.391   1.00 60.50  ? 141 LYS A CD  1 
ATOM   906  C CE  . LYS A 1 114 ? 18.075  11.538  4.624   1.00 59.86  ? 141 LYS A CE  1 
ATOM   907  N NZ  . LYS A 1 114 ? 17.828  12.984  4.485   1.00 57.33  ? 141 LYS A NZ  1 
ATOM   908  N N   . PRO A 1 115 ? 17.190  8.044   -0.781  1.00 40.39  ? 142 PRO A N   1 
ATOM   909  C CA  . PRO A 1 115 ? 17.687  7.186   -1.848  1.00 41.27  ? 142 PRO A CA  1 
ATOM   910  C C   . PRO A 1 115 ? 18.887  6.375   -1.354  1.00 40.16  ? 142 PRO A C   1 
ATOM   911  O O   . PRO A 1 115 ? 19.711  6.904   -0.609  1.00 41.09  ? 142 PRO A O   1 
ATOM   912  C CB  . PRO A 1 115 ? 18.099  8.173   -2.939  1.00 44.12  ? 142 PRO A CB  1 
ATOM   913  C CG  . PRO A 1 115 ? 17.473  9.482   -2.572  1.00 45.14  ? 142 PRO A CG  1 
ATOM   914  C CD  . PRO A 1 115 ? 17.218  9.480   -1.109  1.00 41.36  ? 142 PRO A CD  1 
ATOM   915  N N   . GLY A 1 116 ? 18.938  5.094   -1.703  1.00 39.28  ? 143 GLY A N   1 
ATOM   916  C CA  . GLY A 1 116 ? 19.989  4.186   -1.217  1.00 39.24  ? 143 GLY A CA  1 
ATOM   917  C C   . GLY A 1 116 ? 19.735  3.507   0.125   1.00 39.27  ? 143 GLY A C   1 
ATOM   918  O O   . GLY A 1 116 ? 20.416  2.529   0.483   1.00 38.13  ? 143 GLY A O   1 
ATOM   919  N N   . ASP A 1 117 ? 18.760  3.994   0.881   1.00 36.44  ? 144 ASP A N   1 
ATOM   920  C CA  . ASP A 1 117 ? 18.301  3.240   2.046   1.00 33.85  ? 144 ASP A CA  1 
ATOM   921  C C   . ASP A 1 117 ? 17.768  1.901   1.594   1.00 31.88  ? 144 ASP A C   1 
ATOM   922  O O   . ASP A 1 117 ? 17.173  1.781   0.513   1.00 33.28  ? 144 ASP A O   1 
ATOM   923  C CB  . ASP A 1 117 ? 17.170  3.961   2.745   1.00 34.72  ? 144 ASP A CB  1 
ATOM   924  C CG  . ASP A 1 117 ? 17.620  5.158   3.470   1.00 35.75  ? 144 ASP A CG  1 
ATOM   925  O OD1 . ASP A 1 117 ? 18.814  5.252   3.782   1.00 40.05  ? 144 ASP A OD1 1 
ATOM   926  O OD2 . ASP A 1 117 ? 16.771  6.012   3.763   1.00 38.94  ? 144 ASP A OD2 1 
ATOM   927  N N   . ASP A 1 118 ? 17.927  0.907   2.443   1.00 31.57  ? 145 ASP A N   1 
ATOM   928  C CA  . ASP A 1 118 ? 17.512  -0.445  2.116   1.00 33.35  ? 145 ASP A CA  1 
ATOM   929  C C   . ASP A 1 118 ? 16.030  -0.521  1.803   1.00 30.71  ? 145 ASP A C   1 
ATOM   930  O O   . ASP A 1 118 ? 15.620  -1.191  0.856   1.00 30.37  ? 145 ASP A O   1 
ATOM   931  C CB  . ASP A 1 118 ? 17.783  -1.393  3.281   1.00 35.95  ? 145 ASP A CB  1 
ATOM   932  C CG  . ASP A 1 118 ? 19.253  -1.776  3.431   1.00 39.06  ? 145 ASP A CG  1 
ATOM   933  O OD1 . ASP A 1 118 ? 20.038  -1.800  2.444   1.00 37.02  ? 145 ASP A OD1 1 
ATOM   934  O OD2 . ASP A 1 118 ? 19.589  -2.135  4.586   1.00 46.40  ? 145 ASP A OD2 1 
ATOM   935  N N   . ILE A 1 119 ? 15.227  0.154   2.611   1.00 28.99  ? 146 ILE A N   1 
ATOM   936  C CA  . ILE A 1 119 ? 13.788  0.163   2.388   1.00 29.54  ? 146 ILE A CA  1 
ATOM   937  C C   . ILE A 1 119 ? 13.444  0.661   0.942   1.00 29.26  ? 146 ILE A C   1 
ATOM   938  O O   . ILE A 1 119 ? 12.611  0.066   0.281   1.00 28.01  ? 146 ILE A O   1 
ATOM   939  C CB  . ILE A 1 119 ? 13.038  0.883   3.531   1.00 28.88  ? 146 ILE A CB  1 
ATOM   940  C CG1 . ILE A 1 119 ? 11.516  0.664   3.489   1.00 31.05  ? 146 ILE A CG1 1 
ATOM   941  C CG2 . ILE A 1 119 ? 13.291  2.378   3.522   1.00 29.72  ? 146 ILE A CG2 1 
ATOM   942  C CD1 . ILE A 1 119 ? 11.018  -0.766  3.558   1.00 31.19  ? 146 ILE A CD1 1 
ATOM   943  N N   . VAL A 1 120 ? 14.139  1.688   0.457   1.00 28.02  ? 147 VAL A N   1 
ATOM   944  C CA  . VAL A 1 120 ? 13.903  2.249   -0.882  1.00 28.05  ? 147 VAL A CA  1 
ATOM   945  C C   . VAL A 1 120 ? 14.274  1.217   -1.971  1.00 29.04  ? 147 VAL A C   1 
ATOM   946  O O   . VAL A 1 120 ? 13.547  1.035   -2.944  1.00 29.02  ? 147 VAL A O   1 
ATOM   947  C CB  . VAL A 1 120 ? 14.651  3.603   -1.036  1.00 27.86  ? 147 VAL A CB  1 
ATOM   948  C CG1 . VAL A 1 120 ? 14.534  4.181   -2.446  1.00 27.09  ? 147 VAL A CG1 1 
ATOM   949  C CG2 . VAL A 1 120 ? 14.112  4.603   -0.021  1.00 26.05  ? 147 VAL A CG2 1 
ATOM   950  N N   . LEU A 1 121 ? 15.358  0.494   -1.755  1.00 29.63  ? 148 LEU A N   1 
ATOM   951  C CA  . LEU A 1 121 ? 15.739  -0.588  -2.637  1.00 31.64  ? 148 LEU A CA  1 
ATOM   952  C C   . LEU A 1 121 ? 14.687  -1.687  -2.639  1.00 31.62  ? 148 LEU A C   1 
ATOM   953  O O   . LEU A 1 121 ? 14.464  -2.323  -3.668  1.00 31.39  ? 148 LEU A O   1 
ATOM   954  C CB  . LEU A 1 121 ? 17.112  -1.177  -2.250  1.00 33.58  ? 148 LEU A CB  1 
ATOM   955  C CG  . LEU A 1 121 ? 18.316  -0.188  -2.168  1.00 39.82  ? 148 LEU A CG  1 
ATOM   956  C CD1 . LEU A 1 121 ? 19.585  -0.890  -1.675  1.00 40.02  ? 148 LEU A CD1 1 
ATOM   957  C CD2 . LEU A 1 121 ? 18.587  0.598   -3.469  1.00 40.80  ? 148 LEU A CD2 1 
ATOM   958  N N   . MET A 1 122 ? 14.065  -1.944  -1.487  1.00 30.12  ? 149 MET A N   1 
ATOM   959  C CA  . MET A 1 122 ? 12.971  -2.896  -1.433  1.00 29.33  ? 149 MET A CA  1 
ATOM   960  C C   . MET A 1 122 ? 11.787  -2.445  -2.290  1.00 29.40  ? 149 MET A C   1 
ATOM   961  O O   . MET A 1 122 ? 11.289  -3.226  -3.132  1.00 30.00  ? 149 MET A O   1 
ATOM   962  C CB  . MET A 1 122 ? 12.541  -3.169  -0.004  1.00 28.81  ? 149 MET A CB  1 
ATOM   963  C CG  . MET A 1 122 ? 13.577  -3.978  0.755   1.00 28.93  ? 149 MET A CG  1 
ATOM   964  S SD  . MET A 1 122 ? 13.194  -4.069  2.512   1.00 28.44  ? 149 MET A SD  1 
ATOM   965  C CE  . MET A 1 122 ? 12.174  -5.532  2.569   1.00 24.71  ? 149 MET A CE  1 
ATOM   966  N N   . ALA A 1 123 ? 11.386  -1.188  -2.113  1.00 26.63  ? 150 ALA A N   1 
ATOM   967  C CA  . ALA A 1 123 ? 10.309  -0.611  -2.916  1.00 26.23  ? 150 ALA A CA  1 
ATOM   968  C C   . ALA A 1 123 ? 10.646  -0.586  -4.414  1.00 25.82  ? 150 ALA A C   1 
ATOM   969  O O   . ALA A 1 123 ? 9.814   -0.938  -5.218  1.00 28.62  ? 150 ALA A O   1 
ATOM   970  C CB  . ALA A 1 123 ? 9.963   0.778   -2.419  1.00 24.88  ? 150 ALA A CB  1 
ATOM   971  N N   . GLU A 1 124 ? 11.868  -0.199  -4.771  1.00 28.09  ? 151 GLU A N   1 
ATOM   972  C CA  . GLU A 1 124 ? 12.305  -0.135  -6.163  1.00 29.94  ? 151 GLU A CA  1 
ATOM   973  C C   . GLU A 1 124 ? 12.134  -1.475  -6.832  1.00 29.79  ? 151 GLU A C   1 
ATOM   974  O O   . GLU A 1 124 ? 11.615  -1.541  -7.953  1.00 28.79  ? 151 GLU A O   1 
ATOM   975  C CB  . GLU A 1 124 ? 13.771  0.334   -6.291  1.00 32.55  ? 151 GLU A CB  1 
ATOM   976  C CG  . GLU A 1 124 ? 13.972  1.857   -6.240  1.00 35.53  ? 151 GLU A CG  1 
ATOM   977  C CD  . GLU A 1 124 ? 15.426  2.302   -5.959  1.00 38.56  ? 151 GLU A CD  1 
ATOM   978  O OE1 . GLU A 1 124 ? 16.377  1.538   -6.255  1.00 36.54  ? 151 GLU A OE1 1 
ATOM   979  O OE2 . GLU A 1 124 ? 15.633  3.460   -5.465  1.00 42.69  ? 151 GLU A OE2 1 
ATOM   980  N N   . ALA A 1 125 ? 12.555  -2.537  -6.142  1.00 29.00  ? 152 ALA A N   1 
ATOM   981  C CA  . ALA A 1 125 ? 12.485  -3.901  -6.687  1.00 29.78  ? 152 ALA A CA  1 
ATOM   982  C C   . ALA A 1 125 ? 11.058  -4.337  -6.971  1.00 30.07  ? 152 ALA A C   1 
ATOM   983  O O   . ALA A 1 125 ? 10.753  -4.895  -8.027  1.00 30.52  ? 152 ALA A O   1 
ATOM   984  C CB  . ALA A 1 125 ? 13.125  -4.888  -5.730  1.00 29.40  ? 152 ALA A CB  1 
ATOM   985  N N   . LEU A 1 126 ? 10.184  -4.062  -6.008  1.00 31.90  ? 153 LEU A N   1 
ATOM   986  C CA  . LEU A 1 126 ? 8.768   -4.365  -6.126  1.00 29.48  ? 153 LEU A CA  1 
ATOM   987  C C   . LEU A 1 126 ? 8.119   -3.525  -7.191  1.00 28.39  ? 153 LEU A C   1 
ATOM   988  O O   . LEU A 1 126 ? 7.275   -4.017  -7.948  1.00 29.92  ? 153 LEU A O   1 
ATOM   989  C CB  . LEU A 1 126 ? 8.066   -4.136  -4.789  1.00 28.19  ? 153 LEU A CB  1 
ATOM   990  C CG  . LEU A 1 126 ? 8.435   -5.076  -3.642  1.00 28.51  ? 153 LEU A CG  1 
ATOM   991  C CD1 . LEU A 1 126 ? 7.664   -4.615  -2.414  1.00 31.04  ? 153 LEU A CD1 1 
ATOM   992  C CD2 . LEU A 1 126 ? 8.159   -6.551  -3.933  1.00 28.51  ? 153 LEU A CD2 1 
ATOM   993  N N   . GLU A 1 127 ? 8.511   -2.258  -7.249  1.00 29.49  ? 154 GLU A N   1 
ATOM   994  C CA  . GLU A 1 127 ? 7.955   -1.355  -8.221  1.00 30.14  ? 154 GLU A CA  1 
ATOM   995  C C   . GLU A 1 127 ? 8.335   -1.826  -9.607  1.00 29.37  ? 154 GLU A C   1 
ATOM   996  O O   . GLU A 1 127 ? 7.496   -1.858  -10.458 1.00 30.34  ? 154 GLU A O   1 
ATOM   997  C CB  . GLU A 1 127 ? 8.408   0.089   -7.980  1.00 31.96  ? 154 GLU A CB  1 
ATOM   998  C CG  . GLU A 1 127 ? 7.662   1.064   -8.865  1.00 33.21  ? 154 GLU A CG  1 
ATOM   999  C CD  . GLU A 1 127 ? 8.142   2.495   -8.745  1.00 37.34  ? 154 GLU A CD  1 
ATOM   1000 O OE1 . GLU A 1 127 ? 9.275   2.732   -8.340  1.00 38.72  ? 154 GLU A OE1 1 
ATOM   1001 O OE2 . GLU A 1 127 ? 7.376   3.405   -9.089  1.00 38.66  ? 154 GLU A OE2 1 
ATOM   1002 N N   . LYS A 1 128 ? 9.593   -2.200  -9.829  1.00 33.09  ? 155 LYS A N   1 
ATOM   1003 C CA  . LYS A 1 128 ? 10.066  -2.749  -11.132 1.00 35.83  ? 155 LYS A CA  1 
ATOM   1004 C C   . LYS A 1 128 ? 9.229   -3.989  -11.556 1.00 34.68  ? 155 LYS A C   1 
ATOM   1005 O O   . LYS A 1 128 ? 8.677   -4.062  -12.671 1.00 30.05  ? 155 LYS A O   1 
ATOM   1006 C CB  . LYS A 1 128 ? 11.561  -3.113  -11.020 1.00 44.84  ? 155 LYS A CB  1 
ATOM   1007 C CG  . LYS A 1 128 ? 12.320  -3.420  -12.319 1.00 53.29  ? 155 LYS A CG  1 
ATOM   1008 C CD  . LYS A 1 128 ? 13.772  -3.902  -12.078 1.00 60.50  ? 155 LYS A CD  1 
ATOM   1009 C CE  . LYS A 1 128 ? 14.173  -5.133  -12.903 1.00 61.47  ? 155 LYS A CE  1 
ATOM   1010 N NZ  . LYS A 1 128 ? 14.837  -6.167  -12.050 1.00 65.50  ? 155 LYS A NZ  1 
ATOM   1011 N N   . LEU A 1 129 ? 9.094   -4.918  -10.629 1.00 31.33  ? 156 LEU A N   1 
ATOM   1012 C CA  . LEU A 1 129 ? 8.299   -6.121  -10.840 1.00 33.98  ? 156 LEU A CA  1 
ATOM   1013 C C   . LEU A 1 129 ? 6.804   -5.749  -11.104 1.00 35.25  ? 156 LEU A C   1 
ATOM   1014 O O   . LEU A 1 129 ? 6.142   -6.290  -12.007 1.00 30.49  ? 156 LEU A O   1 
ATOM   1015 C CB  . LEU A 1 129 ? 8.386   -7.002  -9.589  1.00 34.50  ? 156 LEU A CB  1 
ATOM   1016 C CG  . LEU A 1 129 ? 8.517   -8.511  -9.723  1.00 44.34  ? 156 LEU A CG  1 
ATOM   1017 C CD1 . LEU A 1 129 ? 7.962   -9.166  -8.448  1.00 43.88  ? 156 LEU A CD1 1 
ATOM   1018 C CD2 . LEU A 1 129 ? 7.847   -9.097  -10.970 1.00 45.28  ? 156 LEU A CD2 1 
ATOM   1019 N N   . PHE A 1 130 ? 6.279   -4.842  -10.276 1.00 28.05  ? 157 PHE A N   1 
ATOM   1020 C CA  . PHE A 1 130 ? 4.970   -4.312  -10.498 1.00 27.08  ? 157 PHE A CA  1 
ATOM   1021 C C   . PHE A 1 130 ? 4.773   -3.824  -11.918 1.00 26.02  ? 157 PHE A C   1 
ATOM   1022 O O   . PHE A 1 130 ? 3.776   -4.169  -12.539 1.00 24.21  ? 157 PHE A O   1 
ATOM   1023 C CB  . PHE A 1 130 ? 4.712   -3.160  -9.539  1.00 26.18  ? 157 PHE A CB  1 
ATOM   1024 C CG  . PHE A 1 130 ? 3.410   -2.469  -9.760  1.00 24.18  ? 157 PHE A CG  1 
ATOM   1025 C CD1 . PHE A 1 130 ? 2.228   -3.088  -9.421  1.00 23.36  ? 157 PHE A CD1 1 
ATOM   1026 C CD2 . PHE A 1 130 ? 3.375   -1.161  -10.278 1.00 26.23  ? 157 PHE A CD2 1 
ATOM   1027 C CE1 . PHE A 1 130 ? 1.025   -2.435  -9.598  1.00 23.83  ? 157 PHE A CE1 1 
ATOM   1028 C CE2 . PHE A 1 130 ? 2.165   -0.495  -10.451 1.00 24.08  ? 157 PHE A CE2 1 
ATOM   1029 C CZ  . PHE A 1 130 ? 0.997   -1.135  -10.104 1.00 23.09  ? 157 PHE A CZ  1 
ATOM   1030 N N   . LEU A 1 131 ? 5.698   -2.992  -12.391 1.00 27.06  ? 158 LEU A N   1 
ATOM   1031 C CA  . LEU A 1 131 ? 5.614   -2.414  -13.719 1.00 28.97  ? 158 LEU A CA  1 
ATOM   1032 C C   . LEU A 1 131 ? 5.722   -3.449  -14.823 1.00 30.24  ? 158 LEU A C   1 
ATOM   1033 O O   . LEU A 1 131 ? 4.976   -3.368  -15.796 1.00 32.52  ? 158 LEU A O   1 
ATOM   1034 C CB  . LEU A 1 131 ? 6.595   -1.242  -13.898 1.00 32.43  ? 158 LEU A CB  1 
ATOM   1035 C CG  . LEU A 1 131 ? 6.365   -0.060  -12.909 1.00 33.91  ? 158 LEU A CG  1 
ATOM   1036 C CD1 . LEU A 1 131 ? 7.483   0.957   -12.955 1.00 34.48  ? 158 LEU A CD1 1 
ATOM   1037 C CD2 . LEU A 1 131 ? 5.026   0.594   -13.152 1.00 35.92  ? 158 LEU A CD2 1 
ATOM   1038 N N   . GLN A 1 132 ? 6.541   -4.483  -14.660 1.00 32.11  ? 159 GLN A N   1 
ATOM   1039 C CA  . GLN A 1 132 ? 6.550   -5.564  -15.646 1.00 33.36  ? 159 GLN A CA  1 
ATOM   1040 C C   . GLN A 1 132 ? 5.225   -6.274  -15.772 1.00 30.98  ? 159 GLN A C   1 
ATOM   1041 O O   . GLN A 1 132 ? 4.768   -6.534  -16.860 1.00 29.39  ? 159 GLN A O   1 
ATOM   1042 C CB  . GLN A 1 132 ? 7.550   -6.635  -15.303 1.00 41.51  ? 159 GLN A CB  1 
ATOM   1043 C CG  . GLN A 1 132 ? 8.879   -6.496  -15.977 1.00 48.52  ? 159 GLN A CG  1 
ATOM   1044 C CD  . GLN A 1 132 ? 9.809   -7.565  -15.464 1.00 56.62  ? 159 GLN A CD  1 
ATOM   1045 O OE1 . GLN A 1 132 ? 9.457   -8.754  -15.467 1.00 54.20  ? 159 GLN A OE1 1 
ATOM   1046 N NE2 . GLN A 1 132 ? 10.979  -7.146  -14.961 1.00 60.10  ? 159 GLN A NE2 1 
ATOM   1047 N N   . LYS A 1 133 ? 4.654   -6.648  -14.638 1.00 32.63  ? 160 LYS A N   1 
ATOM   1048 C CA  . LYS A 1 133 ? 3.361   -7.344  -14.588 1.00 32.44  ? 160 LYS A CA  1 
ATOM   1049 C C   . LYS A 1 133 ? 2.212   -6.515  -15.162 1.00 34.10  ? 160 LYS A C   1 
ATOM   1050 O O   . LYS A 1 133 ? 1.268   -7.069  -15.732 1.00 35.55  ? 160 LYS A O   1 
ATOM   1051 C CB  . LYS A 1 133 ? 3.028   -7.712  -13.146 1.00 33.36  ? 160 LYS A CB  1 
ATOM   1052 C CG  . LYS A 1 133 ? 3.925   -8.780  -12.504 1.00 38.43  ? 160 LYS A CG  1 
ATOM   1053 C CD  . LYS A 1 133 ? 4.121   -9.990  -13.397 1.00 41.74  ? 160 LYS A CD  1 
ATOM   1054 C CE  . LYS A 1 133 ? 4.447   -11.251 -12.597 1.00 46.87  ? 160 LYS A CE  1 
ATOM   1055 N NZ  . LYS A 1 133 ? 4.595   -12.433 -13.515 1.00 46.31  ? 160 LYS A NZ  1 
ATOM   1056 N N   . ILE A 1 134 ? 2.321   -5.201  -14.959 1.00 36.61  ? 161 ILE A N   1 
ATOM   1057 C CA  . ILE A 1 134 ? 1.439   -4.167  -15.490 1.00 41.10  ? 161 ILE A CA  1 
ATOM   1058 C C   . ILE A 1 134 ? 1.478   -3.997  -17.011 1.00 37.97  ? 161 ILE A C   1 
ATOM   1059 O O   . ILE A 1 134 ? 0.433   -3.643  -17.586 1.00 31.03  ? 161 ILE A O   1 
ATOM   1060 C CB  . ILE A 1 134 ? 1.746   -2.765  -14.810 1.00 44.64  ? 161 ILE A CB  1 
ATOM   1061 C CG1 . ILE A 1 134 ? 1.042   -2.634  -13.452 1.00 44.81  ? 161 ILE A CG1 1 
ATOM   1062 C CG2 . ILE A 1 134 ? 1.361   -1.551  -15.667 1.00 47.32  ? 161 ILE A CG2 1 
ATOM   1063 C CD1 . ILE A 1 134 ? -0.414  -3.015  -13.464 1.00 46.63  ? 161 ILE A CD1 1 
ATOM   1064 N N   . ASN A 1 135 ? 2.655   -4.173  -17.636 1.00 38.37  ? 162 ASN A N   1 
ATOM   1065 C CA  . ASN A 1 135 ? 2.757   -4.092  -19.090 1.00 44.57  ? 162 ASN A CA  1 
ATOM   1066 C C   . ASN A 1 135 ? 1.833   -5.133  -19.662 1.00 47.23  ? 162 ASN A C   1 
ATOM   1067 O O   . ASN A 1 135 ? 1.018   -4.807  -20.507 1.00 49.48  ? 162 ASN A O   1 
ATOM   1068 C CB  . ASN A 1 135 ? 4.201   -4.202  -19.649 1.00 49.60  ? 162 ASN A CB  1 
ATOM   1069 C CG  . ASN A 1 135 ? 4.863   -2.817  -19.830 1.00 52.72  ? 162 ASN A CG  1 
ATOM   1070 O OD1 . ASN A 1 135 ? 4.449   -2.020  -20.670 1.00 51.34  ? 162 ASN A OD1 1 
ATOM   1071 N ND2 . ASN A 1 135 ? 5.887   -2.531  -19.018 1.00 53.52  ? 162 ASN A ND2 1 
ATOM   1072 N N   . GLU A 1 136 ? 1.857   -6.331  -19.086 1.00 50.97  ? 163 GLU A N   1 
ATOM   1073 C CA  . GLU A 1 136 ? 1.022   -7.438  -19.555 1.00 52.77  ? 163 GLU A CA  1 
ATOM   1074 C C   . GLU A 1 136 ? -0.411  -7.449  -18.971 1.00 46.70  ? 163 GLU A C   1 
ATOM   1075 O O   . GLU A 1 136 ? -0.817  -8.444  -18.412 1.00 49.22  ? 163 GLU A O   1 
ATOM   1076 C CB  . GLU A 1 136 ? 1.746   -8.775  -19.264 1.00 55.40  ? 163 GLU A CB  1 
ATOM   1077 C CG  . GLU A 1 136 ? 3.219   -8.839  -19.712 1.00 56.31  ? 163 GLU A CG  1 
ATOM   1078 C CD  . GLU A 1 136 ? 3.473   -8.339  -21.141 1.00 57.10  ? 163 GLU A CD  1 
ATOM   1079 O OE1 . GLU A 1 136 ? 2.784   -8.818  -22.100 1.00 55.37  ? 163 GLU A OE1 1 
ATOM   1080 O OE2 . GLU A 1 136 ? 4.377   -7.461  -21.301 1.00 56.51  ? 163 GLU A OE2 1 
ATOM   1081 N N   . LEU A 1 137 ? -1.168  -6.365  -19.150 1.00 39.84  ? 164 LEU A N   1 
ATOM   1082 C CA  . LEU A 1 137 ? -2.569  -6.234  -18.686 1.00 40.41  ? 164 LEU A CA  1 
ATOM   1083 C C   . LEU A 1 137 ? -3.499  -6.542  -19.854 1.00 39.73  ? 164 LEU A C   1 
ATOM   1084 O O   . LEU A 1 137 ? -3.146  -6.217  -20.972 1.00 41.91  ? 164 LEU A O   1 
ATOM   1085 C CB  . LEU A 1 137 ? -2.813  -4.787  -18.219 1.00 42.38  ? 164 LEU A CB  1 
ATOM   1086 C CG  . LEU A 1 137 ? -3.793  -4.445  -17.101 1.00 43.91  ? 164 LEU A CG  1 
ATOM   1087 C CD1 . LEU A 1 137 ? -3.420  -5.126  -15.796 1.00 44.20  ? 164 LEU A CD1 1 
ATOM   1088 C CD2 . LEU A 1 137 ? -3.866  -2.920  -16.906 1.00 44.32  ? 164 LEU A CD2 1 
ATOM   1089 N N   . PRO A 1 138 ? -4.676  -7.171  -19.615 1.00 38.70  ? 165 PRO A N   1 
ATOM   1090 C CA  . PRO A 1 138 ? -5.644  -7.452  -20.679 1.00 41.66  ? 165 PRO A CA  1 
ATOM   1091 C C   . PRO A 1 138 ? -5.972  -6.261  -21.576 1.00 42.19  ? 165 PRO A C   1 
ATOM   1092 O O   . PRO A 1 138 ? -6.273  -5.196  -21.038 1.00 48.02  ? 165 PRO A O   1 
ATOM   1093 C CB  . PRO A 1 138 ? -6.912  -7.861  -19.891 1.00 41.60  ? 165 PRO A CB  1 
ATOM   1094 C CG  . PRO A 1 138 ? -6.397  -8.456  -18.621 1.00 39.43  ? 165 PRO A CG  1 
ATOM   1095 C CD  . PRO A 1 138 ? -5.065  -7.817  -18.344 1.00 40.27  ? 165 PRO A CD  1 
HETATM 1096 C CAW . 5FZ B 2 .   ? 13.518  3.072   8.820   1.00 40.34  ? 201 5FZ A CAW 1 
HETATM 1097 O OAJ . 5FZ B 2 .   ? 12.505  2.096   9.183   1.00 38.34  ? 201 5FZ A OAJ 1 
HETATM 1098 C CAH . 5FZ B 2 .   ? 11.443  1.994   8.325   1.00 34.49  ? 201 5FZ A CAH 1 
HETATM 1099 C CAI . 5FZ B 2 .   ? 11.171  2.912   7.308   1.00 34.27  ? 201 5FZ A CAI 1 
HETATM 1100 C CAA . 5FZ B 2 .   ? 10.112  2.738   6.532   1.00 36.19  ? 201 5FZ A CAA 1 
HETATM 1101 O OAB . 5FZ B 2 .   ? 9.718   3.505   5.522   1.00 41.52  ? 201 5FZ A OAB 1 
HETATM 1102 N NAC . 5FZ B 2 .   ? 8.443   2.785   4.968   1.00 40.38  ? 201 5FZ A NAC 1 
HETATM 1103 C CAD . 5FZ B 2 .   ? 8.296   1.726   5.732   1.00 34.74  ? 201 5FZ A CAD 1 
HETATM 1104 C CAX . 5FZ B 2 .   ? 7.175   0.753   5.538   1.00 36.73  ? 201 5FZ A CAX 1 
HETATM 1105 C CAY . 5FZ B 2 .   ? 6.567   0.970   4.145   1.00 36.24  ? 201 5FZ A CAY 1 
HETATM 1106 C CAE . 5FZ B 2 .   ? 9.258   1.659   6.671   1.00 36.84  ? 201 5FZ A CAE 1 
HETATM 1107 C CAF . 5FZ B 2 .   ? 9.477   0.748   7.644   1.00 32.31  ? 201 5FZ A CAF 1 
HETATM 1108 C CAG . 5FZ B 2 .   ? 10.573  0.909   8.494   1.00 32.51  ? 201 5FZ A CAG 1 
HETATM 1109 N NAK . 5FZ B 2 .   ? 10.832  0.088   9.494   1.00 36.21  ? 201 5FZ A NAK 1 
HETATM 1110 S SAL . 5FZ B 2 .   ? 11.058  -1.505  9.236   1.00 38.54  ? 201 5FZ A SAL 1 
HETATM 1111 O OAM . 5FZ B 2 .   ? 9.893   -2.244  8.564   1.00 39.08  ? 201 5FZ A OAM 1 
HETATM 1112 O OAN . 5FZ B 2 .   ? 11.294  -2.120  10.590  1.00 42.43  ? 201 5FZ A OAN 1 
HETATM 1113 C CAO . 5FZ B 2 .   ? 12.356  -1.518  8.328   1.00 39.55  ? 201 5FZ A CAO 1 
HETATM 1114 C CAP . 5FZ B 2 .   ? 13.521  -0.941  8.844   1.00 41.30  ? 201 5FZ A CAP 1 
HETATM 1115 C CAQ . 5FZ B 2 .   ? 14.685  -0.946  8.090   1.00 42.00  ? 201 5FZ A CAQ 1 
HETATM 1116 C CAR . 5FZ B 2 .   ? 14.626  -1.518  6.822   1.00 42.82  ? 201 5FZ A CAR 1 
HETATM 1117 O OAU . 5FZ B 2 .   ? 15.753  -1.520  6.087   1.00 49.93  ? 201 5FZ A OAU 1 
HETATM 1118 C CAV . 5FZ B 2 .   ? 15.975  -2.825  5.498   1.00 51.36  ? 201 5FZ A CAV 1 
HETATM 1119 C CAS . 5FZ B 2 .   ? 13.448  -2.082  6.307   1.00 38.35  ? 201 5FZ A CAS 1 
HETATM 1120 C CAT . 5FZ B 2 .   ? 12.292  -2.069  7.053   1.00 38.53  ? 201 5FZ A CAT 1 
HETATM 1121 O O   . HOH C 3 .   ? 12.622  11.026  0.517   1.00 24.92  ? 301 HOH A O   1 
HETATM 1122 O O   . HOH C 3 .   ? 12.058  12.681  12.771  1.00 28.04  ? 302 HOH A O   1 
HETATM 1123 O O   . HOH C 3 .   ? 14.023  5.391   -5.499  1.00 39.11  ? 303 HOH A O   1 
HETATM 1124 O O   . HOH C 3 .   ? -4.486  5.432   7.568   1.00 22.01  ? 304 HOH A O   1 
HETATM 1125 O O   . HOH C 3 .   ? 3.051   1.084   2.591   1.00 26.73  ? 305 HOH A O   1 
HETATM 1126 O O   . HOH C 3 .   ? 6.437   5.491   17.405  1.00 40.87  ? 306 HOH A O   1 
HETATM 1127 O O   . HOH C 3 .   ? -10.629 -2.102  -15.221 1.00 29.39  ? 307 HOH A O   1 
HETATM 1128 O O   . HOH C 3 .   ? -4.691  7.726   16.255  1.00 33.20  ? 308 HOH A O   1 
HETATM 1129 O O   . HOH C 3 .   ? -1.837  2.021   4.839   1.00 22.88  ? 309 HOH A O   1 
HETATM 1130 O O   . HOH C 3 .   ? 6.444   4.295   3.270   1.00 25.49  ? 310 HOH A O   1 
HETATM 1131 O O   . HOH C 3 .   ? 7.487   -3.300  8.293   1.00 35.11  ? 311 HOH A O   1 
HETATM 1132 O O   . HOH C 3 .   ? -0.400  -2.414  10.700  1.00 30.14  ? 312 HOH A O   1 
HETATM 1133 O O   . HOH C 3 .   ? 2.122   4.424   3.473   1.00 29.14  ? 313 HOH A O   1 
HETATM 1134 O O   . HOH C 3 .   ? 4.903   2.719   1.644   1.00 28.58  ? 314 HOH A O   1 
HETATM 1135 O O   . HOH C 3 .   ? 3.555   -1.875  9.713   1.00 28.64  ? 315 HOH A O   1 
HETATM 1136 O O   . HOH C 3 .   ? 3.266   -0.639  4.826   1.00 28.93  ? 316 HOH A O   1 
HETATM 1137 O O   . HOH C 3 .   ? 5.204   -1.894  7.814   1.00 38.85  ? 317 HOH A O   1 
HETATM 1138 O O   . HOH C 3 .   ? -1.071  1.715   11.443  1.00 27.08  ? 318 HOH A O   1 
HETATM 1139 O O   . HOH C 3 .   ? 4.208   10.562  16.848  1.00 27.76  ? 319 HOH A O   1 
HETATM 1140 O O   . HOH C 3 .   ? 3.382   9.180   13.142  1.00 25.57  ? 320 HOH A O   1 
HETATM 1141 O O   . HOH C 3 .   ? 16.041  1.365   5.010   1.00 26.79  ? 321 HOH A O   1 
HETATM 1142 O O   . HOH C 3 .   ? 16.473  -2.601  -5.680  1.00 36.87  ? 322 HOH A O   1 
HETATM 1143 O O   . HOH C 3 .   ? -10.872 -5.232  -17.818 1.00 44.32  ? 323 HOH A O   1 
HETATM 1144 O O   . HOH C 3 .   ? 8.217   -10.571 2.532   1.00 26.83  ? 324 HOH A O   1 
HETATM 1145 O O   . HOH C 3 .   ? -2.362  3.649   7.700   1.00 21.70  ? 325 HOH A O   1 
HETATM 1146 O O   . HOH C 3 .   ? 12.240  0.828   12.081  1.00 35.47  ? 326 HOH A O   1 
HETATM 1147 O O   . HOH C 3 .   ? 0.764   2.637   5.471   1.00 25.42  ? 327 HOH A O   1 
HETATM 1148 O O   . HOH C 3 .   ? -8.833  1.786   -15.505 1.00 23.42  ? 328 HOH A O   1 
HETATM 1149 O O   . HOH C 3 .   ? 15.305  3.738   5.664   1.00 43.84  ? 329 HOH A O   1 
HETATM 1150 O O   . HOH C 3 .   ? 13.844  12.566  1.891   1.00 29.45  ? 330 HOH A O   1 
HETATM 1151 O O   . HOH C 3 .   ? -13.858 -6.691  -21.707 1.00 39.62  ? 331 HOH A O   1 
# 
loop_
_pdbx_poly_seq_scheme.asym_id 
_pdbx_poly_seq_scheme.entity_id 
_pdbx_poly_seq_scheme.seq_id 
_pdbx_poly_seq_scheme.mon_id 
_pdbx_poly_seq_scheme.ndb_seq_num 
_pdbx_poly_seq_scheme.pdb_seq_num 
_pdbx_poly_seq_scheme.auth_seq_num 
_pdbx_poly_seq_scheme.pdb_mon_id 
_pdbx_poly_seq_scheme.auth_mon_id 
_pdbx_poly_seq_scheme.pdb_strand_id 
_pdbx_poly_seq_scheme.pdb_ins_code 
_pdbx_poly_seq_scheme.hetero 
A 1 1   MET 1   28  ?   ?   ?   A . n 
A 1 2   LYS 2   29  ?   ?   ?   A . n 
A 1 3   LYS 3   30  ?   ?   ?   A . n 
A 1 4   GLY 4   31  ?   ?   ?   A . n 
A 1 5   HIS 5   32  ?   ?   ?   A . n 
A 1 6   HIS 6   33  ?   ?   ?   A . n 
A 1 7   HIS 7   34  ?   ?   ?   A . n 
A 1 8   HIS 8   35  35  HIS HIS A . n 
A 1 9   HIS 9   36  36  HIS HIS A . n 
A 1 10  HIS 10  37  37  HIS HIS A . n 
A 1 11  LEU 11  38  38  LEU LEU A . n 
A 1 12  VAL 12  39  39  VAL VAL A . n 
A 1 13  PRO 13  40  40  PRO PRO A . n 
A 1 14  ARG 14  41  41  ARG ARG A . n 
A 1 15  GLY 15  42  42  GLY GLY A . n 
A 1 16  SER 16  43  43  SER SER A . n 
A 1 17  ASN 17  44  44  ASN ASN A . n 
A 1 18  PRO 18  45  45  PRO PRO A . n 
A 1 19  PRO 19  46  46  PRO PRO A . n 
A 1 20  PRO 20  47  47  PRO PRO A . n 
A 1 21  PRO 21  48  48  PRO PRO A . n 
A 1 22  GLU 22  49  49  GLU GLU A . n 
A 1 23  THR 23  50  50  THR THR A . n 
A 1 24  SER 24  51  51  SER SER A . n 
A 1 25  ASN 25  52  52  ASN ASN A . n 
A 1 26  PRO 26  53  53  PRO PRO A . n 
A 1 27  ASN 27  54  54  ASN ASN A . n 
A 1 28  LYS 28  55  55  LYS LYS A . n 
A 1 29  PRO 29  56  56  PRO PRO A . n 
A 1 30  LYS 30  57  57  LYS LYS A . n 
A 1 31  ARG 31  58  58  ARG ARG A . n 
A 1 32  GLN 32  59  59  GLN GLN A . n 
A 1 33  THR 33  60  60  THR THR A . n 
A 1 34  ASN 34  61  61  ASN ASN A . n 
A 1 35  GLN 35  62  62  GLN GLN A . n 
A 1 36  LEU 36  63  63  LEU LEU A . n 
A 1 37  GLN 37  64  64  GLN GLN A . n 
A 1 38  TYR 38  65  65  TYR TYR A . n 
A 1 39  LEU 39  66  66  LEU LEU A . n 
A 1 40  LEU 40  67  67  LEU LEU A . n 
A 1 41  ARG 41  68  68  ARG ARG A . n 
A 1 42  VAL 42  69  69  VAL VAL A . n 
A 1 43  VAL 43  70  70  VAL VAL A . n 
A 1 44  LEU 44  71  71  LEU LEU A . n 
A 1 45  LYS 45  72  72  LYS LYS A . n 
A 1 46  THR 46  73  73  THR THR A . n 
A 1 47  LEU 47  74  74  LEU LEU A . n 
A 1 48  TRP 48  75  75  TRP TRP A . n 
A 1 49  LYS 49  76  76  LYS LYS A . n 
A 1 50  HIS 50  77  77  HIS HIS A . n 
A 1 51  GLN 51  78  78  GLN GLN A . n 
A 1 52  PHE 52  79  79  PHE PHE A . n 
A 1 53  ALA 53  80  80  ALA ALA A . n 
A 1 54  TRP 54  81  81  TRP TRP A . n 
A 1 55  PRO 55  82  82  PRO PRO A . n 
A 1 56  PHE 56  83  83  PHE PHE A . n 
A 1 57  GLN 57  84  84  GLN GLN A . n 
A 1 58  GLN 58  85  85  GLN GLN A . n 
A 1 59  PRO 59  86  86  PRO PRO A . n 
A 1 60  VAL 60  87  87  VAL VAL A . n 
A 1 61  ASP 61  88  88  ASP ASP A . n 
A 1 62  ALA 62  89  89  ALA ALA A . n 
A 1 63  VAL 63  90  90  VAL VAL A . n 
A 1 64  LYS 64  91  91  LYS LYS A . n 
A 1 65  LEU 65  92  92  LEU LEU A . n 
A 1 66  ASN 66  93  93  ASN ASN A . n 
A 1 67  LEU 67  94  94  LEU LEU A . n 
A 1 68  PRO 68  95  95  PRO PRO A . n 
A 1 69  ASP 69  96  96  ASP ASP A . n 
A 1 70  TYR 70  97  97  TYR TYR A . n 
A 1 71  TYR 71  98  98  TYR TYR A . n 
A 1 72  LYS 72  99  99  LYS LYS A . n 
A 1 73  ILE 73  100 100 ILE ILE A . n 
A 1 74  ILE 74  101 101 ILE ILE A . n 
A 1 75  LYS 75  102 102 LYS LYS A . n 
A 1 76  THR 76  103 103 THR THR A . n 
A 1 77  PRO 77  104 104 PRO PRO A . n 
A 1 78  MET 78  105 105 MET MET A . n 
A 1 79  ASP 79  106 106 ASP ASP A . n 
A 1 80  MET 80  107 107 MET MET A . n 
A 1 81  GLY 81  108 108 GLY GLY A . n 
A 1 82  THR 82  109 109 THR THR A . n 
A 1 83  ILE 83  110 110 ILE ILE A . n 
A 1 84  LYS 84  111 111 LYS LYS A . n 
A 1 85  LYS 85  112 112 LYS LYS A . n 
A 1 86  ARG 86  113 113 ARG ARG A . n 
A 1 87  LEU 87  114 114 LEU LEU A . n 
A 1 88  GLU 88  115 115 GLU GLU A . n 
A 1 89  ASN 89  116 116 ASN ASN A . n 
A 1 90  ASN 90  117 117 ASN ASN A . n 
A 1 91  TYR 91  118 118 TYR TYR A . n 
A 1 92  TYR 92  119 119 TYR TYR A . n 
A 1 93  TRP 93  120 120 TRP TRP A . n 
A 1 94  ASN 94  121 121 ASN ASN A . n 
A 1 95  ALA 95  122 122 ALA ALA A . n 
A 1 96  GLN 96  123 123 GLN GLN A . n 
A 1 97  GLU 97  124 124 GLU GLU A . n 
A 1 98  CYS 98  125 125 CYS CYS A . n 
A 1 99  ILE 99  126 126 ILE ILE A . n 
A 1 100 GLN 100 127 127 GLN GLN A . n 
A 1 101 ASP 101 128 128 ASP ASP A . n 
A 1 102 PHE 102 129 129 PHE PHE A . n 
A 1 103 ASN 103 130 130 ASN ASN A . n 
A 1 104 THR 104 131 131 THR THR A . n 
A 1 105 MET 105 132 132 MET MET A . n 
A 1 106 PHE 106 133 133 PHE PHE A . n 
A 1 107 THR 107 134 134 THR THR A . n 
A 1 108 ASN 108 135 135 ASN ASN A . n 
A 1 109 CYS 109 136 136 CYS CYS A . n 
A 1 110 TYR 110 137 137 TYR TYR A . n 
A 1 111 ILE 111 138 138 ILE ILE A . n 
A 1 112 TYR 112 139 139 TYR TYR A . n 
A 1 113 ASN 113 140 140 ASN ASN A . n 
A 1 114 LYS 114 141 141 LYS LYS A . n 
A 1 115 PRO 115 142 142 PRO PRO A . n 
A 1 116 GLY 116 143 143 GLY GLY A . n 
A 1 117 ASP 117 144 144 ASP ASP A . n 
A 1 118 ASP 118 145 145 ASP ASP A . n 
A 1 119 ILE 119 146 146 ILE ILE A . n 
A 1 120 VAL 120 147 147 VAL VAL A . n 
A 1 121 LEU 121 148 148 LEU LEU A . n 
A 1 122 MET 122 149 149 MET MET A . n 
A 1 123 ALA 123 150 150 ALA ALA A . n 
A 1 124 GLU 124 151 151 GLU GLU A . n 
A 1 125 ALA 125 152 152 ALA ALA A . n 
A 1 126 LEU 126 153 153 LEU LEU A . n 
A 1 127 GLU 127 154 154 GLU GLU A . n 
A 1 128 LYS 128 155 155 LYS LYS A . n 
A 1 129 LEU 129 156 156 LEU LEU A . n 
A 1 130 PHE 130 157 157 PHE PHE A . n 
A 1 131 LEU 131 158 158 LEU LEU A . n 
A 1 132 GLN 132 159 159 GLN GLN A . n 
A 1 133 LYS 133 160 160 LYS LYS A . n 
A 1 134 ILE 134 161 161 ILE ILE A . n 
A 1 135 ASN 135 162 162 ASN ASN A . n 
A 1 136 GLU 136 163 163 GLU GLU A . n 
A 1 137 LEU 137 164 164 LEU LEU A . n 
A 1 138 PRO 138 165 165 PRO PRO A . n 
A 1 139 THR 139 166 ?   ?   ?   A . n 
A 1 140 GLU 140 167 ?   ?   ?   A . n 
A 1 141 GLU 141 168 ?   ?   ?   A . n 
# 
loop_
_pdbx_nonpoly_scheme.asym_id 
_pdbx_nonpoly_scheme.entity_id 
_pdbx_nonpoly_scheme.mon_id 
_pdbx_nonpoly_scheme.ndb_seq_num 
_pdbx_nonpoly_scheme.pdb_seq_num 
_pdbx_nonpoly_scheme.auth_seq_num 
_pdbx_nonpoly_scheme.pdb_mon_id 
_pdbx_nonpoly_scheme.auth_mon_id 
_pdbx_nonpoly_scheme.pdb_strand_id 
_pdbx_nonpoly_scheme.pdb_ins_code 
B 2 5FZ 1  201 1  5FZ 5FZ A . 
C 3 HOH 1  301 3  HOH HOH A . 
C 3 HOH 2  302 17 HOH HOH A . 
C 3 HOH 3  303 28 HOH HOH A . 
C 3 HOH 4  304 14 HOH HOH A . 
C 3 HOH 5  305 16 HOH HOH A . 
C 3 HOH 6  306 15 HOH HOH A . 
C 3 HOH 7  307 7  HOH HOH A . 
C 3 HOH 8  308 19 HOH HOH A . 
C 3 HOH 9  309 2  HOH HOH A . 
C 3 HOH 10 310 1  HOH HOH A . 
C 3 HOH 11 311 23 HOH HOH A . 
C 3 HOH 12 312 25 HOH HOH A . 
C 3 HOH 13 313 18 HOH HOH A . 
C 3 HOH 14 314 22 HOH HOH A . 
C 3 HOH 15 315 24 HOH HOH A . 
C 3 HOH 16 316 11 HOH HOH A . 
C 3 HOH 17 317 30 HOH HOH A . 
C 3 HOH 18 318 21 HOH HOH A . 
C 3 HOH 19 319 13 HOH HOH A . 
C 3 HOH 20 320 10 HOH HOH A . 
C 3 HOH 21 321 8  HOH HOH A . 
C 3 HOH 22 322 29 HOH HOH A . 
C 3 HOH 23 323 12 HOH HOH A . 
C 3 HOH 24 324 6  HOH HOH A . 
C 3 HOH 25 325 5  HOH HOH A . 
C 3 HOH 26 326 26 HOH HOH A . 
C 3 HOH 27 327 9  HOH HOH A . 
C 3 HOH 28 328 4  HOH HOH A . 
C 3 HOH 29 329 31 HOH HOH A . 
C 3 HOH 30 330 27 HOH HOH A . 
C 3 HOH 31 331 20 HOH HOH A . 
# 
_pdbx_struct_assembly.id                   1 
_pdbx_struct_assembly.details              author_defined_assembly 
_pdbx_struct_assembly.method_details       ? 
_pdbx_struct_assembly.oligomeric_details   monomeric 
_pdbx_struct_assembly.oligomeric_count     1 
# 
_pdbx_struct_assembly_gen.assembly_id       1 
_pdbx_struct_assembly_gen.oper_expression   1 
_pdbx_struct_assembly_gen.asym_id_list      A,B,C 
# 
_pdbx_struct_oper_list.id                   1 
_pdbx_struct_oper_list.type                 'identity operation' 
_pdbx_struct_oper_list.name                 1_555 
_pdbx_struct_oper_list.symmetry_operation   x,y,z 
_pdbx_struct_oper_list.matrix[1][1]         1.0000000000 
_pdbx_struct_oper_list.matrix[1][2]         0.0000000000 
_pdbx_struct_oper_list.matrix[1][3]         0.0000000000 
_pdbx_struct_oper_list.vector[1]            0.0000000000 
_pdbx_struct_oper_list.matrix[2][1]         0.0000000000 
_pdbx_struct_oper_list.matrix[2][2]         1.0000000000 
_pdbx_struct_oper_list.matrix[2][3]         0.0000000000 
_pdbx_struct_oper_list.vector[2]            0.0000000000 
_pdbx_struct_oper_list.matrix[3][1]         0.0000000000 
_pdbx_struct_oper_list.matrix[3][2]         0.0000000000 
_pdbx_struct_oper_list.matrix[3][3]         1.0000000000 
_pdbx_struct_oper_list.vector[3]            0.0000000000 
# 
loop_
_pdbx_audit_revision_history.ordinal 
_pdbx_audit_revision_history.data_content_type 
_pdbx_audit_revision_history.major_revision 
_pdbx_audit_revision_history.minor_revision 
_pdbx_audit_revision_history.revision_date 
1 'Structure model' 1 0 2022-08-17 
2 'Structure model' 1 1 2023-03-01 
3 'Structure model' 1 2 2023-11-29 
# 
_pdbx_audit_revision_details.ordinal             1 
_pdbx_audit_revision_details.revision_ordinal    1 
_pdbx_audit_revision_details.data_content_type   'Structure model' 
_pdbx_audit_revision_details.provider            repository 
_pdbx_audit_revision_details.type                'Initial release' 
_pdbx_audit_revision_details.description         ? 
_pdbx_audit_revision_details.details             ? 
# 
loop_
_pdbx_audit_revision_group.ordinal 
_pdbx_audit_revision_group.revision_ordinal 
_pdbx_audit_revision_group.data_content_type 
_pdbx_audit_revision_group.group 
1 2 'Structure model' 'Database references'    
2 3 'Structure model' 'Data collection'        
3 3 'Structure model' 'Refinement description' 
# 
loop_
_pdbx_audit_revision_category.ordinal 
_pdbx_audit_revision_category.revision_ordinal 
_pdbx_audit_revision_category.data_content_type 
_pdbx_audit_revision_category.category 
1 2 'Structure model' citation                      
2 2 'Structure model' citation_author               
3 3 'Structure model' chem_comp_atom                
4 3 'Structure model' chem_comp_bond                
5 3 'Structure model' pdbx_initial_refinement_model 
# 
loop_
_pdbx_audit_revision_item.ordinal 
_pdbx_audit_revision_item.revision_ordinal 
_pdbx_audit_revision_item.data_content_type 
_pdbx_audit_revision_item.item 
1  2 'Structure model' '_citation.country'                 
2  2 'Structure model' '_citation.journal_abbrev'          
3  2 'Structure model' '_citation.journal_id_CSD'          
4  2 'Structure model' '_citation.journal_id_ISSN'         
5  2 'Structure model' '_citation.journal_volume'          
6  2 'Structure model' '_citation.page_first'              
7  2 'Structure model' '_citation.page_last'               
8  2 'Structure model' '_citation.pdbx_database_id_DOI'    
9  2 'Structure model' '_citation.pdbx_database_id_PubMed' 
10 2 'Structure model' '_citation.title'                   
11 2 'Structure model' '_citation.year'                    
# 
loop_
_software.citation_id 
_software.classification 
_software.compiler_name 
_software.compiler_version 
_software.contact_author 
_software.contact_author_email 
_software.date 
_software.description 
_software.dependencies 
_software.hardware 
_software.language 
_software.location 
_software.mods 
_software.name 
_software.os 
_software.os_version 
_software.type 
_software.version 
_software.pdbx_ordinal 
? refinement        ? ? ? ? ? ? ? ? ? ? ? REFMAC      ? ? ? 5.8.0189 1 
? 'data scaling'    ? ? ? ? ? ? ? ? ? ? ? Aimless     ? ? ? 0.5.32   2 
? 'data extraction' ? ? ? ? ? ? ? ? ? ? ? PDB_EXTRACT ? ? ? 3.27     3 
? 'data reduction'  ? ? ? ? ? ? ? ? ? ? ? DIALS       ? ? ? .        4 
? phasing           ? ? ? ? ? ? ? ? ? ? ? MOLREP      ? ? ? .        5 
# 
_pdbx_entry_details.entry_id                 7V2J 
_pdbx_entry_details.nonpolymer_details       ? 
_pdbx_entry_details.sequence_details         ? 
_pdbx_entry_details.compound_details         ? 
_pdbx_entry_details.source_details           ? 
_pdbx_entry_details.has_ligand_of_interest   Y 
# 
loop_
_pdbx_unobs_or_zero_occ_residues.id 
_pdbx_unobs_or_zero_occ_residues.PDB_model_num 
_pdbx_unobs_or_zero_occ_residues.polymer_flag 
_pdbx_unobs_or_zero_occ_residues.occupancy_flag 
_pdbx_unobs_or_zero_occ_residues.auth_asym_id 
_pdbx_unobs_or_zero_occ_residues.auth_comp_id 
_pdbx_unobs_or_zero_occ_residues.auth_seq_id 
_pdbx_unobs_or_zero_occ_residues.PDB_ins_code 
_pdbx_unobs_or_zero_occ_residues.label_asym_id 
_pdbx_unobs_or_zero_occ_residues.label_comp_id 
_pdbx_unobs_or_zero_occ_residues.label_seq_id 
1  1 Y 1 A MET 28  ? A MET 1   
2  1 Y 1 A LYS 29  ? A LYS 2   
3  1 Y 1 A LYS 30  ? A LYS 3   
4  1 Y 1 A GLY 31  ? A GLY 4   
5  1 Y 1 A HIS 32  ? A HIS 5   
6  1 Y 1 A HIS 33  ? A HIS 6   
7  1 Y 1 A HIS 34  ? A HIS 7   
8  1 Y 1 A THR 166 ? A THR 139 
9  1 Y 1 A GLU 167 ? A GLU 140 
10 1 Y 1 A GLU 168 ? A GLU 141 
# 
loop_
_chem_comp_atom.comp_id 
_chem_comp_atom.atom_id 
_chem_comp_atom.type_symbol 
_chem_comp_atom.pdbx_aromatic_flag 
_chem_comp_atom.pdbx_stereo_config 
_chem_comp_atom.pdbx_ordinal 
5FZ CAW  C N N 1   
5FZ OAJ  O N N 2   
5FZ CAH  C Y N 3   
5FZ CAI  C Y N 4   
5FZ CAA  C Y N 5   
5FZ OAB  O Y N 6   
5FZ NAC  N Y N 7   
5FZ CAD  C Y N 8   
5FZ CAX  C N N 9   
5FZ CAY  C N N 10  
5FZ CAE  C Y N 11  
5FZ CAF  C Y N 12  
5FZ CAG  C Y N 13  
5FZ NAK  N N N 14  
5FZ SAL  S N N 15  
5FZ OAM  O N N 16  
5FZ OAN  O N N 17  
5FZ CAO  C Y N 18  
5FZ CAP  C Y N 19  
5FZ CAQ  C Y N 20  
5FZ CAR  C Y N 21  
5FZ OAU  O N N 22  
5FZ CAV  C N N 23  
5FZ CAS  C Y N 24  
5FZ CAT  C Y N 25  
5FZ H1   H N N 26  
5FZ H2   H N N 27  
5FZ H3   H N N 28  
5FZ H4   H N N 29  
5FZ H5   H N N 30  
5FZ H6   H N N 31  
5FZ H7   H N N 32  
5FZ H8   H N N 33  
5FZ H9   H N N 34  
5FZ H10  H N N 35  
5FZ H11  H N N 36  
5FZ H12  H N N 37  
5FZ H13  H N N 38  
5FZ H14  H N N 39  
5FZ H15  H N N 40  
5FZ H16  H N N 41  
5FZ H17  H N N 42  
5FZ H18  H N N 43  
ALA N    N N N 44  
ALA CA   C N S 45  
ALA C    C N N 46  
ALA O    O N N 47  
ALA CB   C N N 48  
ALA OXT  O N N 49  
ALA H    H N N 50  
ALA H2   H N N 51  
ALA HA   H N N 52  
ALA HB1  H N N 53  
ALA HB2  H N N 54  
ALA HB3  H N N 55  
ALA HXT  H N N 56  
ARG N    N N N 57  
ARG CA   C N S 58  
ARG C    C N N 59  
ARG O    O N N 60  
ARG CB   C N N 61  
ARG CG   C N N 62  
ARG CD   C N N 63  
ARG NE   N N N 64  
ARG CZ   C N N 65  
ARG NH1  N N N 66  
ARG NH2  N N N 67  
ARG OXT  O N N 68  
ARG H    H N N 69  
ARG H2   H N N 70  
ARG HA   H N N 71  
ARG HB2  H N N 72  
ARG HB3  H N N 73  
ARG HG2  H N N 74  
ARG HG3  H N N 75  
ARG HD2  H N N 76  
ARG HD3  H N N 77  
ARG HE   H N N 78  
ARG HH11 H N N 79  
ARG HH12 H N N 80  
ARG HH21 H N N 81  
ARG HH22 H N N 82  
ARG HXT  H N N 83  
ASN N    N N N 84  
ASN CA   C N S 85  
ASN C    C N N 86  
ASN O    O N N 87  
ASN CB   C N N 88  
ASN CG   C N N 89  
ASN OD1  O N N 90  
ASN ND2  N N N 91  
ASN OXT  O N N 92  
ASN H    H N N 93  
ASN H2   H N N 94  
ASN HA   H N N 95  
ASN HB2  H N N 96  
ASN HB3  H N N 97  
ASN HD21 H N N 98  
ASN HD22 H N N 99  
ASN HXT  H N N 100 
ASP N    N N N 101 
ASP CA   C N S 102 
ASP C    C N N 103 
ASP O    O N N 104 
ASP CB   C N N 105 
ASP CG   C N N 106 
ASP OD1  O N N 107 
ASP OD2  O N N 108 
ASP OXT  O N N 109 
ASP H    H N N 110 
ASP H2   H N N 111 
ASP HA   H N N 112 
ASP HB2  H N N 113 
ASP HB3  H N N 114 
ASP HD2  H N N 115 
ASP HXT  H N N 116 
CYS N    N N N 117 
CYS CA   C N R 118 
CYS C    C N N 119 
CYS O    O N N 120 
CYS CB   C N N 121 
CYS SG   S N N 122 
CYS OXT  O N N 123 
CYS H    H N N 124 
CYS H2   H N N 125 
CYS HA   H N N 126 
CYS HB2  H N N 127 
CYS HB3  H N N 128 
CYS HG   H N N 129 
CYS HXT  H N N 130 
GLN N    N N N 131 
GLN CA   C N S 132 
GLN C    C N N 133 
GLN O    O N N 134 
GLN CB   C N N 135 
GLN CG   C N N 136 
GLN CD   C N N 137 
GLN OE1  O N N 138 
GLN NE2  N N N 139 
GLN OXT  O N N 140 
GLN H    H N N 141 
GLN H2   H N N 142 
GLN HA   H N N 143 
GLN HB2  H N N 144 
GLN HB3  H N N 145 
GLN HG2  H N N 146 
GLN HG3  H N N 147 
GLN HE21 H N N 148 
GLN HE22 H N N 149 
GLN HXT  H N N 150 
GLU N    N N N 151 
GLU CA   C N S 152 
GLU C    C N N 153 
GLU O    O N N 154 
GLU CB   C N N 155 
GLU CG   C N N 156 
GLU CD   C N N 157 
GLU OE1  O N N 158 
GLU OE2  O N N 159 
GLU OXT  O N N 160 
GLU H    H N N 161 
GLU H2   H N N 162 
GLU HA   H N N 163 
GLU HB2  H N N 164 
GLU HB3  H N N 165 
GLU HG2  H N N 166 
GLU HG3  H N N 167 
GLU HE2  H N N 168 
GLU HXT  H N N 169 
GLY N    N N N 170 
GLY CA   C N N 171 
GLY C    C N N 172 
GLY O    O N N 173 
GLY OXT  O N N 174 
GLY H    H N N 175 
GLY H2   H N N 176 
GLY HA2  H N N 177 
GLY HA3  H N N 178 
GLY HXT  H N N 179 
HIS N    N N N 180 
HIS CA   C N S 181 
HIS C    C N N 182 
HIS O    O N N 183 
HIS CB   C N N 184 
HIS CG   C Y N 185 
HIS ND1  N Y N 186 
HIS CD2  C Y N 187 
HIS CE1  C Y N 188 
HIS NE2  N Y N 189 
HIS OXT  O N N 190 
HIS H    H N N 191 
HIS H2   H N N 192 
HIS HA   H N N 193 
HIS HB2  H N N 194 
HIS HB3  H N N 195 
HIS HD1  H N N 196 
HIS HD2  H N N 197 
HIS HE1  H N N 198 
HIS HE2  H N N 199 
HIS HXT  H N N 200 
HOH O    O N N 201 
HOH H1   H N N 202 
HOH H2   H N N 203 
ILE N    N N N 204 
ILE CA   C N S 205 
ILE C    C N N 206 
ILE O    O N N 207 
ILE CB   C N S 208 
ILE CG1  C N N 209 
ILE CG2  C N N 210 
ILE CD1  C N N 211 
ILE OXT  O N N 212 
ILE H    H N N 213 
ILE H2   H N N 214 
ILE HA   H N N 215 
ILE HB   H N N 216 
ILE HG12 H N N 217 
ILE HG13 H N N 218 
ILE HG21 H N N 219 
ILE HG22 H N N 220 
ILE HG23 H N N 221 
ILE HD11 H N N 222 
ILE HD12 H N N 223 
ILE HD13 H N N 224 
ILE HXT  H N N 225 
LEU N    N N N 226 
LEU CA   C N S 227 
LEU C    C N N 228 
LEU O    O N N 229 
LEU CB   C N N 230 
LEU CG   C N N 231 
LEU CD1  C N N 232 
LEU CD2  C N N 233 
LEU OXT  O N N 234 
LEU H    H N N 235 
LEU H2   H N N 236 
LEU HA   H N N 237 
LEU HB2  H N N 238 
LEU HB3  H N N 239 
LEU HG   H N N 240 
LEU HD11 H N N 241 
LEU HD12 H N N 242 
LEU HD13 H N N 243 
LEU HD21 H N N 244 
LEU HD22 H N N 245 
LEU HD23 H N N 246 
LEU HXT  H N N 247 
LYS N    N N N 248 
LYS CA   C N S 249 
LYS C    C N N 250 
LYS O    O N N 251 
LYS CB   C N N 252 
LYS CG   C N N 253 
LYS CD   C N N 254 
LYS CE   C N N 255 
LYS NZ   N N N 256 
LYS OXT  O N N 257 
LYS H    H N N 258 
LYS H2   H N N 259 
LYS HA   H N N 260 
LYS HB2  H N N 261 
LYS HB3  H N N 262 
LYS HG2  H N N 263 
LYS HG3  H N N 264 
LYS HD2  H N N 265 
LYS HD3  H N N 266 
LYS HE2  H N N 267 
LYS HE3  H N N 268 
LYS HZ1  H N N 269 
LYS HZ2  H N N 270 
LYS HZ3  H N N 271 
LYS HXT  H N N 272 
MET N    N N N 273 
MET CA   C N S 274 
MET C    C N N 275 
MET O    O N N 276 
MET CB   C N N 277 
MET CG   C N N 278 
MET SD   S N N 279 
MET CE   C N N 280 
MET OXT  O N N 281 
MET H    H N N 282 
MET H2   H N N 283 
MET HA   H N N 284 
MET HB2  H N N 285 
MET HB3  H N N 286 
MET HG2  H N N 287 
MET HG3  H N N 288 
MET HE1  H N N 289 
MET HE2  H N N 290 
MET HE3  H N N 291 
MET HXT  H N N 292 
PHE N    N N N 293 
PHE CA   C N S 294 
PHE C    C N N 295 
PHE O    O N N 296 
PHE CB   C N N 297 
PHE CG   C Y N 298 
PHE CD1  C Y N 299 
PHE CD2  C Y N 300 
PHE CE1  C Y N 301 
PHE CE2  C Y N 302 
PHE CZ   C Y N 303 
PHE OXT  O N N 304 
PHE H    H N N 305 
PHE H2   H N N 306 
PHE HA   H N N 307 
PHE HB2  H N N 308 
PHE HB3  H N N 309 
PHE HD1  H N N 310 
PHE HD2  H N N 311 
PHE HE1  H N N 312 
PHE HE2  H N N 313 
PHE HZ   H N N 314 
PHE HXT  H N N 315 
PRO N    N N N 316 
PRO CA   C N S 317 
PRO C    C N N 318 
PRO O    O N N 319 
PRO CB   C N N 320 
PRO CG   C N N 321 
PRO CD   C N N 322 
PRO OXT  O N N 323 
PRO H    H N N 324 
PRO HA   H N N 325 
PRO HB2  H N N 326 
PRO HB3  H N N 327 
PRO HG2  H N N 328 
PRO HG3  H N N 329 
PRO HD2  H N N 330 
PRO HD3  H N N 331 
PRO HXT  H N N 332 
SER N    N N N 333 
SER CA   C N S 334 
SER C    C N N 335 
SER O    O N N 336 
SER CB   C N N 337 
SER OG   O N N 338 
SER OXT  O N N 339 
SER H    H N N 340 
SER H2   H N N 341 
SER HA   H N N 342 
SER HB2  H N N 343 
SER HB3  H N N 344 
SER HG   H N N 345 
SER HXT  H N N 346 
THR N    N N N 347 
THR CA   C N S 348 
THR C    C N N 349 
THR O    O N N 350 
THR CB   C N R 351 
THR OG1  O N N 352 
THR CG2  C N N 353 
THR OXT  O N N 354 
THR H    H N N 355 
THR H2   H N N 356 
THR HA   H N N 357 
THR HB   H N N 358 
THR HG1  H N N 359 
THR HG21 H N N 360 
THR HG22 H N N 361 
THR HG23 H N N 362 
THR HXT  H N N 363 
TRP N    N N N 364 
TRP CA   C N S 365 
TRP C    C N N 366 
TRP O    O N N 367 
TRP CB   C N N 368 
TRP CG   C Y N 369 
TRP CD1  C Y N 370 
TRP CD2  C Y N 371 
TRP NE1  N Y N 372 
TRP CE2  C Y N 373 
TRP CE3  C Y N 374 
TRP CZ2  C Y N 375 
TRP CZ3  C Y N 376 
TRP CH2  C Y N 377 
TRP OXT  O N N 378 
TRP H    H N N 379 
TRP H2   H N N 380 
TRP HA   H N N 381 
TRP HB2  H N N 382 
TRP HB3  H N N 383 
TRP HD1  H N N 384 
TRP HE1  H N N 385 
TRP HE3  H N N 386 
TRP HZ2  H N N 387 
TRP HZ3  H N N 388 
TRP HH2  H N N 389 
TRP HXT  H N N 390 
TYR N    N N N 391 
TYR CA   C N S 392 
TYR C    C N N 393 
TYR O    O N N 394 
TYR CB   C N N 395 
TYR CG   C Y N 396 
TYR CD1  C Y N 397 
TYR CD2  C Y N 398 
TYR CE1  C Y N 399 
TYR CE2  C Y N 400 
TYR CZ   C Y N 401 
TYR OH   O N N 402 
TYR OXT  O N N 403 
TYR H    H N N 404 
TYR H2   H N N 405 
TYR HA   H N N 406 
TYR HB2  H N N 407 
TYR HB3  H N N 408 
TYR HD1  H N N 409 
TYR HD2  H N N 410 
TYR HE1  H N N 411 
TYR HE2  H N N 412 
TYR HH   H N N 413 
TYR HXT  H N N 414 
VAL N    N N N 415 
VAL CA   C N S 416 
VAL C    C N N 417 
VAL O    O N N 418 
VAL CB   C N N 419 
VAL CG1  C N N 420 
VAL CG2  C N N 421 
VAL OXT  O N N 422 
VAL H    H N N 423 
VAL H2   H N N 424 
VAL HA   H N N 425 
VAL HB   H N N 426 
VAL HG11 H N N 427 
VAL HG12 H N N 428 
VAL HG13 H N N 429 
VAL HG21 H N N 430 
VAL HG22 H N N 431 
VAL HG23 H N N 432 
VAL HXT  H N N 433 
# 
loop_
_chem_comp_bond.comp_id 
_chem_comp_bond.atom_id_1 
_chem_comp_bond.atom_id_2 
_chem_comp_bond.value_order 
_chem_comp_bond.pdbx_aromatic_flag 
_chem_comp_bond.pdbx_stereo_config 
_chem_comp_bond.pdbx_ordinal 
5FZ CAY CAX  sing N N 1   
5FZ CAX CAD  sing N N 2   
5FZ CAD NAC  doub Y N 3   
5FZ CAD CAE  sing Y N 4   
5FZ NAC OAB  sing Y N 5   
5FZ CAE CAF  doub Y N 6   
5FZ CAE CAA  sing Y N 7   
5FZ CAF CAG  sing Y N 8   
5FZ OAB CAA  sing Y N 9   
5FZ CAA CAI  doub Y N 10  
5FZ OAM SAL  doub N N 11  
5FZ CAG NAK  sing N N 12  
5FZ CAG CAH  doub Y N 13  
5FZ NAK SAL  sing N N 14  
5FZ CAI CAH  sing Y N 15  
5FZ SAL OAN  doub N N 16  
5FZ SAL CAO  sing N N 17  
5FZ CAH OAJ  sing N N 18  
5FZ OAJ CAW  sing N N 19  
5FZ CAO CAT  doub Y N 20  
5FZ CAO CAP  sing Y N 21  
5FZ CAT CAS  sing Y N 22  
5FZ CAP CAQ  doub Y N 23  
5FZ CAS CAR  doub Y N 24  
5FZ CAQ CAR  sing Y N 25  
5FZ CAR OAU  sing N N 26  
5FZ OAU CAV  sing N N 27  
5FZ CAW H1   sing N N 28  
5FZ CAW H2   sing N N 29  
5FZ CAW H3   sing N N 30  
5FZ CAI H4   sing N N 31  
5FZ CAX H5   sing N N 32  
5FZ CAX H6   sing N N 33  
5FZ CAY H7   sing N N 34  
5FZ CAY H8   sing N N 35  
5FZ CAY H9   sing N N 36  
5FZ CAF H10  sing N N 37  
5FZ NAK H11  sing N N 38  
5FZ CAP H12  sing N N 39  
5FZ CAQ H13  sing N N 40  
5FZ CAV H14  sing N N 41  
5FZ CAV H15  sing N N 42  
5FZ CAV H16  sing N N 43  
5FZ CAS H17  sing N N 44  
5FZ CAT H18  sing N N 45  
ALA N   CA   sing N N 46  
ALA N   H    sing N N 47  
ALA N   H2   sing N N 48  
ALA CA  C    sing N N 49  
ALA CA  CB   sing N N 50  
ALA CA  HA   sing N N 51  
ALA C   O    doub N N 52  
ALA C   OXT  sing N N 53  
ALA CB  HB1  sing N N 54  
ALA CB  HB2  sing N N 55  
ALA CB  HB3  sing N N 56  
ALA OXT HXT  sing N N 57  
ARG N   CA   sing N N 58  
ARG N   H    sing N N 59  
ARG N   H2   sing N N 60  
ARG CA  C    sing N N 61  
ARG CA  CB   sing N N 62  
ARG CA  HA   sing N N 63  
ARG C   O    doub N N 64  
ARG C   OXT  sing N N 65  
ARG CB  CG   sing N N 66  
ARG CB  HB2  sing N N 67  
ARG CB  HB3  sing N N 68  
ARG CG  CD   sing N N 69  
ARG CG  HG2  sing N N 70  
ARG CG  HG3  sing N N 71  
ARG CD  NE   sing N N 72  
ARG CD  HD2  sing N N 73  
ARG CD  HD3  sing N N 74  
ARG NE  CZ   sing N N 75  
ARG NE  HE   sing N N 76  
ARG CZ  NH1  sing N N 77  
ARG CZ  NH2  doub N N 78  
ARG NH1 HH11 sing N N 79  
ARG NH1 HH12 sing N N 80  
ARG NH2 HH21 sing N N 81  
ARG NH2 HH22 sing N N 82  
ARG OXT HXT  sing N N 83  
ASN N   CA   sing N N 84  
ASN N   H    sing N N 85  
ASN N   H2   sing N N 86  
ASN CA  C    sing N N 87  
ASN CA  CB   sing N N 88  
ASN CA  HA   sing N N 89  
ASN C   O    doub N N 90  
ASN C   OXT  sing N N 91  
ASN CB  CG   sing N N 92  
ASN CB  HB2  sing N N 93  
ASN CB  HB3  sing N N 94  
ASN CG  OD1  doub N N 95  
ASN CG  ND2  sing N N 96  
ASN ND2 HD21 sing N N 97  
ASN ND2 HD22 sing N N 98  
ASN OXT HXT  sing N N 99  
ASP N   CA   sing N N 100 
ASP N   H    sing N N 101 
ASP N   H2   sing N N 102 
ASP CA  C    sing N N 103 
ASP CA  CB   sing N N 104 
ASP CA  HA   sing N N 105 
ASP C   O    doub N N 106 
ASP C   OXT  sing N N 107 
ASP CB  CG   sing N N 108 
ASP CB  HB2  sing N N 109 
ASP CB  HB3  sing N N 110 
ASP CG  OD1  doub N N 111 
ASP CG  OD2  sing N N 112 
ASP OD2 HD2  sing N N 113 
ASP OXT HXT  sing N N 114 
CYS N   CA   sing N N 115 
CYS N   H    sing N N 116 
CYS N   H2   sing N N 117 
CYS CA  C    sing N N 118 
CYS CA  CB   sing N N 119 
CYS CA  HA   sing N N 120 
CYS C   O    doub N N 121 
CYS C   OXT  sing N N 122 
CYS CB  SG   sing N N 123 
CYS CB  HB2  sing N N 124 
CYS CB  HB3  sing N N 125 
CYS SG  HG   sing N N 126 
CYS OXT HXT  sing N N 127 
GLN N   CA   sing N N 128 
GLN N   H    sing N N 129 
GLN N   H2   sing N N 130 
GLN CA  C    sing N N 131 
GLN CA  CB   sing N N 132 
GLN CA  HA   sing N N 133 
GLN C   O    doub N N 134 
GLN C   OXT  sing N N 135 
GLN CB  CG   sing N N 136 
GLN CB  HB2  sing N N 137 
GLN CB  HB3  sing N N 138 
GLN CG  CD   sing N N 139 
GLN CG  HG2  sing N N 140 
GLN CG  HG3  sing N N 141 
GLN CD  OE1  doub N N 142 
GLN CD  NE2  sing N N 143 
GLN NE2 HE21 sing N N 144 
GLN NE2 HE22 sing N N 145 
GLN OXT HXT  sing N N 146 
GLU N   CA   sing N N 147 
GLU N   H    sing N N 148 
GLU N   H2   sing N N 149 
GLU CA  C    sing N N 150 
GLU CA  CB   sing N N 151 
GLU CA  HA   sing N N 152 
GLU C   O    doub N N 153 
GLU C   OXT  sing N N 154 
GLU CB  CG   sing N N 155 
GLU CB  HB2  sing N N 156 
GLU CB  HB3  sing N N 157 
GLU CG  CD   sing N N 158 
GLU CG  HG2  sing N N 159 
GLU CG  HG3  sing N N 160 
GLU CD  OE1  doub N N 161 
GLU CD  OE2  sing N N 162 
GLU OE2 HE2  sing N N 163 
GLU OXT HXT  sing N N 164 
GLY N   CA   sing N N 165 
GLY N   H    sing N N 166 
GLY N   H2   sing N N 167 
GLY CA  C    sing N N 168 
GLY CA  HA2  sing N N 169 
GLY CA  HA3  sing N N 170 
GLY C   O    doub N N 171 
GLY C   OXT  sing N N 172 
GLY OXT HXT  sing N N 173 
HIS N   CA   sing N N 174 
HIS N   H    sing N N 175 
HIS N   H2   sing N N 176 
HIS CA  C    sing N N 177 
HIS CA  CB   sing N N 178 
HIS CA  HA   sing N N 179 
HIS C   O    doub N N 180 
HIS C   OXT  sing N N 181 
HIS CB  CG   sing N N 182 
HIS CB  HB2  sing N N 183 
HIS CB  HB3  sing N N 184 
HIS CG  ND1  sing Y N 185 
HIS CG  CD2  doub Y N 186 
HIS ND1 CE1  doub Y N 187 
HIS ND1 HD1  sing N N 188 
HIS CD2 NE2  sing Y N 189 
HIS CD2 HD2  sing N N 190 
HIS CE1 NE2  sing Y N 191 
HIS CE1 HE1  sing N N 192 
HIS NE2 HE2  sing N N 193 
HIS OXT HXT  sing N N 194 
HOH O   H1   sing N N 195 
HOH O   H2   sing N N 196 
ILE N   CA   sing N N 197 
ILE N   H    sing N N 198 
ILE N   H2   sing N N 199 
ILE CA  C    sing N N 200 
ILE CA  CB   sing N N 201 
ILE CA  HA   sing N N 202 
ILE C   O    doub N N 203 
ILE C   OXT  sing N N 204 
ILE CB  CG1  sing N N 205 
ILE CB  CG2  sing N N 206 
ILE CB  HB   sing N N 207 
ILE CG1 CD1  sing N N 208 
ILE CG1 HG12 sing N N 209 
ILE CG1 HG13 sing N N 210 
ILE CG2 HG21 sing N N 211 
ILE CG2 HG22 sing N N 212 
ILE CG2 HG23 sing N N 213 
ILE CD1 HD11 sing N N 214 
ILE CD1 HD12 sing N N 215 
ILE CD1 HD13 sing N N 216 
ILE OXT HXT  sing N N 217 
LEU N   CA   sing N N 218 
LEU N   H    sing N N 219 
LEU N   H2   sing N N 220 
LEU CA  C    sing N N 221 
LEU CA  CB   sing N N 222 
LEU CA  HA   sing N N 223 
LEU C   O    doub N N 224 
LEU C   OXT  sing N N 225 
LEU CB  CG   sing N N 226 
LEU CB  HB2  sing N N 227 
LEU CB  HB3  sing N N 228 
LEU CG  CD1  sing N N 229 
LEU CG  CD2  sing N N 230 
LEU CG  HG   sing N N 231 
LEU CD1 HD11 sing N N 232 
LEU CD1 HD12 sing N N 233 
LEU CD1 HD13 sing N N 234 
LEU CD2 HD21 sing N N 235 
LEU CD2 HD22 sing N N 236 
LEU CD2 HD23 sing N N 237 
LEU OXT HXT  sing N N 238 
LYS N   CA   sing N N 239 
LYS N   H    sing N N 240 
LYS N   H2   sing N N 241 
LYS CA  C    sing N N 242 
LYS CA  CB   sing N N 243 
LYS CA  HA   sing N N 244 
LYS C   O    doub N N 245 
LYS C   OXT  sing N N 246 
LYS CB  CG   sing N N 247 
LYS CB  HB2  sing N N 248 
LYS CB  HB3  sing N N 249 
LYS CG  CD   sing N N 250 
LYS CG  HG2  sing N N 251 
LYS CG  HG3  sing N N 252 
LYS CD  CE   sing N N 253 
LYS CD  HD2  sing N N 254 
LYS CD  HD3  sing N N 255 
LYS CE  NZ   sing N N 256 
LYS CE  HE2  sing N N 257 
LYS CE  HE3  sing N N 258 
LYS NZ  HZ1  sing N N 259 
LYS NZ  HZ2  sing N N 260 
LYS NZ  HZ3  sing N N 261 
LYS OXT HXT  sing N N 262 
MET N   CA   sing N N 263 
MET N   H    sing N N 264 
MET N   H2   sing N N 265 
MET CA  C    sing N N 266 
MET CA  CB   sing N N 267 
MET CA  HA   sing N N 268 
MET C   O    doub N N 269 
MET C   OXT  sing N N 270 
MET CB  CG   sing N N 271 
MET CB  HB2  sing N N 272 
MET CB  HB3  sing N N 273 
MET CG  SD   sing N N 274 
MET CG  HG2  sing N N 275 
MET CG  HG3  sing N N 276 
MET SD  CE   sing N N 277 
MET CE  HE1  sing N N 278 
MET CE  HE2  sing N N 279 
MET CE  HE3  sing N N 280 
MET OXT HXT  sing N N 281 
PHE N   CA   sing N N 282 
PHE N   H    sing N N 283 
PHE N   H2   sing N N 284 
PHE CA  C    sing N N 285 
PHE CA  CB   sing N N 286 
PHE CA  HA   sing N N 287 
PHE C   O    doub N N 288 
PHE C   OXT  sing N N 289 
PHE CB  CG   sing N N 290 
PHE CB  HB2  sing N N 291 
PHE CB  HB3  sing N N 292 
PHE CG  CD1  doub Y N 293 
PHE CG  CD2  sing Y N 294 
PHE CD1 CE1  sing Y N 295 
PHE CD1 HD1  sing N N 296 
PHE CD2 CE2  doub Y N 297 
PHE CD2 HD2  sing N N 298 
PHE CE1 CZ   doub Y N 299 
PHE CE1 HE1  sing N N 300 
PHE CE2 CZ   sing Y N 301 
PHE CE2 HE2  sing N N 302 
PHE CZ  HZ   sing N N 303 
PHE OXT HXT  sing N N 304 
PRO N   CA   sing N N 305 
PRO N   CD   sing N N 306 
PRO N   H    sing N N 307 
PRO CA  C    sing N N 308 
PRO CA  CB   sing N N 309 
PRO CA  HA   sing N N 310 
PRO C   O    doub N N 311 
PRO C   OXT  sing N N 312 
PRO CB  CG   sing N N 313 
PRO CB  HB2  sing N N 314 
PRO CB  HB3  sing N N 315 
PRO CG  CD   sing N N 316 
PRO CG  HG2  sing N N 317 
PRO CG  HG3  sing N N 318 
PRO CD  HD2  sing N N 319 
PRO CD  HD3  sing N N 320 
PRO OXT HXT  sing N N 321 
SER N   CA   sing N N 322 
SER N   H    sing N N 323 
SER N   H2   sing N N 324 
SER CA  C    sing N N 325 
SER CA  CB   sing N N 326 
SER CA  HA   sing N N 327 
SER C   O    doub N N 328 
SER C   OXT  sing N N 329 
SER CB  OG   sing N N 330 
SER CB  HB2  sing N N 331 
SER CB  HB3  sing N N 332 
SER OG  HG   sing N N 333 
SER OXT HXT  sing N N 334 
THR N   CA   sing N N 335 
THR N   H    sing N N 336 
THR N   H2   sing N N 337 
THR CA  C    sing N N 338 
THR CA  CB   sing N N 339 
THR CA  HA   sing N N 340 
THR C   O    doub N N 341 
THR C   OXT  sing N N 342 
THR CB  OG1  sing N N 343 
THR CB  CG2  sing N N 344 
THR CB  HB   sing N N 345 
THR OG1 HG1  sing N N 346 
THR CG2 HG21 sing N N 347 
THR CG2 HG22 sing N N 348 
THR CG2 HG23 sing N N 349 
THR OXT HXT  sing N N 350 
TRP N   CA   sing N N 351 
TRP N   H    sing N N 352 
TRP N   H2   sing N N 353 
TRP CA  C    sing N N 354 
TRP CA  CB   sing N N 355 
TRP CA  HA   sing N N 356 
TRP C   O    doub N N 357 
TRP C   OXT  sing N N 358 
TRP CB  CG   sing N N 359 
TRP CB  HB2  sing N N 360 
TRP CB  HB3  sing N N 361 
TRP CG  CD1  doub Y N 362 
TRP CG  CD2  sing Y N 363 
TRP CD1 NE1  sing Y N 364 
TRP CD1 HD1  sing N N 365 
TRP CD2 CE2  doub Y N 366 
TRP CD2 CE3  sing Y N 367 
TRP NE1 CE2  sing Y N 368 
TRP NE1 HE1  sing N N 369 
TRP CE2 CZ2  sing Y N 370 
TRP CE3 CZ3  doub Y N 371 
TRP CE3 HE3  sing N N 372 
TRP CZ2 CH2  doub Y N 373 
TRP CZ2 HZ2  sing N N 374 
TRP CZ3 CH2  sing Y N 375 
TRP CZ3 HZ3  sing N N 376 
TRP CH2 HH2  sing N N 377 
TRP OXT HXT  sing N N 378 
TYR N   CA   sing N N 379 
TYR N   H    sing N N 380 
TYR N   H2   sing N N 381 
TYR CA  C    sing N N 382 
TYR CA  CB   sing N N 383 
TYR CA  HA   sing N N 384 
TYR C   O    doub N N 385 
TYR C   OXT  sing N N 386 
TYR CB  CG   sing N N 387 
TYR CB  HB2  sing N N 388 
TYR CB  HB3  sing N N 389 
TYR CG  CD1  doub Y N 390 
TYR CG  CD2  sing Y N 391 
TYR CD1 CE1  sing Y N 392 
TYR CD1 HD1  sing N N 393 
TYR CD2 CE2  doub Y N 394 
TYR CD2 HD2  sing N N 395 
TYR CE1 CZ   doub Y N 396 
TYR CE1 HE1  sing N N 397 
TYR CE2 CZ   sing Y N 398 
TYR CE2 HE2  sing N N 399 
TYR CZ  OH   sing N N 400 
TYR OH  HH   sing N N 401 
TYR OXT HXT  sing N N 402 
VAL N   CA   sing N N 403 
VAL N   H    sing N N 404 
VAL N   H2   sing N N 405 
VAL CA  C    sing N N 406 
VAL CA  CB   sing N N 407 
VAL CA  HA   sing N N 408 
VAL C   O    doub N N 409 
VAL C   OXT  sing N N 410 
VAL CB  CG1  sing N N 411 
VAL CB  CG2  sing N N 412 
VAL CB  HB   sing N N 413 
VAL CG1 HG11 sing N N 414 
VAL CG1 HG12 sing N N 415 
VAL CG1 HG13 sing N N 416 
VAL CG2 HG21 sing N N 417 
VAL CG2 HG22 sing N N 418 
VAL CG2 HG23 sing N N 419 
VAL OXT HXT  sing N N 420 
# 
_pdbx_audit_support.funding_organization   'National Natural Science Foundation of China (NSFC)' 
_pdbx_audit_support.country                China 
_pdbx_audit_support.grant_number           81673357 
_pdbx_audit_support.ordinal                1 
# 
_pdbx_entity_instance_feature.ordinal        1 
_pdbx_entity_instance_feature.comp_id        5FZ 
_pdbx_entity_instance_feature.asym_id        ? 
_pdbx_entity_instance_feature.seq_num        ? 
_pdbx_entity_instance_feature.auth_comp_id   5FZ 
_pdbx_entity_instance_feature.auth_asym_id   ? 
_pdbx_entity_instance_feature.auth_seq_num   ? 
_pdbx_entity_instance_feature.feature_type   'SUBJECT OF INVESTIGATION' 
_pdbx_entity_instance_feature.details        ? 
# 
loop_
_pdbx_entity_nonpoly.entity_id 
_pdbx_entity_nonpoly.name 
_pdbx_entity_nonpoly.comp_id 
2 '~{N}-(3-ethyl-6-methoxy-1,2-benzoxazol-5-yl)-4-methoxy-benzenesulfonamide' 5FZ 
3 water                                                                       HOH 
# 
_pdbx_initial_refinement_model.id               1 
_pdbx_initial_refinement_model.entity_id_list   ? 
_pdbx_initial_refinement_model.type             'experimental model' 
_pdbx_initial_refinement_model.source_name      PDB 
_pdbx_initial_refinement_model.accession_code   5Z1S 
_pdbx_initial_refinement_model.details          ? 
# 
_pdbx_struct_assembly_auth_evidence.id                     1 
_pdbx_struct_assembly_auth_evidence.assembly_id            1 
_pdbx_struct_assembly_auth_evidence.experimental_support   none 
_pdbx_struct_assembly_auth_evidence.details                ? 
# 
